data_7BYF
#
_entry.id   7BYF
#
_cell.length_a   135.397
_cell.length_b   150.630
_cell.length_c   101.618
_cell.angle_alpha   90.000
_cell.angle_beta   111.030
_cell.angle_gamma   90.000
#
_symmetry.space_group_name_H-M   'C 1 2 1'
#
loop_
_entity.id
_entity.type
_entity.pdbx_description
1 polymer 'mRNA export factor'
2 polymer 'Peptidase S59 domain-containing protein'
3 polymer '10 protein'
4 non-polymer 'MERCURY (II) ION'
5 non-polymer 'SODIUM ION'
6 water water
#
loop_
_entity_poly.entity_id
_entity_poly.type
_entity_poly.pdbx_seq_one_letter_code
_entity_poly.pdbx_strand_id
1 'polypeptide(L)'
;LEDNHNPMKDIEVTSSPDDSIGCLSFSPPTLPGNFLIAGSWANDVRCWEVQDSGQTIPKAQQMHTGPVLDVCWSDDGSKV
FTASCDKTAKMWDLNSNQAIQIAQHDAPVKTIHWIKAPNYSCVMTGSWDKTLKFWDTRSSNPMMVLQLPERCYCADVIYP
MAVVATAERGLIVYQLENQPSEFRRIESPLKHQHRCVAIFKDKQNKPTGFALGSIEGRVAIHYINPPNPAKDNFTFKCHR
SNGTNTSAPQDIYAVNGIAFHPVHGTLATVGSDGRFSFWDKDARTKLKTSEQLDQPIAACCFNHNGNIFAYASSYDWSKG
HEFYNPQKKNYIFLRNAAEELKPRNKK
;
A,D
2 'polypeptide(L)' PTGTTIKFNPPTGTDTMVKAGVSTNISTKHQCITAMKEYESKSLEELRLEDYQANRK B,E
3 'polypeptide(L)'
;MEKSAPSIILNHWCVTWQGHHFLCRNLSNIKILNRRNGYTTLDLPLTLGDLTQYRLAHGLSENLMALSPYSWTIPFLVSS
SETPGIELLPKVINDFGTPLSLAIKTNLPSIPAHQLLFYIIFLRPSPLTSMSCYARPLSLASTPSTNGLCQSVSVLDNKP
GLLITTPLHRDPASGKYTSNVQSPTTFNLFRVLYIKLSGEEGMVSQKVKHLTIDKDSLQEGFLQLCLNMCGVSYETLQCE
ILLELVQGPTNFIFPAAFPPPVSLPHRNCIELTCDTERCLKPGDVMKLKHRLLYELGQRGDTPQNAFLIVGAHSPETVWI
SPSLWLPGQPLYINIINLSHKPLLLSRHSILALAIPISYTRAPASAHEATDTTICYSGNSRVLTCGAAHVLEAHFKHPPI
TSRAITDGGESPMEWQTL
;
F,C
#
loop_
_chem_comp.id
_chem_comp.type
_chem_comp.name
_chem_comp.formula
HG non-polymer 'MERCURY (II) ION' 'Hg 2'
NA non-polymer 'SODIUM ION' 'Na 1'
#
# COMPACT_ATOMS: atom_id res chain seq x y z
N GLU A 2 -3.90 1.52 -2.06
CA GLU A 2 -3.57 1.99 -3.45
C GLU A 2 -4.80 2.41 -4.25
N ASP A 3 -4.74 3.65 -4.76
CA ASP A 3 -5.78 4.28 -5.60
C ASP A 3 -5.81 3.59 -6.95
N ASN A 4 -6.90 2.90 -7.28
CA ASN A 4 -6.99 2.21 -8.58
C ASN A 4 -8.12 2.80 -9.41
N HIS A 5 -8.42 4.09 -9.26
CA HIS A 5 -9.48 4.71 -10.08
C HIS A 5 -9.07 4.79 -11.55
N ASN A 6 -7.80 5.03 -11.83
CA ASN A 6 -7.32 5.17 -13.22
C ASN A 6 -5.95 4.52 -13.33
N PRO A 7 -5.86 3.19 -13.20
CA PRO A 7 -4.57 2.50 -13.26
C PRO A 7 -3.80 2.65 -14.57
N MET A 8 -4.49 2.82 -15.68
CA MET A 8 -3.82 3.02 -16.97
C MET A 8 -3.36 4.47 -17.12
N LYS A 9 -3.86 5.38 -16.28
CA LYS A 9 -3.53 6.83 -16.34
C LYS A 9 -3.88 7.39 -17.72
N ASP A 10 -5.11 7.14 -18.19
CA ASP A 10 -5.62 7.62 -19.45
C ASP A 10 -6.23 9.01 -19.28
N ILE A 11 -6.41 9.70 -20.41
CA ILE A 11 -7.07 11.01 -20.39
C ILE A 11 -8.40 10.87 -19.64
N GLU A 12 -8.67 11.87 -18.78
CA GLU A 12 -9.93 11.90 -17.99
C GLU A 12 -10.81 13.05 -18.48
N VAL A 13 -11.99 12.73 -19.01
CA VAL A 13 -12.94 13.76 -19.51
C VAL A 13 -13.39 14.65 -18.35
N THR A 14 -13.39 15.97 -18.56
CA THR A 14 -13.81 16.93 -17.50
C THR A 14 -15.33 16.97 -17.42
N SER A 15 -15.88 17.42 -16.28
CA SER A 15 -17.35 17.50 -16.08
C SER A 15 -18.00 16.15 -16.45
N SER A 16 -17.60 15.08 -15.76
CA SER A 16 -18.16 13.72 -16.02
C SER A 16 -19.54 13.60 -15.38
N PRO A 17 -20.43 12.71 -15.90
CA PRO A 17 -21.78 12.54 -15.33
C PRO A 17 -21.73 12.30 -13.82
N ASP A 18 -22.59 12.99 -13.06
CA ASP A 18 -22.64 12.85 -11.59
C ASP A 18 -23.04 11.40 -11.24
N ASP A 19 -23.99 10.83 -11.99
CA ASP A 19 -24.45 9.44 -11.75
C ASP A 19 -23.71 8.48 -12.68
N SER A 20 -24.06 7.19 -12.62
CA SER A 20 -23.43 6.18 -13.45
C SER A 20 -23.69 6.44 -14.93
N ILE A 21 -22.69 6.14 -15.74
CA ILE A 21 -22.77 6.36 -17.17
C ILE A 21 -23.32 5.09 -17.80
N GLY A 22 -24.43 5.22 -18.54
CA GLY A 22 -25.04 4.10 -19.22
C GLY A 22 -24.51 3.82 -20.63
N CYS A 23 -24.21 4.87 -21.40
CA CYS A 23 -23.95 4.71 -22.83
C CYS A 23 -22.98 5.78 -23.32
N LEU A 24 -22.27 5.46 -24.41
CA LEU A 24 -21.28 6.34 -25.00
C LEU A 24 -21.42 6.30 -26.52
N SER A 25 -21.29 7.45 -27.17
CA SER A 25 -21.35 7.44 -28.64
C SER A 25 -20.56 8.59 -29.24
N PHE A 26 -19.60 8.24 -30.11
CA PHE A 26 -18.78 9.23 -30.81
C PHE A 26 -19.46 9.71 -32.09
N SER A 27 -19.28 11.01 -32.37
CA SER A 27 -19.74 11.70 -33.57
C SER A 27 -19.34 10.96 -34.84
N PRO A 28 -20.05 11.17 -35.95
CA PRO A 28 -19.73 10.45 -37.19
C PRO A 28 -18.61 11.15 -37.94
N PRO A 29 -18.04 10.51 -38.96
CA PRO A 29 -16.93 11.13 -39.71
C PRO A 29 -17.35 12.37 -40.49
N THR A 30 -18.64 12.67 -40.61
CA THR A 30 -19.02 13.91 -41.28
C THR A 30 -18.80 15.14 -40.41
N LEU A 31 -18.64 14.97 -39.12
CA LEU A 31 -18.21 16.19 -38.46
C LEU A 31 -16.69 16.28 -38.45
N PRO A 32 -16.14 17.48 -38.58
CA PRO A 32 -14.70 17.66 -38.38
C PRO A 32 -14.41 17.64 -36.88
N GLY A 33 -13.38 16.90 -36.50
CA GLY A 33 -13.08 16.74 -35.09
C GLY A 33 -13.83 15.57 -34.48
N ASN A 34 -13.90 15.57 -33.15
CA ASN A 34 -14.57 14.49 -32.46
C ASN A 34 -15.44 15.03 -31.34
N PHE A 35 -16.66 14.53 -31.26
CA PHE A 35 -17.56 14.86 -30.16
C PHE A 35 -18.07 13.58 -29.52
N LEU A 36 -18.08 13.56 -28.20
CA LEU A 36 -18.50 12.41 -27.41
C LEU A 36 -19.79 12.73 -26.67
N ILE A 37 -20.76 11.80 -26.78
CA ILE A 37 -22.04 11.87 -26.08
C ILE A 37 -22.07 10.79 -25.00
N ALA A 38 -22.54 11.16 -23.81
CA ALA A 38 -22.80 10.20 -22.74
C ALA A 38 -24.17 10.40 -22.12
N GLY A 39 -24.88 9.29 -21.89
CA GLY A 39 -26.09 9.29 -21.11
C GLY A 39 -25.80 8.73 -19.73
N SER A 40 -26.54 9.21 -18.72
CA SER A 40 -26.29 8.77 -17.36
C SER A 40 -27.60 8.49 -16.64
N TRP A 41 -27.46 7.84 -15.48
CA TRP A 41 -28.55 7.50 -14.58
C TRP A 41 -28.98 8.67 -13.71
N ALA A 42 -28.44 9.87 -13.97
CA ALA A 42 -29.00 11.10 -13.44
C ALA A 42 -29.90 11.81 -14.47
N ASN A 43 -30.35 11.10 -15.51
CA ASN A 43 -31.35 11.49 -16.50
C ASN A 43 -30.79 12.41 -17.61
N ASP A 44 -29.50 12.71 -17.63
CA ASP A 44 -29.02 13.72 -18.57
C ASP A 44 -28.22 13.09 -19.71
N VAL A 45 -28.05 13.87 -20.76
CA VAL A 45 -27.19 13.51 -21.87
C VAL A 45 -26.26 14.68 -22.11
N ARG A 46 -24.97 14.42 -22.16
CA ARG A 46 -23.99 15.48 -22.24
C ARG A 46 -23.15 15.33 -23.48
N CYS A 47 -22.64 16.46 -23.96
CA CYS A 47 -21.71 16.47 -25.07
C CYS A 47 -20.39 17.15 -24.69
N TRP A 48 -19.30 16.54 -25.13
CA TRP A 48 -17.95 17.09 -24.96
C TRP A 48 -17.23 17.09 -26.30
N GLU A 49 -16.52 18.16 -26.59
CA GLU A 49 -15.69 18.10 -27.81
C GLU A 49 -14.38 17.46 -27.41
N VAL A 50 -13.83 16.58 -28.22
CA VAL A 50 -12.52 15.97 -27.89
C VAL A 50 -11.49 16.49 -28.88
N GLN A 51 -10.47 17.19 -28.41
CA GLN A 51 -9.42 17.61 -29.37
C GLN A 51 -8.45 16.46 -29.58
N ASP A 52 -7.60 16.57 -30.59
CA ASP A 52 -6.54 15.58 -30.91
C ASP A 52 -5.42 15.66 -29.85
N SER A 53 -5.31 16.77 -29.16
CA SER A 53 -4.37 17.01 -28.05
C SER A 53 -4.77 16.18 -26.84
N GLY A 54 -6.02 15.79 -26.72
CA GLY A 54 -6.48 14.97 -25.61
C GLY A 54 -7.34 15.78 -24.68
N GLN A 55 -7.57 17.04 -25.02
CA GLN A 55 -8.38 17.89 -24.14
C GLN A 55 -9.85 17.71 -24.50
N THR A 56 -10.69 17.99 -23.54
CA THR A 56 -12.13 17.79 -23.72
C THR A 56 -12.84 19.04 -23.28
N ILE A 57 -13.78 19.54 -24.05
CA ILE A 57 -14.48 20.78 -23.63
C ILE A 57 -15.97 20.51 -23.50
N PRO A 58 -16.57 20.58 -22.32
CA PRO A 58 -17.99 20.42 -22.18
C PRO A 58 -18.74 21.35 -23.13
N LYS A 59 -19.59 20.77 -23.96
CA LYS A 59 -20.31 21.58 -24.96
C LYS A 59 -21.73 21.90 -24.48
N ALA A 60 -22.65 20.94 -24.47
CA ALA A 60 -24.03 21.22 -24.06
C ALA A 60 -24.60 20.04 -23.28
N GLN A 61 -25.86 20.15 -22.83
CA GLN A 61 -26.48 19.04 -22.06
C GLN A 61 -28.01 19.14 -22.13
N GLN A 62 -28.66 17.99 -22.33
CA GLN A 62 -30.14 17.89 -22.40
C GLN A 62 -30.64 16.97 -21.28
N MET A 63 -31.92 17.01 -20.98
CA MET A 63 -32.39 16.16 -19.88
C MET A 63 -33.67 15.42 -20.23
N HIS A 64 -33.70 14.15 -19.87
CA HIS A 64 -34.91 13.35 -19.79
C HIS A 64 -35.46 13.41 -18.37
N THR A 65 -36.63 12.82 -18.18
CA THR A 65 -37.19 12.63 -16.84
C THR A 65 -36.88 11.23 -16.28
N GLY A 66 -35.90 10.54 -16.86
CA GLY A 66 -35.51 9.21 -16.46
C GLY A 66 -34.14 8.84 -16.98
N PRO A 67 -33.52 7.81 -16.39
CA PRO A 67 -32.19 7.39 -16.84
C PRO A 67 -32.10 7.22 -18.35
N VAL A 68 -30.98 7.65 -18.93
CA VAL A 68 -30.72 7.57 -20.36
C VAL A 68 -29.88 6.32 -20.62
N LEU A 69 -30.40 5.42 -21.47
CA LEU A 69 -29.83 4.09 -21.67
C LEU A 69 -29.16 3.89 -23.02
N ASP A 70 -29.42 4.73 -24.01
CA ASP A 70 -28.67 4.65 -25.25
C ASP A 70 -28.67 6.00 -25.90
N VAL A 71 -27.68 6.19 -26.78
CA VAL A 71 -27.51 7.43 -27.54
C VAL A 71 -26.92 7.07 -28.89
N CYS A 72 -27.17 7.92 -29.87
CA CYS A 72 -26.49 7.81 -31.15
C CYS A 72 -26.71 9.08 -31.94
N TRP A 73 -26.01 9.17 -33.08
CA TRP A 73 -25.96 10.34 -33.95
C TRP A 73 -26.71 10.09 -35.24
N SER A 74 -27.15 11.18 -35.88
CA SER A 74 -27.56 11.09 -37.27
C SER A 74 -26.31 11.03 -38.17
N ASP A 75 -26.49 10.44 -39.36
CA ASP A 75 -25.38 10.29 -40.32
C ASP A 75 -24.61 11.58 -40.54
N ASP A 76 -25.32 12.72 -40.59
CA ASP A 76 -24.71 14.00 -40.91
C ASP A 76 -24.20 14.76 -39.69
N GLY A 77 -24.46 14.29 -38.48
CA GLY A 77 -23.90 14.87 -37.28
C GLY A 77 -24.61 16.07 -36.71
N SER A 78 -25.79 16.42 -37.21
CA SER A 78 -26.51 17.56 -36.67
C SER A 78 -27.43 17.19 -35.52
N LYS A 79 -27.83 15.92 -35.42
CA LYS A 79 -28.79 15.44 -34.43
C LYS A 79 -28.16 14.35 -33.55
N VAL A 80 -28.47 14.39 -32.25
CA VAL A 80 -28.22 13.30 -31.32
C VAL A 80 -29.56 12.73 -30.85
N PHE A 81 -29.69 11.41 -30.90
CA PHE A 81 -30.91 10.72 -30.48
C PHE A 81 -30.68 10.05 -29.14
N THR A 82 -31.72 10.04 -28.29
CA THR A 82 -31.58 9.62 -26.90
C THR A 82 -32.73 8.73 -26.47
N ALA A 83 -32.42 7.65 -25.73
CA ALA A 83 -33.43 6.67 -25.33
C ALA A 83 -33.47 6.56 -23.81
N SER A 84 -34.65 6.75 -23.24
CA SER A 84 -34.77 6.94 -21.81
C SER A 84 -35.71 5.93 -21.15
N CYS A 85 -35.49 5.77 -19.84
CA CYS A 85 -36.40 5.06 -18.95
C CYS A 85 -37.75 5.75 -18.83
N ASP A 86 -37.89 6.96 -19.31
CA ASP A 86 -39.15 7.67 -19.29
C ASP A 86 -40.03 7.30 -20.48
N LYS A 87 -39.77 6.13 -21.09
CA LYS A 87 -40.61 5.55 -22.14
C LYS A 87 -40.62 6.41 -23.40
N THR A 88 -39.65 7.31 -23.51
CA THR A 88 -39.58 8.20 -24.67
C THR A 88 -38.18 8.19 -25.27
N ALA A 89 -38.11 8.67 -26.49
CA ALA A 89 -36.85 8.98 -27.14
C ALA A 89 -36.90 10.42 -27.62
N LYS A 90 -35.71 11.04 -27.77
CA LYS A 90 -35.61 12.44 -28.15
C LYS A 90 -34.60 12.64 -29.28
N MET A 91 -34.86 13.64 -30.12
CA MET A 91 -33.92 14.11 -31.14
C MET A 91 -33.39 15.48 -30.71
N TRP A 92 -32.07 15.52 -30.46
CA TRP A 92 -31.37 16.70 -29.97
C TRP A 92 -30.73 17.40 -31.16
N ASP A 93 -31.23 18.59 -31.51
CA ASP A 93 -30.63 19.36 -32.59
C ASP A 93 -29.47 20.15 -32.02
N LEU A 94 -28.25 19.83 -32.45
CA LEU A 94 -27.08 20.41 -31.81
C LEU A 94 -26.89 21.89 -32.17
N ASN A 95 -27.15 22.27 -33.43
CA ASN A 95 -27.06 23.68 -33.79
C ASN A 95 -27.92 24.55 -32.88
N SER A 96 -29.17 24.11 -32.62
CA SER A 96 -30.11 24.89 -31.82
C SER A 96 -30.10 24.53 -30.34
N ASN A 97 -29.45 23.44 -29.93
CA ASN A 97 -29.46 23.02 -28.52
C ASN A 97 -30.89 22.81 -28.03
N GLN A 98 -31.75 22.31 -28.92
CA GLN A 98 -33.15 22.05 -28.63
C GLN A 98 -33.45 20.58 -28.88
N ALA A 99 -34.09 19.94 -27.91
CA ALA A 99 -34.47 18.54 -28.00
C ALA A 99 -35.99 18.42 -28.06
N ILE A 100 -36.48 17.48 -28.88
CA ILE A 100 -37.91 17.19 -28.98
C ILE A 100 -38.13 15.69 -28.92
N GLN A 101 -39.29 15.29 -28.41
CA GLN A 101 -39.68 13.89 -28.48
C GLN A 101 -39.85 13.44 -29.92
N ILE A 102 -39.44 12.20 -30.21
CA ILE A 102 -39.71 11.56 -31.50
C ILE A 102 -40.24 10.14 -31.36
N ALA A 103 -40.37 9.61 -30.14
CA ALA A 103 -40.78 8.22 -29.97
C ALA A 103 -41.49 8.03 -28.64
N GLN A 104 -42.46 7.10 -28.65
CA GLN A 104 -43.27 6.78 -27.45
C GLN A 104 -43.39 5.24 -27.32
N HIS A 105 -42.99 4.71 -26.17
CA HIS A 105 -43.04 3.28 -25.89
C HIS A 105 -43.87 3.06 -24.64
N ASP A 106 -44.26 1.80 -24.44
CA ASP A 106 -45.03 1.39 -23.28
C ASP A 106 -44.15 0.91 -22.13
N ALA A 107 -42.83 1.02 -22.30
CA ALA A 107 -41.85 0.69 -21.28
C ALA A 107 -40.55 1.43 -21.61
N PRO A 108 -39.56 1.39 -20.73
CA PRO A 108 -38.28 2.03 -21.06
C PRO A 108 -37.73 1.66 -22.44
N VAL A 109 -37.12 2.65 -23.08
CA VAL A 109 -36.43 2.48 -24.34
C VAL A 109 -34.97 2.14 -24.04
N LYS A 110 -34.53 0.96 -24.47
CA LYS A 110 -33.21 0.46 -24.16
C LYS A 110 -32.20 0.68 -25.27
N THR A 111 -32.64 0.79 -26.53
CA THR A 111 -31.73 0.92 -27.68
C THR A 111 -32.25 1.93 -28.67
N ILE A 112 -31.34 2.69 -29.27
CA ILE A 112 -31.67 3.67 -30.30
C ILE A 112 -30.57 3.66 -31.35
N HIS A 113 -30.96 3.79 -32.61
CA HIS A 113 -30.06 3.67 -33.74
C HIS A 113 -30.59 4.44 -34.93
N TRP A 114 -29.69 5.01 -35.69
CA TRP A 114 -30.06 5.76 -36.88
C TRP A 114 -29.81 4.87 -38.09
N ILE A 115 -30.83 4.73 -38.94
CA ILE A 115 -30.74 3.95 -40.17
C ILE A 115 -30.80 4.94 -41.32
N LYS A 116 -29.71 5.07 -42.07
CA LYS A 116 -29.74 5.77 -43.35
C LYS A 116 -29.73 4.70 -44.44
N ALA A 117 -30.83 4.60 -45.14
CA ALA A 117 -30.96 3.70 -46.26
C ALA A 117 -31.12 4.52 -47.55
N PRO A 118 -30.92 3.90 -48.72
CA PRO A 118 -31.19 4.62 -49.98
C PRO A 118 -32.56 5.29 -50.03
N ASN A 119 -33.62 4.56 -49.66
CA ASN A 119 -35.02 4.95 -49.89
C ASN A 119 -35.72 5.49 -48.65
N TYR A 120 -35.04 5.57 -47.51
CA TYR A 120 -35.66 5.98 -46.25
C TYR A 120 -34.58 6.23 -45.21
N SER A 121 -34.90 7.11 -44.27
CA SER A 121 -34.10 7.38 -43.09
C SER A 121 -35.02 7.39 -41.89
N CYS A 122 -34.65 6.65 -40.84
CA CYS A 122 -35.47 6.54 -39.64
C CYS A 122 -34.57 6.34 -38.43
N VAL A 123 -35.14 6.47 -37.24
CA VAL A 123 -34.47 5.99 -36.03
C VAL A 123 -35.20 4.76 -35.54
N MET A 124 -34.42 3.75 -35.16
CA MET A 124 -34.95 2.51 -34.63
C MET A 124 -34.81 2.51 -33.10
N THR A 125 -35.90 2.26 -32.40
CA THR A 125 -35.90 2.15 -30.95
C THR A 125 -36.32 0.73 -30.55
N GLY A 126 -35.60 0.15 -29.60
CA GLY A 126 -35.95 -1.13 -29.00
C GLY A 126 -36.35 -0.92 -27.55
N SER A 127 -37.38 -1.63 -27.10
CA SER A 127 -37.93 -1.32 -25.78
C SER A 127 -38.21 -2.56 -24.97
N TRP A 128 -38.26 -2.37 -23.65
CA TRP A 128 -38.71 -3.44 -22.77
C TRP A 128 -40.21 -3.76 -22.94
N ASP A 129 -40.94 -2.97 -23.72
CA ASP A 129 -42.30 -3.30 -24.09
C ASP A 129 -42.37 -4.31 -25.22
N LYS A 130 -41.22 -4.88 -25.63
CA LYS A 130 -41.13 -5.99 -26.58
C LYS A 130 -41.40 -5.56 -28.03
N THR A 131 -41.21 -4.29 -28.35
CA THR A 131 -41.32 -3.87 -29.73
C THR A 131 -40.02 -3.24 -30.23
N LEU A 132 -39.87 -3.20 -31.54
CA LEU A 132 -38.82 -2.47 -32.26
C LEU A 132 -39.61 -1.43 -33.06
N LYS A 133 -39.39 -0.15 -32.84
CA LYS A 133 -40.17 0.84 -33.60
C LYS A 133 -39.27 1.72 -34.47
N PHE A 134 -39.84 2.33 -35.50
CA PHE A 134 -39.06 3.22 -36.42
C PHE A 134 -39.81 4.54 -36.59
N TRP A 135 -39.11 5.61 -36.29
CA TRP A 135 -39.64 6.97 -36.36
C TRP A 135 -38.97 7.75 -37.48
N ASP A 136 -39.75 8.59 -38.14
CA ASP A 136 -39.26 9.41 -39.26
C ASP A 136 -38.88 10.80 -38.75
N THR A 137 -38.85 11.00 -37.42
CA THR A 137 -38.40 12.26 -36.75
C THR A 137 -39.37 13.44 -36.97
N ARG A 138 -40.59 13.20 -37.44
CA ARG A 138 -41.58 14.29 -37.61
C ARG A 138 -42.96 13.86 -37.14
N SER A 139 -43.32 12.59 -37.31
CA SER A 139 -44.67 12.12 -36.94
C SER A 139 -44.70 11.40 -35.59
N SER A 140 -45.85 11.43 -34.93
CA SER A 140 -46.04 10.75 -33.63
C SER A 140 -46.34 9.26 -33.89
N ASN A 141 -46.71 8.92 -35.13
CA ASN A 141 -47.00 7.52 -35.44
C ASN A 141 -45.74 6.86 -36.00
N PRO A 142 -45.36 5.70 -35.49
CA PRO A 142 -44.17 5.03 -36.02
C PRO A 142 -44.41 4.57 -37.45
N MET A 143 -43.34 4.65 -38.28
CA MET A 143 -43.37 4.11 -39.63
C MET A 143 -43.56 2.61 -39.64
N MET A 144 -43.24 1.95 -38.54
CA MET A 144 -43.19 0.49 -38.53
C MET A 144 -43.05 0.05 -37.09
N VAL A 145 -43.65 -1.11 -36.77
CA VAL A 145 -43.59 -1.71 -35.44
C VAL A 145 -43.35 -3.19 -35.64
N LEU A 146 -42.28 -3.73 -35.05
CA LEU A 146 -42.00 -5.16 -35.15
C LEU A 146 -42.10 -5.76 -33.76
N GLN A 147 -42.69 -6.95 -33.68
CA GLN A 147 -42.87 -7.66 -32.39
C GLN A 147 -41.64 -8.53 -32.09
N LEU A 148 -41.04 -8.35 -30.92
CA LEU A 148 -39.83 -9.12 -30.52
C LEU A 148 -40.27 -10.33 -29.69
N PRO A 149 -39.39 -11.34 -29.45
CA PRO A 149 -39.75 -12.52 -28.66
C PRO A 149 -39.74 -12.22 -27.15
N GLU A 150 -39.09 -11.12 -26.76
CA GLU A 150 -39.01 -10.72 -25.32
C GLU A 150 -38.65 -9.24 -25.23
N ARG A 151 -38.21 -8.80 -24.05
CA ARG A 151 -37.82 -7.39 -23.82
C ARG A 151 -36.49 -7.11 -24.49
N CYS A 152 -36.33 -5.93 -25.05
CA CYS A 152 -35.10 -5.62 -25.78
C CYS A 152 -33.95 -5.39 -24.82
N TYR A 153 -32.91 -6.20 -24.91
CA TYR A 153 -31.74 -5.99 -24.00
C TYR A 153 -30.66 -5.20 -24.76
N CYS A 154 -30.05 -5.82 -25.77
CA CYS A 154 -28.99 -5.16 -26.57
C CYS A 154 -29.45 -5.03 -28.02
N ALA A 155 -28.88 -4.09 -28.77
CA ALA A 155 -29.25 -3.86 -30.19
C ALA A 155 -28.09 -3.18 -30.92
N ASP A 156 -27.77 -3.60 -32.14
CA ASP A 156 -26.71 -2.96 -32.97
C ASP A 156 -27.13 -2.89 -34.45
N VAL A 157 -26.81 -1.79 -35.09
CA VAL A 157 -27.12 -1.52 -36.52
C VAL A 157 -25.91 -1.14 -37.39
N ILE A 158 -25.61 -1.90 -38.42
CA ILE A 158 -24.67 -1.40 -39.47
C ILE A 158 -25.39 -1.64 -40.81
N TYR A 159 -25.96 -0.60 -41.41
CA TYR A 159 -26.73 -0.76 -42.67
C TYR A 159 -25.97 -1.59 -43.70
N PRO A 160 -26.56 -2.66 -44.27
CA PRO A 160 -27.98 -2.97 -44.07
C PRO A 160 -28.37 -4.07 -43.08
N MET A 161 -27.54 -4.32 -42.08
CA MET A 161 -27.78 -5.41 -41.12
C MET A 161 -28.20 -4.82 -39.79
N ALA A 162 -28.90 -5.65 -39.02
CA ALA A 162 -29.36 -5.24 -37.67
C ALA A 162 -29.39 -6.45 -36.75
N VAL A 163 -28.83 -6.33 -35.54
CA VAL A 163 -28.79 -7.46 -34.56
C VAL A 163 -29.51 -7.00 -33.28
N VAL A 164 -30.45 -7.82 -32.79
CA VAL A 164 -31.21 -7.50 -31.56
C VAL A 164 -31.19 -8.69 -30.60
N ALA A 165 -30.80 -8.47 -29.37
CA ALA A 165 -30.85 -9.53 -28.37
C ALA A 165 -31.97 -9.20 -27.39
N THR A 166 -32.70 -10.19 -26.95
CA THR A 166 -33.73 -9.89 -25.93
C THR A 166 -33.47 -10.72 -24.69
N ALA A 167 -34.40 -10.66 -23.77
CA ALA A 167 -34.47 -11.52 -22.58
C ALA A 167 -34.77 -12.95 -23.04
N GLU A 168 -34.34 -13.92 -22.25
CA GLU A 168 -34.51 -15.36 -22.56
C GLU A 168 -33.71 -15.70 -23.81
N ARG A 169 -32.52 -15.15 -23.90
CA ARG A 169 -31.55 -15.42 -24.99
C ARG A 169 -32.14 -15.33 -26.39
N GLY A 170 -32.97 -14.34 -26.66
CA GLY A 170 -33.54 -14.10 -27.97
C GLY A 170 -32.51 -13.43 -28.83
N LEU A 171 -32.45 -13.78 -30.10
CA LEU A 171 -31.41 -13.24 -30.97
C LEU A 171 -32.00 -13.14 -32.37
N ILE A 172 -32.27 -11.95 -32.87
CA ILE A 172 -32.84 -11.87 -34.24
C ILE A 172 -31.96 -10.99 -35.11
N VAL A 173 -31.69 -11.42 -36.32
CA VAL A 173 -30.91 -10.60 -37.27
C VAL A 173 -31.93 -9.93 -38.20
N TYR A 174 -31.71 -8.68 -38.57
CA TYR A 174 -32.69 -7.98 -39.43
C TYR A 174 -32.06 -7.53 -40.74
N GLN A 175 -32.86 -7.56 -41.81
CA GLN A 175 -32.51 -7.10 -43.17
C GLN A 175 -33.12 -5.71 -43.28
N LEU A 176 -32.37 -4.75 -43.82
CA LEU A 176 -32.78 -3.34 -43.84
C LEU A 176 -32.83 -2.76 -45.26
N GLU A 177 -32.47 -3.51 -46.28
CA GLU A 177 -32.33 -3.06 -47.70
C GLU A 177 -33.50 -2.26 -48.32
N ASN A 178 -34.75 -2.63 -48.12
CA ASN A 178 -35.84 -1.88 -48.78
C ASN A 178 -36.78 -1.39 -47.72
N GLN A 179 -36.88 -2.15 -46.65
CA GLN A 179 -37.67 -1.85 -45.45
C GLN A 179 -37.11 -2.74 -44.35
N PRO A 180 -37.09 -2.31 -43.08
CA PRO A 180 -36.65 -3.19 -42.04
C PRO A 180 -37.55 -4.44 -41.99
N SER A 181 -36.98 -5.63 -41.92
CA SER A 181 -37.76 -6.87 -41.84
C SER A 181 -36.96 -8.00 -41.19
N GLU A 182 -37.64 -8.94 -40.55
CA GLU A 182 -36.92 -10.05 -39.88
C GLU A 182 -36.16 -10.86 -40.92
N PHE A 183 -34.96 -11.27 -40.58
CA PHE A 183 -34.13 -12.11 -41.48
C PHE A 183 -33.85 -13.45 -40.84
N ARG A 184 -33.37 -13.50 -39.62
CA ARG A 184 -33.17 -14.84 -39.04
C ARG A 184 -33.25 -14.83 -37.52
N ARG A 185 -33.96 -15.77 -36.93
CA ARG A 185 -33.89 -15.92 -35.47
C ARG A 185 -32.77 -16.90 -35.24
N ILE A 186 -31.86 -16.65 -34.34
CA ILE A 186 -30.71 -17.59 -34.21
C ILE A 186 -30.74 -18.25 -32.86
N GLU A 187 -30.63 -19.58 -32.81
CA GLU A 187 -30.51 -20.25 -31.50
C GLU A 187 -29.23 -19.70 -30.88
N SER A 188 -29.34 -19.27 -29.65
CA SER A 188 -28.24 -18.56 -29.00
C SER A 188 -27.00 -19.40 -28.77
N PRO A 189 -25.82 -18.84 -29.06
CA PRO A 189 -24.56 -19.47 -28.81
C PRO A 189 -24.13 -19.28 -27.34
N LEU A 190 -24.82 -18.42 -26.59
CA LEU A 190 -24.52 -18.23 -25.15
C LEU A 190 -25.66 -18.79 -24.31
N LYS A 191 -25.33 -19.39 -23.18
CA LYS A 191 -26.27 -20.06 -22.26
C LYS A 191 -26.74 -19.09 -21.17
N HIS A 192 -26.19 -17.90 -21.12
CA HIS A 192 -26.60 -16.93 -20.07
C HIS A 192 -27.15 -15.67 -20.68
N GLN A 193 -27.75 -14.83 -19.83
CA GLN A 193 -28.39 -13.54 -20.16
C GLN A 193 -27.56 -12.71 -21.14
N HIS A 194 -28.21 -12.06 -22.10
CA HIS A 194 -27.54 -11.24 -23.13
C HIS A 194 -27.37 -9.83 -22.65
N ARG A 195 -26.22 -9.19 -22.88
CA ARG A 195 -26.03 -7.82 -22.34
C ARG A 195 -25.57 -6.82 -23.42
N CYS A 196 -24.79 -7.28 -24.40
CA CYS A 196 -24.28 -6.35 -25.41
C CYS A 196 -24.02 -7.07 -26.72
N VAL A 197 -23.94 -6.34 -27.81
CA VAL A 197 -23.80 -6.92 -29.17
C VAL A 197 -23.16 -5.91 -30.11
N ALA A 198 -22.37 -6.38 -31.06
CA ALA A 198 -21.67 -5.47 -31.99
C ALA A 198 -21.47 -6.15 -33.33
N ILE A 199 -21.98 -5.55 -34.37
CA ILE A 199 -21.82 -6.10 -35.73
C ILE A 199 -20.42 -5.77 -36.23
N PHE A 200 -19.79 -6.72 -36.91
CA PHE A 200 -18.53 -6.45 -37.58
C PHE A 200 -18.63 -6.71 -39.09
N LYS A 201 -17.77 -6.04 -39.83
CA LYS A 201 -17.70 -6.12 -41.27
C LYS A 201 -16.60 -7.08 -41.73
N ASP A 202 -16.71 -7.51 -42.99
CA ASP A 202 -15.65 -8.28 -43.64
C ASP A 202 -14.67 -7.29 -44.28
N LYS A 203 -13.86 -7.78 -45.22
CA LYS A 203 -12.89 -6.91 -45.86
C LYS A 203 -13.56 -5.86 -46.73
N GLN A 204 -14.73 -6.17 -47.28
CA GLN A 204 -15.48 -5.25 -48.14
C GLN A 204 -16.13 -4.12 -47.38
N ASN A 205 -15.96 -4.05 -46.05
CA ASN A 205 -16.75 -3.14 -45.20
C ASN A 205 -18.23 -3.51 -45.25
N LYS A 206 -18.52 -4.80 -45.36
CA LYS A 206 -19.89 -5.26 -45.38
C LYS A 206 -20.20 -6.10 -44.14
N PRO A 207 -21.30 -5.79 -43.43
CA PRO A 207 -21.68 -6.57 -42.24
C PRO A 207 -21.72 -8.07 -42.51
N THR A 208 -20.97 -8.86 -41.75
CA THR A 208 -20.97 -10.30 -41.92
C THR A 208 -21.29 -11.07 -40.65
N GLY A 209 -21.34 -10.42 -39.50
CA GLY A 209 -21.59 -11.13 -38.27
C GLY A 209 -21.59 -10.18 -37.10
N PHE A 210 -21.57 -10.77 -35.91
CA PHE A 210 -21.64 -9.98 -34.70
C PHE A 210 -20.92 -10.68 -33.58
N ALA A 211 -20.48 -9.87 -32.62
CA ALA A 211 -20.00 -10.36 -31.34
C ALA A 211 -21.12 -10.14 -30.32
N LEU A 212 -21.40 -11.15 -29.52
CA LEU A 212 -22.45 -11.13 -28.50
C LEU A 212 -21.81 -11.38 -27.13
N GLY A 213 -22.18 -10.57 -26.15
CA GLY A 213 -21.66 -10.74 -24.78
C GLY A 213 -22.74 -11.00 -23.76
N SER A 214 -22.49 -11.96 -22.86
CA SER A 214 -23.39 -12.35 -21.79
C SER A 214 -22.87 -11.92 -20.42
N ILE A 215 -23.68 -12.21 -19.40
CA ILE A 215 -23.35 -11.87 -18.02
C ILE A 215 -22.31 -12.84 -17.47
N GLU A 216 -21.99 -13.87 -18.25
CA GLU A 216 -21.19 -15.00 -17.79
C GLU A 216 -19.76 -15.00 -18.35
N GLY A 217 -19.14 -13.83 -18.48
CA GLY A 217 -17.74 -13.78 -18.84
C GLY A 217 -17.43 -14.49 -20.15
N ARG A 218 -18.32 -14.36 -21.12
CA ARG A 218 -18.14 -15.12 -22.33
C ARG A 218 -18.69 -14.30 -23.48
N VAL A 219 -18.01 -14.36 -24.60
CA VAL A 219 -18.42 -13.66 -25.78
C VAL A 219 -18.51 -14.68 -26.91
N ALA A 220 -19.53 -14.54 -27.75
CA ALA A 220 -19.71 -15.38 -28.92
C ALA A 220 -19.33 -14.59 -30.16
N ILE A 221 -18.67 -15.25 -31.11
CA ILE A 221 -18.36 -14.67 -32.41
C ILE A 221 -19.15 -15.45 -33.44
N HIS A 222 -20.00 -14.75 -34.19
CA HIS A 222 -21.00 -15.42 -35.02
C HIS A 222 -21.05 -14.75 -36.39
N TYR A 223 -20.78 -15.53 -37.44
CA TYR A 223 -20.90 -15.06 -38.82
C TYR A 223 -22.28 -15.47 -39.34
N ILE A 224 -22.86 -14.60 -40.19
CA ILE A 224 -24.19 -14.89 -40.72
C ILE A 224 -24.12 -15.95 -41.83
N ASN A 225 -23.13 -15.85 -42.72
CA ASN A 225 -22.95 -16.81 -43.83
C ASN A 225 -21.53 -17.37 -43.84
N PRO A 226 -21.10 -18.04 -42.76
CA PRO A 226 -19.73 -18.56 -42.74
C PRO A 226 -19.58 -19.77 -43.64
N PRO A 227 -18.41 -19.94 -44.27
CA PRO A 227 -18.17 -21.19 -45.02
C PRO A 227 -18.38 -22.45 -44.20
N ASN A 228 -18.02 -22.44 -42.91
CA ASN A 228 -18.09 -23.63 -42.07
C ASN A 228 -18.61 -23.22 -40.69
N PRO A 229 -19.93 -23.19 -40.51
CA PRO A 229 -20.49 -22.81 -39.20
C PRO A 229 -19.95 -23.60 -38.01
N ALA A 230 -19.82 -24.92 -38.09
CA ALA A 230 -19.40 -25.68 -36.92
C ALA A 230 -18.00 -25.30 -36.46
N LYS A 231 -17.20 -24.69 -37.33
CA LYS A 231 -15.84 -24.29 -37.01
C LYS A 231 -15.65 -22.78 -36.95
N ASP A 232 -16.37 -22.01 -37.77
CA ASP A 232 -16.15 -20.57 -37.87
C ASP A 232 -16.91 -19.76 -36.83
N ASN A 233 -17.98 -20.29 -36.25
CA ASN A 233 -18.67 -19.65 -35.16
C ASN A 233 -18.18 -20.27 -33.87
N PHE A 234 -17.72 -19.42 -32.95
CA PHE A 234 -17.10 -19.86 -31.71
C PHE A 234 -17.41 -18.88 -30.61
N THR A 235 -17.09 -19.27 -29.37
CA THR A 235 -17.17 -18.38 -28.22
C THR A 235 -15.79 -18.27 -27.60
N PHE A 236 -15.62 -17.33 -26.66
CA PHE A 236 -14.42 -17.34 -25.83
C PHE A 236 -14.69 -16.72 -24.45
N LYS A 237 -13.90 -17.17 -23.48
CA LYS A 237 -14.00 -16.69 -22.11
C LYS A 237 -13.23 -15.39 -21.96
N CYS A 238 -13.73 -14.52 -21.07
CA CYS A 238 -13.14 -13.20 -20.87
C CYS A 238 -13.75 -12.62 -19.59
N HIS A 239 -13.12 -11.54 -19.12
CA HIS A 239 -13.53 -10.88 -17.88
C HIS A 239 -13.75 -11.87 -16.75
N ARG A 240 -12.68 -12.62 -16.47
CA ARG A 240 -12.58 -13.52 -15.34
C ARG A 240 -11.28 -13.21 -14.60
N SER A 241 -11.18 -13.65 -13.34
CA SER A 241 -9.91 -13.56 -12.64
C SER A 241 -8.93 -14.59 -13.19
N ASN A 242 -7.68 -14.55 -12.72
CA ASN A 242 -6.66 -15.46 -13.23
C ASN A 242 -6.66 -16.81 -12.50
N PRO A 249 -10.40 -20.36 -7.02
CA PRO A 249 -11.77 -20.27 -7.57
C PRO A 249 -11.91 -19.05 -8.51
N GLN A 250 -12.40 -19.26 -9.73
CA GLN A 250 -12.40 -18.20 -10.73
C GLN A 250 -13.66 -17.34 -10.62
N ASP A 251 -13.45 -16.02 -10.59
CA ASP A 251 -14.57 -15.08 -10.62
C ASP A 251 -15.00 -14.82 -12.06
N ILE A 252 -16.30 -14.89 -12.30
CA ILE A 252 -16.92 -14.69 -13.60
C ILE A 252 -17.70 -13.39 -13.56
N TYR A 253 -17.39 -12.45 -14.47
CA TYR A 253 -18.05 -11.14 -14.49
C TYR A 253 -18.82 -10.94 -15.79
N ALA A 254 -19.68 -9.91 -15.81
CA ALA A 254 -20.48 -9.60 -16.98
C ALA A 254 -19.73 -8.73 -17.97
N VAL A 255 -19.94 -9.01 -19.24
CA VAL A 255 -19.44 -8.19 -20.34
C VAL A 255 -20.47 -7.09 -20.57
N ASN A 256 -20.10 -5.83 -20.26
CA ASN A 256 -21.02 -4.71 -20.35
C ASN A 256 -21.03 -4.04 -21.72
N GLY A 257 -19.97 -4.20 -22.52
CA GLY A 257 -19.89 -3.52 -23.79
C GLY A 257 -18.87 -4.11 -24.75
N ILE A 258 -19.22 -4.18 -26.03
CA ILE A 258 -18.31 -4.63 -27.09
C ILE A 258 -18.21 -3.55 -28.15
N ALA A 259 -17.01 -3.33 -28.67
CA ALA A 259 -16.86 -2.38 -29.76
C ALA A 259 -15.74 -2.83 -30.68
N PHE A 260 -16.00 -2.77 -31.99
CA PHE A 260 -15.02 -3.09 -33.03
C PHE A 260 -14.29 -1.83 -33.47
N HIS A 261 -12.97 -1.96 -33.63
CA HIS A 261 -12.18 -0.88 -34.23
C HIS A 261 -12.63 -0.66 -35.67
N PRO A 262 -13.07 0.54 -36.05
CA PRO A 262 -13.70 0.73 -37.37
C PRO A 262 -12.78 0.39 -38.53
N VAL A 263 -11.47 0.40 -38.31
CA VAL A 263 -10.49 0.21 -39.35
C VAL A 263 -9.78 -1.14 -39.21
N HIS A 264 -9.27 -1.46 -38.02
CA HIS A 264 -8.50 -2.68 -37.90
C HIS A 264 -9.38 -3.92 -37.74
N GLY A 265 -10.67 -3.76 -37.43
CA GLY A 265 -11.58 -4.87 -37.24
C GLY A 265 -11.32 -5.71 -36.01
N THR A 266 -10.31 -5.37 -35.20
CA THR A 266 -10.13 -5.92 -33.88
C THR A 266 -11.26 -5.43 -32.95
N LEU A 267 -11.33 -5.95 -31.72
CA LEU A 267 -12.43 -5.54 -30.85
C LEU A 267 -11.98 -5.29 -29.42
N ALA A 268 -12.76 -4.44 -28.72
CA ALA A 268 -12.60 -4.18 -27.29
C ALA A 268 -13.81 -4.72 -26.53
N THR A 269 -13.57 -5.33 -25.38
CA THR A 269 -14.63 -5.71 -24.46
C THR A 269 -14.40 -4.98 -23.14
N VAL A 270 -15.48 -4.58 -22.47
CA VAL A 270 -15.38 -4.00 -21.14
C VAL A 270 -16.34 -4.74 -20.21
N GLY A 271 -15.96 -4.88 -18.94
CA GLY A 271 -16.65 -5.78 -18.04
C GLY A 271 -16.79 -5.27 -16.61
N SER A 272 -17.73 -5.93 -15.89
CA SER A 272 -17.95 -5.70 -14.46
C SER A 272 -16.68 -5.81 -13.63
N ASP A 273 -15.70 -6.61 -14.07
CA ASP A 273 -14.43 -6.76 -13.37
C ASP A 273 -13.57 -5.48 -13.40
N GLY A 274 -14.01 -4.42 -14.07
CA GLY A 274 -13.21 -3.21 -14.11
C GLY A 274 -12.05 -3.24 -15.07
N ARG A 275 -12.07 -4.12 -16.05
CA ARG A 275 -10.99 -4.23 -17.02
C ARG A 275 -11.55 -4.12 -18.42
N PHE A 276 -10.75 -3.55 -19.32
CA PHE A 276 -11.02 -3.66 -20.75
C PHE A 276 -10.01 -4.58 -21.39
N SER A 277 -10.45 -5.29 -22.42
CA SER A 277 -9.59 -6.20 -23.15
C SER A 277 -9.71 -5.96 -24.66
N PHE A 278 -8.59 -6.13 -25.36
CA PHE A 278 -8.52 -6.01 -26.80
C PHE A 278 -8.23 -7.37 -27.41
N TRP A 279 -8.88 -7.67 -28.55
CA TRP A 279 -8.88 -9.01 -29.12
C TRP A 279 -8.70 -8.97 -30.64
N ASP A 280 -8.39 -10.14 -31.20
CA ASP A 280 -8.37 -10.38 -32.64
C ASP A 280 -9.25 -11.61 -32.90
N LYS A 281 -10.50 -11.38 -33.31
CA LYS A 281 -11.47 -12.48 -33.55
C LYS A 281 -11.01 -13.41 -34.67
N ASP A 282 -10.00 -13.01 -35.45
CA ASP A 282 -9.49 -13.82 -36.55
C ASP A 282 -8.29 -14.66 -36.15
N ALA A 283 -7.20 -14.02 -35.69
CA ALA A 283 -6.12 -14.74 -35.03
C ALA A 283 -6.59 -15.47 -33.77
N ARG A 284 -7.77 -15.12 -33.24
CA ARG A 284 -8.30 -15.72 -32.02
C ARG A 284 -7.32 -15.54 -30.86
N THR A 285 -6.83 -14.32 -30.73
CA THR A 285 -5.84 -13.97 -29.73
C THR A 285 -6.35 -12.80 -28.90
N LYS A 286 -5.69 -12.60 -27.77
CA LYS A 286 -5.90 -11.47 -26.88
C LYS A 286 -4.71 -10.53 -27.03
N LEU A 287 -5.00 -9.24 -27.25
CA LEU A 287 -3.94 -8.29 -27.50
C LEU A 287 -3.50 -7.56 -26.23
N LYS A 288 -4.45 -7.26 -25.35
CA LYS A 288 -4.16 -6.52 -24.14
C LYS A 288 -5.29 -6.80 -23.15
N THR A 289 -4.95 -6.76 -21.86
CA THR A 289 -5.93 -6.65 -20.80
C THR A 289 -5.44 -5.53 -19.89
N SER A 290 -6.32 -4.59 -19.57
CA SER A 290 -5.94 -3.46 -18.74
C SER A 290 -5.65 -3.90 -17.31
N GLU A 291 -5.18 -2.94 -16.50
CA GLU A 291 -5.17 -3.11 -15.06
C GLU A 291 -6.59 -2.98 -14.53
N GLN A 292 -6.80 -3.41 -13.29
CA GLN A 292 -8.15 -3.41 -12.73
C GLN A 292 -8.49 -2.03 -12.19
N LEU A 293 -9.44 -1.34 -12.82
CA LEU A 293 -10.08 -0.20 -12.17
C LEU A 293 -10.79 -0.65 -10.91
N ASP A 294 -11.06 0.29 -10.00
CA ASP A 294 -11.70 -0.04 -8.74
C ASP A 294 -13.25 -0.05 -8.81
N GLN A 295 -13.83 -0.01 -10.00
CA GLN A 295 -15.26 -0.23 -10.16
C GLN A 295 -15.53 -0.67 -11.60
N PRO A 296 -16.70 -1.24 -11.88
CA PRO A 296 -16.95 -1.78 -13.23
C PRO A 296 -16.74 -0.74 -14.33
N ILE A 297 -16.41 -1.23 -15.52
CA ILE A 297 -16.45 -0.39 -16.73
C ILE A 297 -17.79 -0.62 -17.40
N ALA A 298 -18.60 0.42 -17.47
CA ALA A 298 -19.98 0.24 -17.88
C ALA A 298 -20.17 0.35 -19.39
N ALA A 299 -19.43 1.25 -20.05
CA ALA A 299 -19.62 1.46 -21.48
C ALA A 299 -18.29 1.83 -22.14
N CYS A 300 -18.14 1.45 -23.39
CA CYS A 300 -16.96 1.83 -24.16
C CYS A 300 -17.39 2.21 -25.57
N CYS A 301 -16.46 2.80 -26.34
CA CYS A 301 -16.79 3.31 -27.68
C CYS A 301 -15.52 3.79 -28.37
N PHE A 302 -15.43 3.52 -29.68
CA PHE A 302 -14.37 4.02 -30.56
C PHE A 302 -14.87 5.22 -31.35
N ASN A 303 -13.97 6.12 -31.75
CA ASN A 303 -14.37 7.23 -32.59
C ASN A 303 -14.34 6.80 -34.06
N HIS A 304 -14.66 7.72 -34.97
CA HIS A 304 -14.94 7.28 -36.34
C HIS A 304 -13.75 6.55 -36.96
N ASN A 305 -12.52 7.00 -36.67
CA ASN A 305 -11.35 6.33 -37.22
C ASN A 305 -10.64 5.40 -36.24
N GLY A 306 -11.10 5.30 -34.98
CA GLY A 306 -10.49 4.37 -34.05
C GLY A 306 -9.23 4.90 -33.38
N ASN A 307 -8.94 6.18 -33.53
CA ASN A 307 -7.85 6.79 -32.79
C ASN A 307 -8.18 6.87 -31.31
N ILE A 308 -9.46 6.94 -30.96
CA ILE A 308 -9.87 7.13 -29.58
C ILE A 308 -10.69 5.93 -29.11
N PHE A 309 -10.35 5.40 -27.96
CA PHE A 309 -11.16 4.46 -27.21
C PHE A 309 -11.67 5.17 -25.96
N ALA A 310 -13.00 5.34 -25.89
CA ALA A 310 -13.66 5.88 -24.70
C ALA A 310 -14.18 4.72 -23.87
N TYR A 311 -14.00 4.79 -22.56
CA TYR A 311 -14.57 3.79 -21.69
C TYR A 311 -14.97 4.46 -20.39
N ALA A 312 -16.18 4.16 -19.91
CA ALA A 312 -16.78 4.83 -18.77
C ALA A 312 -16.70 3.93 -17.55
N SER A 313 -16.18 4.48 -16.46
CA SER A 313 -16.06 3.79 -15.19
C SER A 313 -17.25 4.18 -14.32
N SER A 314 -18.17 3.24 -14.11
CA SER A 314 -19.38 3.47 -13.31
C SER A 314 -19.90 2.15 -12.77
N TYR A 315 -20.50 2.20 -11.58
CA TYR A 315 -21.22 1.03 -11.08
C TYR A 315 -22.33 0.63 -12.05
N ASP A 316 -22.50 -0.67 -12.27
CA ASP A 316 -23.42 -1.22 -13.25
C ASP A 316 -24.54 -2.03 -12.60
N TRP A 317 -24.72 -1.91 -11.28
CA TRP A 317 -25.70 -2.66 -10.50
C TRP A 317 -25.43 -4.15 -10.50
N SER A 318 -24.23 -4.56 -10.93
CA SER A 318 -23.96 -5.99 -11.07
C SER A 318 -24.04 -6.76 -9.75
N LYS A 319 -24.02 -6.05 -8.60
CA LYS A 319 -24.17 -6.68 -7.29
C LYS A 319 -25.36 -6.12 -6.53
N GLY A 320 -26.32 -5.49 -7.23
CA GLY A 320 -27.48 -4.90 -6.61
C GLY A 320 -27.15 -3.61 -5.88
N HIS A 321 -28.16 -3.09 -5.18
CA HIS A 321 -28.06 -1.76 -4.58
C HIS A 321 -27.10 -1.68 -3.38
N GLU A 322 -26.79 -2.81 -2.71
CA GLU A 322 -25.95 -2.75 -1.51
C GLU A 322 -24.55 -2.27 -1.83
N PHE A 323 -24.09 -2.49 -3.05
CA PHE A 323 -22.74 -2.13 -3.46
C PHE A 323 -22.70 -0.81 -4.23
N TYR A 324 -23.79 -0.06 -4.22
CA TYR A 324 -23.84 1.25 -4.86
C TYR A 324 -23.37 2.31 -3.87
N ASN A 325 -22.29 2.99 -4.20
CA ASN A 325 -21.80 4.11 -3.41
C ASN A 325 -22.04 5.37 -4.23
N PRO A 326 -23.10 6.14 -3.96
CA PRO A 326 -23.38 7.32 -4.80
C PRO A 326 -22.36 8.44 -4.66
N GLN A 327 -21.50 8.43 -3.64
CA GLN A 327 -20.42 9.41 -3.55
C GLN A 327 -19.18 9.01 -4.34
N LYS A 328 -19.07 7.74 -4.75
CA LYS A 328 -18.03 7.36 -5.69
C LYS A 328 -18.25 8.11 -7.00
N LYS A 329 -17.19 8.72 -7.50
CA LYS A 329 -17.36 9.52 -8.74
C LYS A 329 -17.19 8.65 -9.97
N ASN A 330 -17.82 9.07 -11.06
CA ASN A 330 -17.73 8.35 -12.32
C ASN A 330 -16.78 9.07 -13.23
N TYR A 331 -16.13 8.30 -14.09
CA TYR A 331 -15.20 8.89 -15.05
C TYR A 331 -15.48 8.37 -16.44
N ILE A 332 -15.10 9.17 -17.43
CA ILE A 332 -14.89 8.72 -18.80
C ILE A 332 -13.40 8.85 -19.08
N PHE A 333 -12.79 7.76 -19.52
CA PHE A 333 -11.40 7.76 -19.91
C PHE A 333 -11.28 7.66 -21.42
N LEU A 334 -10.37 8.45 -21.98
CA LEU A 334 -9.98 8.42 -23.39
C LEU A 334 -8.57 7.86 -23.51
N ARG A 335 -8.41 6.88 -24.42
CA ARG A 335 -7.11 6.22 -24.60
C ARG A 335 -6.77 6.14 -26.10
N ASN A 336 -5.52 6.45 -26.44
CA ASN A 336 -5.05 6.42 -27.81
C ASN A 336 -4.93 4.98 -28.32
N ALA A 337 -5.76 4.63 -29.30
CA ALA A 337 -5.94 3.23 -29.70
C ALA A 337 -5.37 2.89 -31.07
N ALA A 338 -4.86 3.89 -31.80
CA ALA A 338 -4.35 3.69 -33.16
C ALA A 338 -3.33 2.57 -33.26
N GLU A 339 -2.42 2.44 -32.32
CA GLU A 339 -1.38 1.40 -32.45
C GLU A 339 -1.77 0.09 -31.81
N GLU A 340 -2.37 0.08 -30.63
CA GLU A 340 -2.63 -1.19 -29.92
C GLU A 340 -3.75 -2.01 -30.51
N LEU A 341 -4.58 -1.46 -31.37
CA LEU A 341 -5.65 -2.33 -31.86
C LEU A 341 -5.34 -2.87 -33.24
N LYS A 342 -4.16 -2.58 -33.74
CA LYS A 342 -3.72 -3.12 -35.03
C LYS A 342 -3.38 -4.57 -34.81
N PRO A 343 -3.66 -5.49 -35.75
CA PRO A 343 -3.30 -6.88 -35.56
C PRO A 343 -1.79 -7.12 -35.70
N ARG A 344 -1.34 -8.26 -35.19
CA ARG A 344 0.10 -8.64 -35.25
C ARG A 344 0.32 -9.60 -36.43
N PRO B 1 -42.17 -8.53 -5.25
CA PRO B 1 -41.03 -7.82 -4.63
C PRO B 1 -40.02 -7.32 -5.68
N THR B 2 -40.08 -6.02 -5.98
CA THR B 2 -39.20 -5.42 -6.98
C THR B 2 -37.81 -5.12 -6.40
N GLY B 3 -36.90 -4.74 -7.29
CA GLY B 3 -35.60 -4.28 -6.87
C GLY B 3 -34.66 -5.42 -6.49
N THR B 4 -33.77 -5.13 -5.56
CA THR B 4 -32.76 -6.09 -5.12
C THR B 4 -32.78 -6.05 -3.58
N THR B 5 -33.87 -6.56 -3.02
CA THR B 5 -34.03 -6.65 -1.57
C THR B 5 -33.41 -7.91 -1.00
N ILE B 6 -33.40 -9.00 -1.78
CA ILE B 6 -32.63 -10.20 -1.45
C ILE B 6 -31.13 -9.93 -1.54
N LYS B 7 -30.39 -10.41 -0.55
CA LYS B 7 -28.95 -10.18 -0.49
C LYS B 7 -28.24 -10.87 -1.65
N PHE B 8 -27.22 -10.19 -2.17
CA PHE B 8 -26.43 -10.75 -3.25
C PHE B 8 -25.57 -11.91 -2.77
N ASN B 9 -25.58 -13.02 -3.52
CA ASN B 9 -24.67 -14.13 -3.21
C ASN B 9 -24.20 -14.82 -4.48
N PRO B 10 -22.91 -14.75 -4.81
CA PRO B 10 -22.42 -15.26 -6.11
C PRO B 10 -22.68 -16.75 -6.24
N PRO B 11 -23.43 -17.17 -7.26
CA PRO B 11 -23.68 -18.59 -7.47
C PRO B 11 -22.40 -19.37 -7.75
N THR B 12 -22.37 -20.60 -7.27
CA THR B 12 -21.23 -21.48 -7.47
C THR B 12 -21.43 -22.36 -8.71
N GLY B 13 -20.35 -22.58 -9.44
CA GLY B 13 -20.40 -23.44 -10.60
C GLY B 13 -19.06 -24.09 -10.91
N THR B 14 -18.96 -24.72 -12.08
CA THR B 14 -17.74 -25.39 -12.47
C THR B 14 -17.52 -25.21 -13.97
N ASP B 15 -16.24 -25.12 -14.35
CA ASP B 15 -15.84 -24.89 -15.73
C ASP B 15 -14.53 -25.64 -15.96
N THR B 16 -14.01 -25.54 -17.19
CA THR B 16 -12.69 -26.06 -17.56
C THR B 16 -11.83 -24.93 -18.11
N MET B 17 -10.53 -25.04 -17.91
CA MET B 17 -9.61 -23.95 -18.19
C MET B 17 -8.40 -24.45 -18.96
N VAL B 18 -7.91 -23.59 -19.87
CA VAL B 18 -6.72 -23.89 -20.69
C VAL B 18 -5.85 -22.62 -20.82
N THR B 24 -6.59 -27.15 -14.80
CA THR B 24 -7.47 -27.42 -15.93
C THR B 24 -8.93 -27.49 -15.50
N ASN B 25 -9.22 -28.16 -14.38
CA ASN B 25 -10.58 -28.19 -13.86
C ASN B 25 -10.67 -27.24 -12.66
N ILE B 26 -11.65 -26.33 -12.70
CA ILE B 26 -11.78 -25.26 -11.72
C ILE B 26 -13.22 -25.12 -11.26
N SER B 27 -13.38 -24.43 -10.13
CA SER B 27 -14.69 -24.00 -9.65
C SER B 27 -14.81 -22.49 -9.75
N THR B 28 -16.05 -22.02 -9.93
CA THR B 28 -16.30 -20.62 -10.26
C THR B 28 -17.28 -20.00 -9.28
N LYS B 29 -17.15 -18.68 -9.11
CA LYS B 29 -18.17 -17.86 -8.49
C LYS B 29 -18.60 -16.80 -9.50
N HIS B 30 -19.92 -16.63 -9.65
CA HIS B 30 -20.50 -15.74 -10.66
C HIS B 30 -20.87 -14.41 -10.00
N GLN B 31 -20.04 -13.39 -10.24
CA GLN B 31 -20.19 -12.07 -9.60
C GLN B 31 -21.16 -11.17 -10.35
N CYS B 32 -22.37 -11.67 -10.59
CA CYS B 32 -23.41 -10.91 -11.28
C CYS B 32 -24.73 -11.25 -10.60
N ILE B 33 -25.44 -10.23 -10.16
CA ILE B 33 -26.62 -10.51 -9.33
C ILE B 33 -27.69 -11.25 -10.13
N THR B 34 -27.72 -11.09 -11.47
CA THR B 34 -28.77 -11.75 -12.26
C THR B 34 -28.47 -13.22 -12.54
N ALA B 35 -27.35 -13.73 -12.06
CA ALA B 35 -27.08 -15.15 -12.09
C ALA B 35 -27.78 -15.92 -10.97
N MET B 36 -28.09 -15.27 -9.85
CA MET B 36 -28.91 -15.89 -8.80
C MET B 36 -30.29 -16.22 -9.34
N LYS B 37 -30.87 -17.31 -8.84
CA LYS B 37 -32.20 -17.70 -9.32
C LYS B 37 -33.26 -16.67 -8.97
N GLU B 38 -33.05 -15.94 -7.88
CA GLU B 38 -34.00 -14.94 -7.41
C GLU B 38 -34.15 -13.78 -8.38
N TYR B 39 -33.22 -13.63 -9.32
CA TYR B 39 -33.20 -12.46 -10.18
C TYR B 39 -33.02 -12.79 -11.66
N GLU B 40 -33.00 -14.08 -12.02
CA GLU B 40 -32.50 -14.48 -13.33
C GLU B 40 -33.44 -14.14 -14.47
N SER B 41 -34.63 -13.61 -14.17
CA SER B 41 -35.58 -13.20 -15.19
C SER B 41 -35.57 -11.70 -15.44
N LYS B 42 -34.67 -10.95 -14.78
CA LYS B 42 -34.57 -9.50 -14.97
C LYS B 42 -33.14 -9.13 -15.30
N SER B 43 -32.99 -8.03 -16.05
CA SER B 43 -31.67 -7.52 -16.40
C SER B 43 -31.15 -6.59 -15.30
N LEU B 44 -29.85 -6.25 -15.40
CA LEU B 44 -29.27 -5.32 -14.44
C LEU B 44 -29.96 -3.96 -14.49
N GLU B 45 -30.27 -3.47 -15.69
CA GLU B 45 -30.88 -2.15 -15.79
C GLU B 45 -32.32 -2.17 -15.27
N GLU B 46 -33.05 -3.25 -15.52
CA GLU B 46 -34.40 -3.38 -14.97
C GLU B 46 -34.34 -3.36 -13.44
N LEU B 47 -33.45 -4.16 -12.87
CA LEU B 47 -33.29 -4.22 -11.42
C LEU B 47 -32.94 -2.86 -10.84
N ARG B 48 -32.00 -2.16 -11.50
CA ARG B 48 -31.58 -0.86 -10.98
C ARG B 48 -32.69 0.17 -11.09
N LEU B 49 -33.41 0.20 -12.23
CA LEU B 49 -34.51 1.16 -12.36
C LEU B 49 -35.55 0.95 -11.27
N GLU B 50 -35.91 -0.31 -10.98
CA GLU B 50 -36.92 -0.44 -9.94
C GLU B 50 -36.35 -0.20 -8.54
N ASP B 51 -35.05 -0.40 -8.31
CA ASP B 51 -34.42 0.11 -7.11
C ASP B 51 -34.44 1.64 -7.08
N TYR B 52 -34.27 2.29 -8.23
CA TYR B 52 -34.29 3.75 -8.25
C TYR B 52 -35.68 4.28 -7.95
N GLN B 53 -36.71 3.64 -8.51
CA GLN B 53 -38.08 4.07 -8.25
C GLN B 53 -38.52 3.80 -6.83
N ALA B 54 -37.87 2.88 -6.13
CA ALA B 54 -38.08 2.66 -4.71
C ALA B 54 -37.19 3.53 -3.83
N ASN B 55 -36.49 4.52 -4.41
CA ASN B 55 -35.48 5.31 -3.68
C ASN B 55 -34.53 4.43 -2.88
N ARG B 56 -34.25 3.24 -3.41
CA ARG B 56 -33.37 2.26 -2.77
C ARG B 56 -31.93 2.40 -3.30
N LYS B 57 -31.39 3.60 -3.18
CA LYS B 57 -30.02 3.89 -3.61
C LYS B 57 -29.00 3.76 -2.46
N ALA C 5 -11.80 -22.94 39.09
CA ALA C 5 -11.50 -21.84 38.16
C ALA C 5 -11.88 -20.49 38.75
N PRO C 6 -11.00 -19.52 38.58
CA PRO C 6 -11.20 -18.20 39.20
C PRO C 6 -12.21 -17.34 38.45
N SER C 7 -12.91 -16.51 39.20
CA SER C 7 -14.00 -15.73 38.62
C SER C 7 -14.00 -14.31 39.17
N ILE C 8 -14.50 -13.40 38.34
CA ILE C 8 -14.88 -12.06 38.75
C ILE C 8 -16.40 -12.09 38.79
N ILE C 9 -16.97 -12.19 39.98
CA ILE C 9 -18.40 -12.35 40.15
C ILE C 9 -18.97 -11.01 40.58
N LEU C 10 -19.63 -10.32 39.65
CA LEU C 10 -20.29 -9.06 39.94
C LEU C 10 -21.76 -9.27 40.34
N ASN C 11 -22.52 -8.16 40.42
CA ASN C 11 -23.95 -8.25 40.72
C ASN C 11 -24.73 -8.79 39.53
N HIS C 12 -24.20 -8.61 38.31
CA HIS C 12 -24.95 -8.96 37.11
C HIS C 12 -24.18 -9.86 36.14
N TRP C 13 -22.88 -10.03 36.30
CA TRP C 13 -22.08 -10.82 35.39
C TRP C 13 -21.13 -11.72 36.16
N CYS C 14 -20.93 -12.92 35.66
CA CYS C 14 -19.83 -13.77 36.10
C CYS C 14 -18.90 -13.98 34.92
N VAL C 15 -17.62 -13.71 35.13
CA VAL C 15 -16.58 -13.98 34.14
C VAL C 15 -15.65 -14.97 34.79
N THR C 16 -15.46 -16.13 34.16
CA THR C 16 -14.46 -17.05 34.68
C THR C 16 -13.36 -17.36 33.67
N TRP C 17 -12.14 -17.47 34.15
CA TRP C 17 -10.98 -17.89 33.34
C TRP C 17 -10.96 -19.41 33.34
N GLN C 18 -11.03 -20.04 32.18
CA GLN C 18 -11.13 -21.51 32.12
C GLN C 18 -9.84 -22.16 31.68
N GLY C 19 -8.71 -21.50 31.85
CA GLY C 19 -7.43 -22.09 31.44
C GLY C 19 -6.88 -21.53 30.16
N HIS C 20 -7.69 -21.42 29.11
CA HIS C 20 -7.23 -20.90 27.81
C HIS C 20 -8.05 -19.70 27.37
N HIS C 21 -9.19 -19.45 27.96
CA HIS C 21 -10.06 -18.36 27.48
C HIS C 21 -11.03 -17.93 28.58
N PHE C 22 -11.80 -16.90 28.32
CA PHE C 22 -12.77 -16.43 29.33
C PHE C 22 -14.19 -16.82 28.96
N LEU C 23 -14.92 -17.48 29.88
CA LEU C 23 -16.40 -17.66 29.77
C LEU C 23 -17.09 -16.52 30.51
N CYS C 24 -18.10 -15.90 29.89
CA CYS C 24 -18.83 -14.81 30.51
C CYS C 24 -20.31 -15.13 30.48
N ARG C 25 -21.02 -14.76 31.53
CA ARG C 25 -22.40 -15.19 31.71
C ARG C 25 -23.15 -14.08 32.43
N ASN C 26 -24.36 -13.79 32.00
CA ASN C 26 -25.19 -12.84 32.74
C ASN C 26 -25.80 -13.53 33.96
N LEU C 27 -25.86 -12.82 35.09
CA LEU C 27 -26.38 -13.38 36.33
C LEU C 27 -27.79 -12.92 36.63
N SER C 28 -28.37 -12.08 35.76
CA SER C 28 -29.74 -11.61 35.92
C SER C 28 -30.35 -11.38 34.54
N ASN C 29 -31.65 -11.07 34.54
CA ASN C 29 -32.46 -10.99 33.33
C ASN C 29 -32.15 -9.72 32.54
N ILE C 30 -31.78 -9.86 31.27
CA ILE C 30 -31.43 -8.73 30.40
C ILE C 30 -32.66 -8.38 29.56
N LYS C 31 -33.19 -7.17 29.76
CA LYS C 31 -34.31 -6.70 28.96
C LYS C 31 -33.83 -6.20 27.59
N ILE C 32 -34.49 -6.63 26.51
CA ILE C 32 -34.15 -6.24 25.13
C ILE C 32 -35.19 -5.24 24.62
N LEU C 33 -34.80 -3.98 24.46
CA LEU C 33 -35.75 -2.93 24.10
C LEU C 33 -35.57 -2.41 22.67
N ASN C 34 -34.41 -1.84 22.33
CA ASN C 34 -34.28 -1.00 21.13
C ASN C 34 -33.45 -1.72 20.08
N ARG C 35 -34.05 -2.73 19.44
CA ARG C 35 -33.37 -3.42 18.36
C ARG C 35 -33.20 -2.45 17.19
N ARG C 36 -31.95 -2.09 16.89
CA ARG C 36 -31.57 -1.30 15.73
C ARG C 36 -30.76 -2.16 14.78
N ASN C 37 -31.28 -2.37 13.58
CA ASN C 37 -30.69 -3.33 12.63
C ASN C 37 -30.62 -4.73 13.23
N GLY C 38 -31.61 -5.09 14.04
CA GLY C 38 -31.63 -6.37 14.74
C GLY C 38 -30.61 -6.54 15.84
N TYR C 39 -30.20 -5.46 16.50
CA TYR C 39 -29.11 -5.52 17.46
C TYR C 39 -29.38 -4.56 18.61
N THR C 40 -29.25 -5.06 19.83
CA THR C 40 -29.25 -4.23 21.03
C THR C 40 -27.85 -4.23 21.62
N THR C 41 -27.38 -3.07 22.06
CA THR C 41 -26.06 -2.98 22.68
C THR C 41 -26.21 -3.02 24.18
N LEU C 42 -25.15 -3.49 24.83
CA LEU C 42 -25.18 -3.68 26.26
C LEU C 42 -23.76 -3.55 26.77
N ASP C 43 -23.58 -2.82 27.85
CA ASP C 43 -22.26 -2.61 28.41
C ASP C 43 -22.04 -3.53 29.60
N LEU C 44 -20.84 -3.98 29.72
CA LEU C 44 -20.35 -4.65 30.92
C LEU C 44 -19.59 -3.66 31.80
N PRO C 45 -19.57 -3.89 33.11
CA PRO C 45 -18.75 -3.06 34.00
C PRO C 45 -17.34 -3.61 34.22
N LEU C 46 -16.79 -4.34 33.24
CA LEU C 46 -15.41 -4.84 33.30
C LEU C 46 -14.67 -4.44 32.04
N THR C 47 -13.37 -4.20 32.19
CA THR C 47 -12.50 -3.94 31.05
C THR C 47 -11.62 -5.17 30.80
N LEU C 48 -10.99 -5.20 29.63
CA LEU C 48 -10.01 -6.25 29.41
C LEU C 48 -8.86 -6.13 30.40
N GLY C 49 -8.60 -4.92 30.87
CA GLY C 49 -7.60 -4.77 31.93
C GLY C 49 -8.03 -5.43 33.21
N ASP C 50 -9.30 -5.35 33.58
CA ASP C 50 -9.79 -6.01 34.82
C ASP C 50 -9.61 -7.53 34.72
N LEU C 51 -9.77 -8.09 33.53
CA LEU C 51 -9.72 -9.54 33.32
C LEU C 51 -8.29 -10.03 33.18
N THR C 52 -7.38 -9.19 32.73
CA THR C 52 -6.01 -9.64 32.45
C THR C 52 -5.02 -9.22 33.54
N GLN C 53 -5.39 -8.35 34.46
CA GLN C 53 -4.40 -7.82 35.40
C GLN C 53 -5.02 -7.41 36.72
N TYR C 54 -6.05 -6.57 36.72
CA TYR C 54 -6.64 -6.02 37.96
C TYR C 54 -7.56 -6.97 38.70
N ARG C 55 -8.51 -7.61 38.05
CA ARG C 55 -9.47 -8.46 38.80
C ARG C 55 -9.09 -9.94 38.62
N LEU C 56 -7.98 -10.19 37.91
CA LEU C 56 -7.52 -11.59 37.67
C LEU C 56 -5.99 -11.60 37.54
N ALA C 57 -5.33 -12.57 38.19
CA ALA C 57 -3.86 -12.71 38.13
C ALA C 57 -3.49 -14.05 37.50
N HIS C 58 -3.11 -14.04 36.21
CA HIS C 58 -2.74 -15.27 35.48
C HIS C 58 -1.27 -15.63 35.75
N GLY C 59 -1.01 -16.84 36.24
CA GLY C 59 0.36 -17.30 36.52
C GLY C 59 1.09 -16.36 37.47
N LEU C 60 2.37 -16.09 37.19
CA LEU C 60 3.20 -15.19 38.04
C LEU C 60 3.62 -13.97 37.21
N SER C 61 2.91 -13.70 36.11
CA SER C 61 3.23 -12.55 35.23
C SER C 61 2.54 -11.28 35.76
N GLU C 62 2.84 -10.13 35.15
CA GLU C 62 2.23 -8.84 35.59
C GLU C 62 0.91 -8.62 34.84
N ASN C 63 0.63 -9.47 33.84
CA ASN C 63 -0.60 -9.39 33.02
C ASN C 63 -0.68 -10.66 32.16
N LEU C 64 -1.90 -11.16 31.89
CA LEU C 64 -2.00 -12.38 31.08
C LEU C 64 -1.32 -12.19 29.73
N MET C 65 -1.42 -10.99 29.15
CA MET C 65 -0.84 -10.72 27.84
C MET C 65 0.68 -10.64 27.89
N ALA C 66 1.29 -10.70 29.08
CA ALA C 66 2.74 -10.88 29.17
C ALA C 66 3.16 -12.35 29.15
N LEU C 67 2.24 -13.27 29.36
CA LEU C 67 2.60 -14.68 29.30
C LEU C 67 2.74 -15.14 27.87
N SER C 68 3.85 -15.76 27.54
CA SER C 68 3.94 -16.42 26.25
C SER C 68 3.06 -17.67 26.28
N PRO C 69 2.33 -17.96 25.20
CA PRO C 69 2.27 -17.23 23.93
C PRO C 69 1.12 -16.20 23.82
N TYR C 70 0.43 -15.91 24.92
CA TYR C 70 -0.69 -14.97 24.88
C TYR C 70 -0.26 -13.59 24.43
N SER C 71 1.01 -13.23 24.68
CA SER C 71 1.57 -11.96 24.21
C SER C 71 1.48 -11.78 22.69
N TRP C 72 1.40 -12.85 21.92
CA TRP C 72 1.30 -12.74 20.47
C TRP C 72 -0.13 -12.97 19.94
N THR C 73 -1.12 -13.09 20.81
CA THR C 73 -2.50 -13.31 20.42
C THR C 73 -3.27 -12.00 20.34
N ILE C 74 -4.39 -12.04 19.65
CA ILE C 74 -5.37 -10.95 19.56
C ILE C 74 -6.54 -11.31 20.48
N PRO C 75 -6.90 -10.47 21.45
CA PRO C 75 -8.09 -10.77 22.28
C PRO C 75 -9.36 -10.61 21.44
N PHE C 76 -10.24 -11.61 21.50
CA PHE C 76 -11.32 -11.69 20.53
C PHE C 76 -12.61 -12.08 21.26
N LEU C 77 -13.55 -11.14 21.37
CA LEU C 77 -14.86 -11.39 21.95
C LEU C 77 -15.77 -12.05 20.91
N VAL C 78 -16.23 -13.24 21.23
CA VAL C 78 -16.99 -14.07 20.27
C VAL C 78 -18.12 -14.79 21.01
N SER C 79 -19.22 -14.95 20.32
CA SER C 79 -20.42 -15.63 20.84
C SER C 79 -20.19 -17.11 21.11
N SER C 80 -20.96 -17.65 22.03
CA SER C 80 -20.90 -19.08 22.37
C SER C 80 -21.71 -19.87 21.35
N SER C 81 -21.32 -21.11 21.14
CA SER C 81 -21.99 -22.10 20.26
C SER C 81 -23.17 -22.77 20.98
N GLU C 82 -23.34 -22.48 22.26
CA GLU C 82 -24.37 -23.09 23.12
C GLU C 82 -25.40 -22.07 23.51
N THR C 83 -25.65 -21.06 22.69
CA THR C 83 -26.65 -20.04 22.98
C THR C 83 -27.69 -20.02 21.87
N PRO C 84 -28.54 -21.05 21.79
CA PRO C 84 -29.57 -21.08 20.74
C PRO C 84 -30.49 -19.88 20.82
N GLY C 85 -30.65 -19.18 19.72
CA GLY C 85 -31.46 -17.99 19.69
C GLY C 85 -30.74 -16.69 20.00
N ILE C 86 -29.44 -16.75 20.31
CA ILE C 86 -28.64 -15.59 20.74
C ILE C 86 -27.29 -15.65 20.04
N GLU C 87 -26.93 -14.55 19.37
CA GLU C 87 -25.57 -14.41 18.83
C GLU C 87 -25.07 -12.98 19.07
N LEU C 88 -23.74 -12.86 19.20
CA LEU C 88 -23.10 -11.57 19.43
C LEU C 88 -22.28 -11.17 18.21
N LEU C 89 -22.29 -9.89 17.91
CA LEU C 89 -21.32 -9.35 16.98
C LEU C 89 -19.92 -9.55 17.54
N PRO C 90 -19.05 -10.26 16.85
CA PRO C 90 -17.68 -10.43 17.35
C PRO C 90 -16.90 -9.14 17.16
N LYS C 91 -15.91 -8.92 18.04
CA LYS C 91 -15.09 -7.69 17.98
C LYS C 91 -13.77 -7.90 18.73
N VAL C 92 -12.67 -7.42 18.14
CA VAL C 92 -11.35 -7.51 18.75
C VAL C 92 -11.30 -6.54 19.91
N ILE C 93 -10.81 -6.99 21.06
CA ILE C 93 -10.64 -6.10 22.22
C ILE C 93 -9.19 -5.64 22.21
N ASN C 94 -8.94 -4.53 21.50
CA ASN C 94 -7.64 -3.88 21.39
C ASN C 94 -7.51 -2.65 22.29
N ASP C 95 -8.18 -2.64 23.43
CA ASP C 95 -8.27 -1.48 24.31
C ASP C 95 -8.49 -2.04 25.71
N PHE C 96 -7.54 -1.85 26.62
CA PHE C 96 -7.64 -2.45 27.96
C PHE C 96 -8.45 -1.63 28.96
N GLY C 97 -8.67 -0.34 28.69
CA GLY C 97 -9.36 0.52 29.64
C GLY C 97 -10.80 0.88 29.32
N THR C 98 -11.34 0.44 28.15
CA THR C 98 -12.75 0.73 27.87
C THR C 98 -13.63 -0.43 28.30
N PRO C 99 -14.64 -0.20 29.13
CA PRO C 99 -15.53 -1.29 29.53
C PRO C 99 -16.04 -2.06 28.33
N LEU C 100 -16.06 -3.37 28.47
CA LEU C 100 -16.51 -4.26 27.41
C LEU C 100 -17.96 -3.97 27.09
N SER C 101 -18.30 -4.02 25.80
CA SER C 101 -19.65 -3.76 25.32
C SER C 101 -20.00 -4.79 24.26
N LEU C 102 -21.28 -5.16 24.22
CA LEU C 102 -21.78 -6.25 23.39
C LEU C 102 -22.87 -5.76 22.44
N ALA C 103 -22.93 -6.40 21.28
CA ALA C 103 -23.99 -6.21 20.30
C ALA C 103 -24.73 -7.54 20.18
N ILE C 104 -25.98 -7.56 20.64
CA ILE C 104 -26.72 -8.80 20.85
C ILE C 104 -27.83 -8.88 19.81
N LYS C 105 -27.91 -10.02 19.12
CA LYS C 105 -29.00 -10.32 18.19
C LYS C 105 -29.84 -11.45 18.77
N THR C 106 -31.08 -11.14 19.10
CA THR C 106 -32.01 -12.15 19.58
C THR C 106 -33.41 -11.72 19.18
N ASN C 107 -34.35 -12.67 19.21
CA ASN C 107 -35.74 -12.32 19.00
C ASN C 107 -36.52 -12.26 20.30
N LEU C 108 -35.96 -12.80 21.39
CA LEU C 108 -36.59 -12.71 22.69
C LEU C 108 -36.75 -11.24 23.11
N PRO C 109 -37.84 -10.89 23.79
CA PRO C 109 -37.92 -9.56 24.41
C PRO C 109 -37.06 -9.40 25.65
N SER C 110 -36.51 -10.52 26.11
CA SER C 110 -35.69 -10.55 27.35
C SER C 110 -34.85 -11.82 27.35
N ILE C 111 -33.66 -11.74 27.94
CA ILE C 111 -32.77 -12.89 28.01
C ILE C 111 -32.74 -13.39 29.45
N PRO C 112 -33.17 -14.63 29.71
CA PRO C 112 -33.12 -15.15 31.09
C PRO C 112 -31.70 -15.11 31.65
N ALA C 113 -31.62 -14.98 32.97
CA ALA C 113 -30.38 -15.18 33.70
C ALA C 113 -29.64 -16.42 33.20
N HIS C 114 -28.31 -16.33 33.14
CA HIS C 114 -27.39 -17.42 32.82
C HIS C 114 -27.40 -17.84 31.37
N GLN C 115 -28.17 -17.19 30.50
CA GLN C 115 -28.28 -17.67 29.13
C GLN C 115 -27.46 -16.87 28.13
N LEU C 116 -27.10 -15.63 28.45
CA LEU C 116 -26.19 -14.88 27.59
C LEU C 116 -24.76 -15.29 27.92
N LEU C 117 -24.25 -16.30 27.22
CA LEU C 117 -22.86 -16.76 27.35
C LEU C 117 -22.02 -16.19 26.21
N PHE C 118 -20.78 -15.79 26.52
CA PHE C 118 -19.87 -15.45 25.44
C PHE C 118 -18.43 -15.58 25.90
N TYR C 119 -17.54 -15.73 24.93
CA TYR C 119 -16.14 -15.99 25.17
C TYR C 119 -15.29 -14.79 24.82
N ILE C 120 -14.22 -14.59 25.58
CA ILE C 120 -13.06 -13.85 25.10
C ILE C 120 -11.94 -14.86 24.91
N ILE C 121 -11.64 -15.16 23.66
CA ILE C 121 -10.57 -16.09 23.32
C ILE C 121 -9.35 -15.30 22.90
N PHE C 122 -8.26 -16.00 22.63
CA PHE C 122 -7.00 -15.34 22.33
C PHE C 122 -6.47 -15.92 21.03
N LEU C 123 -6.61 -15.12 19.98
CA LEU C 123 -6.56 -15.59 18.61
C LEU C 123 -5.18 -15.28 18.05
N ARG C 124 -4.44 -16.33 17.73
CA ARG C 124 -3.07 -16.18 17.24
C ARG C 124 -3.11 -16.16 15.73
N PRO C 125 -2.84 -15.02 15.09
CA PRO C 125 -3.03 -14.92 13.64
C PRO C 125 -2.01 -15.79 12.89
N SER C 126 -2.24 -15.93 11.59
CA SER C 126 -1.24 -16.56 10.76
C SER C 126 0.06 -15.77 10.85
N PRO C 127 1.21 -16.45 10.87
CA PRO C 127 2.46 -15.75 11.18
C PRO C 127 2.91 -14.84 10.04
N LEU C 128 3.75 -13.88 10.36
CA LEU C 128 4.27 -12.89 9.37
C LEU C 128 4.98 -13.57 8.19
N THR C 129 5.65 -14.68 8.45
CA THR C 129 6.37 -15.40 7.40
C THR C 129 5.45 -15.96 6.31
N SER C 130 4.13 -15.79 6.40
CA SER C 130 3.23 -16.21 5.34
C SER C 130 2.74 -15.03 4.53
N MET C 131 3.26 -13.84 4.81
CA MET C 131 2.91 -12.63 4.10
C MET C 131 4.16 -12.02 3.49
N SER C 132 3.96 -11.31 2.38
CA SER C 132 5.07 -10.65 1.70
C SER C 132 4.53 -9.68 0.65
N CYS C 133 5.40 -8.76 0.24
CA CYS C 133 5.07 -7.75 -0.75
C CYS C 133 5.70 -8.08 -2.09
N TYR C 134 5.03 -7.65 -3.15
CA TYR C 134 5.48 -7.87 -4.50
C TYR C 134 6.24 -6.65 -4.98
N ALA C 135 7.38 -6.89 -5.61
CA ALA C 135 8.09 -5.87 -6.39
C ALA C 135 7.75 -6.12 -7.86
N ARG C 136 6.91 -5.23 -8.44
CA ARG C 136 6.46 -5.47 -9.81
C ARG C 136 7.47 -4.94 -10.81
N PRO C 137 7.85 -5.73 -11.82
CA PRO C 137 8.85 -5.25 -12.79
C PRO C 137 8.24 -4.20 -13.73
N LEU C 138 8.95 -3.08 -13.87
CA LEU C 138 8.55 -2.01 -14.77
C LEU C 138 9.77 -1.52 -15.55
N SER C 139 9.50 -0.86 -16.67
CA SER C 139 10.56 -0.28 -17.50
C SER C 139 10.91 1.09 -16.93
N LEU C 140 12.00 1.16 -16.17
CA LEU C 140 12.48 2.43 -15.63
C LEU C 140 13.97 2.60 -15.93
N ALA C 141 14.38 3.85 -16.11
CA ALA C 141 15.74 4.16 -16.51
C ALA C 141 16.58 4.51 -15.30
N SER C 142 17.89 4.28 -15.43
CA SER C 142 18.83 4.79 -14.44
C SER C 142 18.71 6.31 -14.36
N THR C 143 18.82 6.82 -13.13
CA THR C 143 18.90 8.25 -12.91
C THR C 143 20.34 8.73 -13.20
N PRO C 144 20.51 9.95 -13.73
CA PRO C 144 21.87 10.44 -14.06
C PRO C 144 22.82 10.54 -12.85
N SER C 145 22.30 10.92 -11.68
CA SER C 145 23.04 10.88 -10.43
C SER C 145 22.37 9.86 -9.51
N THR C 146 23.12 8.81 -9.14
CA THR C 146 22.65 7.80 -8.20
C THR C 146 22.19 8.46 -6.90
N ASN C 147 21.14 7.89 -6.28
CA ASN C 147 20.36 8.59 -5.26
C ASN C 147 20.65 8.18 -3.82
N GLY C 148 21.03 6.94 -3.56
CA GLY C 148 21.36 6.63 -2.18
C GLY C 148 22.09 5.32 -2.04
N LEU C 149 22.02 4.79 -0.83
CA LEU C 149 22.86 3.67 -0.41
C LEU C 149 22.00 2.42 -0.16
N CYS C 150 22.43 1.31 -0.77
CA CYS C 150 21.70 0.01 -0.65
C CYS C 150 22.71 -1.06 -0.25
N GLN C 151 22.77 -1.38 1.05
CA GLN C 151 23.71 -2.36 1.57
C GLN C 151 22.99 -3.65 1.96
N SER C 152 23.46 -4.77 1.41
CA SER C 152 22.99 -6.09 1.85
C SER C 152 23.46 -6.36 3.29
N VAL C 153 22.63 -7.08 4.05
CA VAL C 153 22.89 -7.30 5.46
C VAL C 153 22.05 -8.48 5.91
N SER C 154 22.55 -9.23 6.89
CA SER C 154 21.72 -10.24 7.53
C SER C 154 20.67 -9.56 8.41
N VAL C 155 19.45 -10.10 8.35
CA VAL C 155 18.31 -9.56 9.16
C VAL C 155 17.63 -10.71 9.89
N LEU C 156 16.86 -10.40 10.94
CA LEU C 156 16.13 -11.43 11.73
C LEU C 156 17.09 -12.55 12.13
N ASP C 157 16.75 -13.80 11.76
CA ASP C 157 17.60 -14.97 12.08
C ASP C 157 18.62 -15.19 10.95
N ASN C 158 19.53 -14.22 10.77
CA ASN C 158 20.57 -14.31 9.72
C ASN C 158 19.91 -14.62 8.37
N LYS C 159 19.00 -13.75 7.92
CA LYS C 159 18.29 -13.94 6.62
C LYS C 159 18.72 -12.85 5.64
N PRO C 160 18.43 -12.99 4.33
CA PRO C 160 18.82 -11.97 3.34
C PRO C 160 18.09 -10.65 3.56
N GLY C 161 18.81 -9.60 3.94
CA GLY C 161 18.23 -8.30 4.19
C GLY C 161 18.75 -7.27 3.20
N LEU C 162 18.20 -6.07 3.32
CA LEU C 162 18.59 -4.97 2.45
C LEU C 162 18.29 -3.67 3.17
N LEU C 163 19.31 -2.88 3.49
CA LEU C 163 19.13 -1.61 4.16
C LEU C 163 19.31 -0.50 3.15
N ILE C 164 18.27 0.33 2.99
CA ILE C 164 18.23 1.38 1.98
C ILE C 164 18.33 2.74 2.66
N THR C 165 19.23 3.59 2.17
CA THR C 165 19.36 4.95 2.66
C THR C 165 19.21 5.89 1.48
N THR C 166 18.18 6.74 1.52
CA THR C 166 17.87 7.61 0.38
C THR C 166 16.98 8.76 0.83
N PRO C 167 17.14 9.95 0.25
CA PRO C 167 16.13 10.99 0.43
C PRO C 167 14.97 10.79 -0.53
N LEU C 168 13.79 11.24 -0.10
CA LEU C 168 12.60 11.16 -0.92
C LEU C 168 12.16 12.56 -1.30
N HIS C 169 11.74 12.73 -2.56
CA HIS C 169 11.27 14.01 -3.06
C HIS C 169 9.80 13.90 -3.42
N ARG C 170 9.02 14.89 -2.98
CA ARG C 170 7.61 14.94 -3.32
C ARG C 170 7.44 15.10 -4.82
N ASP C 171 6.71 14.19 -5.43
CA ASP C 171 6.18 14.45 -6.76
C ASP C 171 5.10 15.51 -6.65
N PRO C 172 5.26 16.69 -7.26
CA PRO C 172 4.20 17.71 -7.20
C PRO C 172 2.91 17.30 -7.90
N ALA C 173 2.99 16.36 -8.85
CA ALA C 173 1.78 15.85 -9.51
C ALA C 173 0.97 14.96 -8.57
N SER C 174 1.56 13.86 -8.10
CA SER C 174 0.85 12.86 -7.30
C SER C 174 0.90 13.09 -5.80
N GLY C 175 1.86 13.88 -5.31
CA GLY C 175 2.05 14.05 -3.89
C GLY C 175 2.78 12.90 -3.22
N LYS C 176 3.21 11.90 -3.97
CA LYS C 176 3.90 10.76 -3.42
C LYS C 176 5.40 11.04 -3.34
N TYR C 177 6.04 10.54 -2.28
CA TYR C 177 7.46 10.71 -2.08
C TYR C 177 8.24 9.56 -2.72
N THR C 178 9.11 9.89 -3.68
CA THR C 178 9.73 8.92 -4.57
C THR C 178 11.25 8.99 -4.47
N SER C 179 11.89 7.87 -4.81
CA SER C 179 13.32 7.83 -5.04
C SER C 179 13.69 6.58 -5.82
N ASN C 180 14.69 6.69 -6.68
CA ASN C 180 15.14 5.60 -7.54
C ASN C 180 16.56 5.27 -7.15
N VAL C 181 16.76 4.10 -6.55
CA VAL C 181 18.07 3.66 -6.08
C VAL C 181 18.44 2.37 -6.79
N GLN C 182 19.68 1.92 -6.58
CA GLN C 182 20.21 0.73 -7.21
C GLN C 182 20.65 -0.24 -6.13
N SER C 183 20.21 -1.52 -6.23
CA SER C 183 20.54 -2.46 -5.16
C SER C 183 21.53 -3.51 -5.66
N PRO C 184 22.41 -4.00 -4.77
CA PRO C 184 23.28 -5.11 -5.17
C PRO C 184 22.51 -6.40 -5.38
N THR C 185 21.57 -6.69 -4.49
CA THR C 185 20.86 -7.96 -4.47
C THR C 185 19.54 -7.84 -5.23
N THR C 186 19.28 -8.82 -6.11
CA THR C 186 17.99 -8.94 -6.76
C THR C 186 17.01 -9.64 -5.81
N PHE C 187 15.72 -9.34 -5.97
CA PHE C 187 14.69 -9.98 -5.15
C PHE C 187 13.33 -9.78 -5.79
N ASN C 188 12.40 -10.68 -5.45
CA ASN C 188 11.03 -10.59 -5.93
C ASN C 188 10.02 -10.26 -4.84
N LEU C 189 10.15 -10.85 -3.66
CA LEU C 189 9.24 -10.60 -2.55
C LEU C 189 10.01 -10.00 -1.38
N PHE C 190 9.31 -9.26 -0.53
CA PHE C 190 9.99 -8.59 0.57
C PHE C 190 9.03 -8.31 1.72
N ARG C 191 9.63 -8.08 2.89
CA ARG C 191 8.93 -7.72 4.15
C ARG C 191 9.63 -6.49 4.75
N VAL C 192 8.87 -5.42 5.03
CA VAL C 192 9.41 -4.17 5.56
C VAL C 192 9.54 -4.31 7.06
N LEU C 193 10.78 -4.26 7.57
CA LEU C 193 11.02 -4.40 8.99
C LEU C 193 10.88 -3.09 9.74
N TYR C 194 11.24 -1.96 9.12
CA TYR C 194 10.92 -0.64 9.67
C TYR C 194 11.17 0.42 8.61
N ILE C 195 10.52 1.58 8.80
CA ILE C 195 10.77 2.78 8.02
C ILE C 195 11.00 3.93 8.99
N LYS C 196 12.13 4.63 8.83
CA LYS C 196 12.50 5.81 9.62
C LYS C 196 12.49 7.03 8.72
N LEU C 197 11.69 8.04 9.07
CA LEU C 197 11.53 9.25 8.28
C LEU C 197 11.96 10.49 9.07
N SER C 198 12.71 11.39 8.42
CA SER C 198 13.18 12.63 9.02
C SER C 198 12.88 13.81 8.11
N GLY C 199 12.71 14.99 8.73
CA GLY C 199 12.40 16.22 8.02
C GLY C 199 12.33 17.45 8.90
N GLN C 206 6.58 7.87 9.76
CA GLN C 206 5.63 7.55 10.82
C GLN C 206 4.19 7.52 10.32
N LYS C 207 3.69 8.68 9.89
CA LYS C 207 2.31 8.77 9.31
C LYS C 207 2.39 8.26 7.87
N VAL C 208 2.80 7.00 7.71
CA VAL C 208 3.00 6.40 6.39
C VAL C 208 1.78 5.56 6.05
N LYS C 209 1.10 6.00 5.04
CA LYS C 209 -0.04 5.18 4.69
C LYS C 209 0.50 3.89 4.11
N HIS C 210 1.15 3.91 2.94
CA HIS C 210 1.60 2.71 2.24
C HIS C 210 2.92 2.96 1.52
N LEU C 211 3.61 1.86 1.19
CA LEU C 211 4.88 1.87 0.48
C LEU C 211 4.85 0.82 -0.63
N THR C 212 5.26 1.20 -1.84
CA THR C 212 5.45 0.27 -2.94
C THR C 212 6.89 0.28 -3.41
N ILE C 213 7.34 -0.88 -3.91
CA ILE C 213 8.66 -1.01 -4.52
C ILE C 213 8.50 -1.67 -5.88
N ASP C 214 8.82 -0.92 -6.94
CA ASP C 214 8.73 -1.43 -8.33
C ASP C 214 10.14 -1.75 -8.84
N LYS C 215 10.41 -3.02 -9.13
CA LYS C 215 11.75 -3.45 -9.62
C LYS C 215 11.85 -3.20 -11.14
N ASP C 216 13.07 -3.28 -11.68
CA ASP C 216 13.31 -3.05 -13.12
C ASP C 216 12.86 -4.30 -13.91
N SER C 217 12.51 -4.11 -15.18
CA SER C 217 12.05 -5.23 -16.05
C SER C 217 13.22 -5.78 -16.87
N LEU C 218 14.35 -5.07 -16.86
CA LEU C 218 15.55 -5.49 -17.62
C LEU C 218 16.55 -6.15 -16.67
N GLN C 219 16.09 -6.50 -15.46
CA GLN C 219 16.95 -7.15 -14.43
C GLN C 219 18.25 -6.34 -14.27
N GLU C 220 18.12 -5.05 -13.93
CA GLU C 220 19.31 -4.17 -13.74
C GLU C 220 19.57 -3.98 -12.24
N GLY C 221 18.52 -3.71 -11.46
CA GLY C 221 18.66 -3.52 -10.01
C GLY C 221 18.07 -2.18 -9.57
N PHE C 222 17.23 -1.57 -10.41
CA PHE C 222 16.60 -0.27 -10.10
C PHE C 222 15.29 -0.50 -9.33
N LEU C 223 15.22 -0.01 -8.09
CA LEU C 223 14.01 -0.19 -7.25
C LEU C 223 13.38 1.18 -6.97
N GLN C 224 12.24 1.47 -7.61
CA GLN C 224 11.54 2.73 -7.41
C GLN C 224 10.79 2.63 -6.10
N LEU C 225 11.13 3.51 -5.17
CA LEU C 225 10.47 3.58 -3.87
C LEU C 225 9.39 4.64 -3.94
N CYS C 226 8.18 4.29 -3.50
CA CYS C 226 7.05 5.22 -3.50
C CYS C 226 6.37 5.19 -2.14
N LEU C 227 6.35 6.33 -1.47
CA LEU C 227 5.74 6.47 -0.16
C LEU C 227 4.58 7.44 -0.30
N ASN C 228 3.36 6.94 -0.09
CA ASN C 228 2.21 7.82 0.13
C ASN C 228 2.12 8.14 1.62
N MET C 229 2.21 9.41 1.94
CA MET C 229 2.19 9.81 3.35
C MET C 229 0.85 10.44 3.69
N CYS C 230 0.48 10.40 4.97
CA CYS C 230 -0.81 10.96 5.46
C CYS C 230 -0.63 12.42 5.89
N GLY C 231 -0.80 13.35 4.94
CA GLY C 231 -0.67 14.80 5.19
C GLY C 231 0.72 15.38 5.24
N VAL C 232 1.79 14.61 5.06
CA VAL C 232 3.12 15.28 5.11
C VAL C 232 3.19 16.27 3.96
N SER C 233 3.51 17.52 4.27
CA SER C 233 3.54 18.54 3.20
C SER C 233 4.94 19.06 2.92
N TYR C 234 5.99 18.45 3.49
CA TYR C 234 7.38 18.92 3.28
C TYR C 234 7.89 18.62 1.87
N GLU C 235 9.08 19.11 1.55
CA GLU C 235 9.64 18.87 0.20
C GLU C 235 10.54 17.63 0.17
N THR C 236 11.43 17.49 1.13
CA THR C 236 12.33 16.33 1.08
C THR C 236 12.15 15.53 2.36
N LEU C 237 12.41 14.25 2.30
CA LEU C 237 12.28 13.42 3.51
C LEU C 237 13.42 12.43 3.48
N GLN C 238 14.19 12.40 4.53
CA GLN C 238 15.32 11.47 4.63
C GLN C 238 14.73 10.15 5.06
N CYS C 239 15.17 9.05 4.49
CA CYS C 239 14.49 7.81 4.90
C CYS C 239 15.44 6.63 4.84
N GLU C 240 15.28 5.71 5.80
CA GLU C 240 16.07 4.46 5.86
C GLU C 240 15.06 3.34 6.06
N ILE C 241 15.17 2.25 5.32
CA ILE C 241 14.17 1.16 5.35
C ILE C 241 14.91 -0.15 5.54
N LEU C 242 14.46 -1.03 6.43
CA LEU C 242 15.14 -2.36 6.49
C LEU C 242 14.21 -3.42 5.88
N LEU C 243 14.62 -3.99 4.74
CA LEU C 243 13.82 -5.00 4.07
C LEU C 243 14.33 -6.38 4.45
N GLU C 244 13.43 -7.36 4.37
CA GLU C 244 13.82 -8.76 4.44
C GLU C 244 13.40 -9.38 3.11
N LEU C 245 14.35 -9.95 2.41
CA LEU C 245 14.13 -10.43 1.05
C LEU C 245 13.64 -11.88 1.17
N VAL C 246 12.35 -12.09 1.00
CA VAL C 246 11.80 -13.42 1.23
C VAL C 246 11.94 -14.23 -0.06
N GLN C 247 12.48 -15.44 0.08
CA GLN C 247 12.58 -16.39 -1.02
C GLN C 247 11.34 -17.27 -1.07
N GLY C 248 11.01 -17.74 -2.28
CA GLY C 248 9.90 -18.63 -2.47
C GLY C 248 8.57 -17.94 -2.25
N PRO C 249 7.48 -18.58 -2.65
CA PRO C 249 6.16 -17.98 -2.45
C PRO C 249 5.72 -18.02 -1.00
N THR C 250 4.99 -16.98 -0.60
CA THR C 250 4.25 -16.96 0.66
C THR C 250 2.77 -17.21 0.35
N ASN C 251 1.97 -17.31 1.41
CA ASN C 251 0.55 -17.53 1.20
C ASN C 251 -0.15 -16.26 0.71
N PHE C 252 0.00 -15.17 1.47
CA PHE C 252 -0.57 -13.88 1.11
C PHE C 252 0.50 -13.03 0.44
N ILE C 253 0.16 -12.41 -0.69
CA ILE C 253 1.07 -11.54 -1.42
C ILE C 253 0.34 -10.24 -1.72
N PHE C 254 0.96 -9.11 -1.38
CA PHE C 254 0.37 -7.78 -1.44
C PHE C 254 1.03 -6.92 -2.52
N PRO C 255 0.33 -5.94 -3.09
CA PRO C 255 0.97 -5.01 -4.02
C PRO C 255 1.68 -3.83 -3.37
N ALA C 256 1.55 -3.67 -2.05
CA ALA C 256 2.00 -2.50 -1.33
C ALA C 256 2.09 -2.83 0.16
N ALA C 257 3.11 -2.29 0.83
CA ALA C 257 3.31 -2.52 2.26
C ALA C 257 2.46 -1.57 3.10
N PHE C 258 1.88 -2.09 4.16
CA PHE C 258 1.09 -1.33 5.13
C PHE C 258 1.80 -1.31 6.48
N PRO C 259 1.46 -0.37 7.35
CA PRO C 259 2.19 -0.24 8.64
C PRO C 259 1.72 -1.27 9.66
N PRO C 260 2.60 -1.72 10.55
CA PRO C 260 2.16 -2.61 11.62
C PRO C 260 1.12 -1.94 12.49
N PRO C 261 0.29 -2.73 13.18
CA PRO C 261 -0.85 -2.15 13.91
C PRO C 261 -0.39 -1.35 15.14
N VAL C 262 -0.93 -0.13 15.27
CA VAL C 262 -0.61 0.74 16.40
C VAL C 262 -1.22 0.22 17.70
N SER C 263 -2.42 -0.39 17.64
CA SER C 263 -3.16 -0.78 18.84
C SER C 263 -2.85 -2.21 19.29
N LEU C 264 -2.30 -3.05 18.42
CA LEU C 264 -1.99 -4.44 18.75
C LEU C 264 -0.55 -4.71 18.34
N PRO C 265 0.40 -4.10 19.05
CA PRO C 265 1.81 -4.20 18.62
C PRO C 265 2.33 -5.62 18.72
N HIS C 266 3.03 -6.04 17.67
CA HIS C 266 3.61 -7.38 17.51
C HIS C 266 2.57 -8.47 17.30
N ARG C 267 1.38 -8.08 16.82
CA ARG C 267 0.30 -9.02 16.44
C ARG C 267 0.15 -8.92 14.92
N ASN C 268 0.26 -10.03 14.18
CA ASN C 268 0.22 -9.91 12.72
C ASN C 268 -1.22 -9.69 12.28
N CYS C 269 -1.57 -8.45 11.99
CA CYS C 269 -2.90 -8.11 11.51
C CYS C 269 -2.85 -6.69 11.00
N ILE C 270 -3.78 -6.36 10.11
CA ILE C 270 -3.84 -5.06 9.45
C ILE C 270 -4.96 -4.24 10.07
N GLU C 271 -4.60 -3.08 10.61
CA GLU C 271 -5.58 -2.08 11.00
C GLU C 271 -6.09 -1.37 9.74
N LEU C 272 -7.40 -1.45 9.53
CA LEU C 272 -8.07 -0.76 8.45
C LEU C 272 -8.58 0.57 9.00
N THR C 273 -8.22 1.76 8.49
CA THR C 273 -8.61 3.08 9.11
C THR C 273 -9.41 4.06 8.21
N CYS C 274 -10.25 4.95 8.76
CA CYS C 274 -11.03 5.92 7.94
C CYS C 274 -10.09 6.93 7.30
N ASP C 275 -10.10 7.04 5.96
CA ASP C 275 -9.25 7.99 5.24
C ASP C 275 -9.88 9.36 5.40
N THR C 276 -11.17 9.41 5.15
CA THR C 276 -11.91 10.66 5.12
C THR C 276 -13.08 10.63 6.10
N GLU C 277 -13.13 11.62 6.97
CA GLU C 277 -14.18 11.76 7.98
C GLU C 277 -15.59 11.62 7.41
N ARG C 278 -16.29 10.56 7.84
CA ARG C 278 -17.69 10.28 7.42
C ARG C 278 -18.59 10.30 8.65
N CYS C 279 -19.89 10.49 8.46
CA CYS C 279 -20.85 10.55 9.55
C CYS C 279 -22.05 9.68 9.16
N LEU C 280 -22.30 8.63 9.93
CA LEU C 280 -23.38 7.68 9.64
C LEU C 280 -24.69 8.14 10.25
N LYS C 281 -25.75 8.11 9.45
CA LYS C 281 -27.08 8.43 9.97
C LYS C 281 -27.54 7.38 10.98
N PRO C 282 -28.46 7.74 11.88
CA PRO C 282 -28.94 6.76 12.87
C PRO C 282 -29.53 5.52 12.22
N GLY C 283 -29.14 4.35 12.74
CA GLY C 283 -29.61 3.08 12.27
C GLY C 283 -29.20 2.73 10.85
N ASP C 284 -28.25 3.47 10.29
CA ASP C 284 -27.82 3.29 8.92
C ASP C 284 -26.67 2.28 8.86
N VAL C 285 -26.50 1.69 7.67
CA VAL C 285 -25.33 0.85 7.39
C VAL C 285 -24.42 1.59 6.41
N MET C 286 -23.27 0.99 6.12
CA MET C 286 -22.33 1.57 5.18
C MET C 286 -21.37 0.47 4.73
N LYS C 287 -21.41 0.12 3.44
CA LYS C 287 -20.45 -0.82 2.85
C LYS C 287 -19.29 -0.01 2.28
N LEU C 288 -18.31 0.27 3.12
CA LEU C 288 -17.11 1.02 2.75
C LEU C 288 -16.14 0.12 1.99
N LYS C 289 -15.68 0.57 0.83
CA LYS C 289 -14.72 -0.21 0.04
C LYS C 289 -13.32 0.28 0.34
N HIS C 290 -12.51 -0.63 0.85
CA HIS C 290 -11.15 -0.28 1.21
C HIS C 290 -10.21 -0.59 0.06
N ARG C 291 -9.16 0.22 -0.07
CA ARG C 291 -8.21 0.15 -1.21
C ARG C 291 -7.22 -1.03 -1.14
N LEU C 292 -7.25 -1.85 -0.09
CA LEU C 292 -6.31 -2.96 -0.04
C LEU C 292 -6.77 -4.11 -0.93
N LEU C 293 -5.78 -4.81 -1.49
CA LEU C 293 -5.98 -6.02 -2.29
C LEU C 293 -4.81 -6.96 -1.99
N TYR C 294 -5.00 -8.23 -2.33
CA TYR C 294 -3.99 -9.25 -2.05
C TYR C 294 -4.28 -10.49 -2.88
N GLU C 295 -3.24 -11.29 -3.11
CA GLU C 295 -3.34 -12.50 -3.91
C GLU C 295 -2.70 -13.66 -3.16
N LEU C 296 -2.96 -14.87 -3.66
CA LEU C 296 -2.40 -16.09 -3.10
C LEU C 296 -1.10 -16.46 -3.82
N GLY C 297 -0.24 -17.22 -3.14
CA GLY C 297 1.03 -17.64 -3.69
C GLY C 297 1.35 -19.11 -3.44
N THR C 302 -2.22 -26.82 2.71
CA THR C 302 -3.48 -27.52 2.47
C THR C 302 -4.72 -26.68 2.78
N PRO C 303 -4.82 -26.10 3.99
CA PRO C 303 -6.02 -25.34 4.32
C PRO C 303 -6.08 -24.02 3.59
N GLN C 304 -7.29 -23.55 3.31
CA GLN C 304 -7.48 -22.23 2.73
C GLN C 304 -6.83 -21.13 3.58
N ASN C 305 -6.65 -19.97 2.97
CA ASN C 305 -6.14 -18.80 3.67
C ASN C 305 -6.99 -17.58 3.30
N ALA C 306 -7.30 -16.76 4.30
CA ALA C 306 -7.99 -15.49 4.08
C ALA C 306 -7.88 -14.64 5.34
N PHE C 307 -8.61 -13.52 5.36
CA PHE C 307 -8.61 -12.58 6.47
C PHE C 307 -10.01 -12.47 7.06
N LEU C 308 -10.12 -12.66 8.37
CA LEU C 308 -11.32 -12.21 9.08
C LEU C 308 -11.32 -10.70 9.12
N ILE C 309 -12.43 -10.11 8.71
CA ILE C 309 -12.68 -8.68 8.89
C ILE C 309 -13.66 -8.54 10.04
N VAL C 310 -13.18 -7.97 11.17
CA VAL C 310 -14.00 -7.77 12.36
C VAL C 310 -13.78 -6.37 12.92
N GLY C 311 -14.76 -5.93 13.72
CA GLY C 311 -14.64 -4.64 14.38
C GLY C 311 -13.63 -4.66 15.52
N ALA C 312 -13.26 -3.46 15.95
CA ALA C 312 -12.33 -3.25 17.05
C ALA C 312 -13.10 -2.76 18.27
N HIS C 313 -12.38 -2.32 19.30
CA HIS C 313 -12.99 -1.87 20.55
C HIS C 313 -12.59 -0.43 20.80
N SER C 314 -13.56 0.41 21.14
CA SER C 314 -13.33 1.82 21.43
C SER C 314 -14.50 2.32 22.25
N PRO C 315 -14.42 3.55 22.79
CA PRO C 315 -15.52 4.03 23.66
C PRO C 315 -16.90 4.08 22.99
N GLU C 316 -16.96 4.64 21.78
CA GLU C 316 -18.17 4.63 20.92
C GLU C 316 -17.87 3.53 19.90
N THR C 317 -18.39 2.31 20.12
CA THR C 317 -17.92 1.21 19.29
C THR C 317 -18.38 1.41 17.83
N VAL C 318 -17.45 1.20 16.90
CA VAL C 318 -17.80 1.13 15.49
C VAL C 318 -18.05 -0.36 15.19
N TRP C 319 -19.34 -0.73 15.10
CA TRP C 319 -19.72 -2.12 14.91
C TRP C 319 -19.58 -2.56 13.45
N ILE C 320 -19.19 -3.82 13.26
CA ILE C 320 -18.86 -4.36 11.94
C ILE C 320 -19.53 -5.70 11.79
N SER C 321 -20.23 -5.91 10.68
CA SER C 321 -20.68 -7.26 10.34
C SER C 321 -19.47 -8.06 9.90
N PRO C 322 -19.10 -9.12 10.61
CA PRO C 322 -17.93 -9.91 10.22
C PRO C 322 -18.07 -10.44 8.79
N SER C 323 -16.97 -10.35 8.04
CA SER C 323 -16.88 -10.92 6.70
C SER C 323 -15.54 -11.61 6.55
N LEU C 324 -15.48 -12.47 5.53
CA LEU C 324 -14.26 -13.19 5.19
C LEU C 324 -13.73 -12.56 3.91
N TRP C 325 -12.52 -11.99 3.99
CA TRP C 325 -11.90 -11.24 2.90
C TRP C 325 -11.09 -12.20 2.04
N LEU C 326 -11.61 -12.48 0.81
CA LEU C 326 -11.02 -13.49 -0.06
C LEU C 326 -9.96 -12.89 -0.98
N PRO C 327 -8.99 -13.70 -1.42
CA PRO C 327 -7.97 -13.19 -2.36
C PRO C 327 -8.59 -12.75 -3.68
N GLY C 328 -8.05 -11.67 -4.24
CA GLY C 328 -8.56 -11.11 -5.48
C GLY C 328 -9.83 -10.28 -5.36
N GLN C 329 -10.52 -10.31 -4.21
CA GLN C 329 -11.78 -9.60 -4.05
C GLN C 329 -11.59 -8.29 -3.30
N PRO C 330 -12.46 -7.30 -3.54
CA PRO C 330 -12.31 -6.01 -2.84
C PRO C 330 -12.47 -6.15 -1.33
N LEU C 331 -11.69 -5.39 -0.57
CA LEU C 331 -11.89 -5.35 0.87
C LEU C 331 -13.07 -4.42 1.18
N TYR C 332 -14.23 -5.01 1.47
CA TYR C 332 -15.40 -4.27 1.92
C TYR C 332 -15.52 -4.33 3.45
N ILE C 333 -15.83 -3.19 4.07
CA ILE C 333 -15.98 -3.08 5.52
C ILE C 333 -17.43 -2.71 5.81
N ASN C 334 -18.21 -3.67 6.34
CA ASN C 334 -19.65 -3.48 6.53
C ASN C 334 -19.94 -2.91 7.90
N ILE C 335 -19.95 -1.59 7.97
CA ILE C 335 -20.25 -0.87 9.20
C ILE C 335 -21.76 -0.83 9.38
N ILE C 336 -22.22 -1.15 10.58
CA ILE C 336 -23.61 -1.04 10.96
C ILE C 336 -23.74 -0.12 12.17
N ASN C 337 -24.55 0.92 12.05
CA ASN C 337 -24.80 1.83 13.16
C ASN C 337 -25.91 1.26 14.06
N LEU C 338 -25.54 0.76 15.23
CA LEU C 338 -26.50 0.24 16.21
C LEU C 338 -26.97 1.31 17.19
N SER C 339 -26.64 2.57 16.95
CA SER C 339 -27.08 3.65 17.80
C SER C 339 -28.24 4.40 17.15
N HIS C 340 -29.13 4.94 17.99
CA HIS C 340 -30.16 5.86 17.51
C HIS C 340 -29.60 7.25 17.23
N LYS C 341 -28.31 7.50 17.56
CA LYS C 341 -27.58 8.73 17.29
C LYS C 341 -26.71 8.59 16.05
N PRO C 342 -26.32 9.70 15.42
CA PRO C 342 -25.32 9.61 14.35
C PRO C 342 -24.01 9.05 14.89
N LEU C 343 -23.25 8.42 14.00
CA LEU C 343 -21.96 7.84 14.34
C LEU C 343 -20.86 8.55 13.58
N LEU C 344 -19.96 9.22 14.32
CA LEU C 344 -18.83 9.97 13.72
C LEU C 344 -17.71 8.99 13.34
N LEU C 345 -17.12 9.19 12.15
CA LEU C 345 -16.03 8.33 11.64
C LEU C 345 -14.74 9.16 11.62
N SER C 346 -14.23 9.50 12.81
CA SER C 346 -13.00 10.30 12.95
C SER C 346 -11.89 9.73 12.05
N ARG C 347 -11.20 10.62 11.32
CA ARG C 347 -10.09 10.22 10.41
C ARG C 347 -8.97 9.54 11.22
N HIS C 348 -8.37 8.50 10.63
CA HIS C 348 -7.26 7.67 11.20
C HIS C 348 -7.78 6.78 12.35
N SER C 349 -9.10 6.74 12.58
CA SER C 349 -9.60 5.83 13.63
C SER C 349 -9.71 4.42 13.08
N ILE C 350 -9.39 3.44 13.90
CA ILE C 350 -9.50 2.04 13.45
C ILE C 350 -10.96 1.79 13.17
N LEU C 351 -11.26 1.46 11.94
CA LEU C 351 -12.67 1.20 11.57
C LEU C 351 -12.88 -0.30 11.64
N ALA C 352 -11.90 -1.01 11.11
CA ALA C 352 -11.94 -2.46 10.85
C ALA C 352 -10.59 -3.10 11.22
N LEU C 353 -10.46 -4.41 11.01
CA LEU C 353 -9.20 -5.13 11.34
C LEU C 353 -9.16 -6.46 10.57
N ALA C 354 -8.13 -6.66 9.74
CA ALA C 354 -7.97 -7.88 8.97
C ALA C 354 -7.04 -8.81 9.73
N ILE C 355 -7.48 -10.04 9.95
CA ILE C 355 -6.73 -11.03 10.71
C ILE C 355 -6.45 -12.22 9.78
N PRO C 356 -5.19 -12.52 9.48
CA PRO C 356 -4.89 -13.71 8.65
C PRO C 356 -5.13 -15.00 9.41
N ILE C 357 -5.88 -15.92 8.76
CA ILE C 357 -6.23 -17.21 9.35
C ILE C 357 -6.26 -18.27 8.27
N SER C 358 -6.09 -19.51 8.71
CA SER C 358 -6.29 -20.70 7.88
C SER C 358 -7.53 -21.44 8.36
N TYR C 359 -8.25 -22.06 7.42
CA TYR C 359 -9.54 -22.61 7.76
C TYR C 359 -9.87 -23.82 6.89
N THR C 360 -11.08 -24.36 7.11
CA THR C 360 -11.64 -25.54 6.42
C THR C 360 -13.15 -25.39 6.22
N THR C 372 -20.10 -14.95 8.17
CA THR C 372 -21.37 -14.23 8.50
C THR C 372 -21.72 -14.42 9.96
N THR C 373 -21.42 -15.59 10.52
CA THR C 373 -21.73 -15.87 11.94
C THR C 373 -20.55 -16.57 12.61
N ILE C 374 -19.93 -15.93 13.60
CA ILE C 374 -18.76 -16.54 14.27
C ILE C 374 -19.15 -17.08 15.65
N CYS C 375 -19.18 -18.39 15.82
CA CYS C 375 -19.50 -18.90 17.18
C CYS C 375 -18.36 -19.80 17.63
N TYR C 376 -18.09 -19.79 18.92
CA TYR C 376 -16.96 -20.53 19.51
C TYR C 376 -17.51 -21.63 20.39
N SER C 377 -16.97 -22.83 20.30
CA SER C 377 -17.34 -23.88 21.26
C SER C 377 -16.17 -24.09 22.21
N GLY C 378 -16.33 -23.77 23.48
CA GLY C 378 -15.21 -23.88 24.41
C GLY C 378 -14.86 -25.30 24.75
N ASN C 379 -15.87 -26.14 24.98
CA ASN C 379 -15.63 -27.55 25.38
C ASN C 379 -14.87 -28.26 24.29
N SER C 380 -15.29 -28.05 23.06
CA SER C 380 -14.67 -28.76 21.92
C SER C 380 -13.48 -27.98 21.41
N ARG C 381 -13.31 -26.75 21.88
CA ARG C 381 -12.24 -25.85 21.40
C ARG C 381 -12.36 -25.79 19.89
N VAL C 382 -13.49 -25.33 19.38
CA VAL C 382 -13.52 -25.19 17.88
C VAL C 382 -14.10 -23.81 17.52
N LEU C 383 -13.44 -23.12 16.59
CA LEU C 383 -13.89 -21.81 16.13
C LEU C 383 -14.50 -21.92 14.74
N THR C 384 -15.52 -21.10 14.51
CA THR C 384 -16.46 -21.30 13.42
C THR C 384 -16.79 -19.94 12.83
N CYS C 385 -16.32 -19.67 11.59
CA CYS C 385 -16.74 -18.52 10.81
C CYS C 385 -17.53 -19.04 9.62
N GLY C 386 -18.82 -18.69 9.57
CA GLY C 386 -19.67 -19.27 8.56
C GLY C 386 -19.57 -20.79 8.59
N ALA C 387 -19.27 -21.38 7.43
CA ALA C 387 -19.14 -22.83 7.29
C ALA C 387 -17.71 -23.33 7.42
N ALA C 388 -16.78 -22.45 7.76
CA ALA C 388 -15.38 -22.91 7.84
C ALA C 388 -14.87 -23.03 9.27
N HIS C 389 -14.10 -24.05 9.54
CA HIS C 389 -13.52 -24.18 10.88
C HIS C 389 -12.21 -23.42 10.87
N VAL C 390 -12.01 -22.49 11.79
CA VAL C 390 -10.70 -21.83 11.90
C VAL C 390 -9.76 -22.84 12.56
N LEU C 391 -8.57 -23.01 11.98
CA LEU C 391 -7.52 -23.96 12.45
C LEU C 391 -7.33 -23.86 13.97
N GLU C 392 -7.28 -25.03 14.63
CA GLU C 392 -7.11 -25.12 16.10
C GLU C 392 -5.87 -24.43 16.63
N ALA C 393 -4.79 -24.29 15.86
CA ALA C 393 -3.55 -23.61 16.29
C ALA C 393 -3.75 -22.10 16.40
N HIS C 394 -4.76 -21.56 15.75
CA HIS C 394 -4.97 -20.12 15.92
C HIS C 394 -5.47 -19.84 17.34
N PHE C 395 -5.83 -20.86 18.12
CA PHE C 395 -6.40 -20.48 19.41
C PHE C 395 -6.20 -21.51 20.51
N LYS C 396 -5.54 -22.64 20.26
CA LYS C 396 -5.21 -23.59 21.30
C LYS C 396 -3.85 -23.22 21.89
N HIS C 397 -3.84 -22.83 23.15
CA HIS C 397 -2.67 -22.39 23.90
C HIS C 397 -2.51 -23.28 25.11
N PRO C 398 -1.33 -23.31 25.74
CA PRO C 398 -1.19 -24.07 26.98
C PRO C 398 -2.01 -23.43 28.08
N PRO C 399 -2.53 -24.23 29.01
CA PRO C 399 -3.44 -23.68 30.02
C PRO C 399 -2.68 -22.94 31.11
N ILE C 400 -3.35 -21.96 31.69
CA ILE C 400 -2.76 -21.05 32.67
C ILE C 400 -3.55 -21.13 33.96
N THR C 401 -2.86 -21.40 35.06
CA THR C 401 -3.46 -21.32 36.38
C THR C 401 -3.50 -19.87 36.83
N SER C 402 -4.69 -19.36 37.08
CA SER C 402 -4.89 -17.99 37.53
C SER C 402 -5.75 -18.03 38.78
N ARG C 403 -5.81 -16.88 39.46
CA ARG C 403 -6.56 -16.80 40.74
C ARG C 403 -7.21 -15.42 40.85
N ALA C 404 -8.22 -15.32 41.72
CA ALA C 404 -8.93 -14.08 41.96
C ALA C 404 -8.07 -13.10 42.73
N ILE C 405 -8.16 -11.82 42.37
CA ILE C 405 -7.58 -10.75 43.17
C ILE C 405 -8.73 -10.06 43.87
N THR C 406 -8.94 -10.39 45.15
CA THR C 406 -9.93 -9.71 45.97
C THR C 406 -9.36 -8.39 46.48
N ASP C 407 -10.26 -7.42 46.65
CA ASP C 407 -9.87 -6.10 47.17
C ASP C 407 -10.16 -6.04 48.66
N GLY C 408 -9.29 -6.70 49.44
CA GLY C 408 -9.33 -6.53 50.87
C GLY C 408 -9.10 -5.08 51.29
N GLY C 409 -9.45 -4.81 52.54
CA GLY C 409 -9.41 -3.45 53.04
C GLY C 409 -8.02 -3.05 53.52
N GLU C 410 -7.53 -1.93 52.99
CA GLU C 410 -6.28 -1.34 53.45
C GLU C 410 -6.54 -0.66 54.81
N SER C 411 -6.22 -1.37 55.93
CA SER C 411 -6.44 -0.80 57.25
C SER C 411 -5.19 -0.11 57.77
N PRO C 412 -5.30 0.72 58.81
CA PRO C 412 -4.12 1.43 59.33
C PRO C 412 -3.22 0.53 60.16
N MET C 413 -1.92 0.83 60.11
CA MET C 413 -0.99 0.20 61.05
C MET C 413 -1.33 0.63 62.46
N GLU C 414 -0.98 -0.22 63.42
CA GLU C 414 -0.93 0.18 64.82
C GLU C 414 0.51 0.54 65.14
N TRP C 415 0.85 1.83 65.09
CA TRP C 415 2.24 2.27 65.17
C TRP C 415 2.52 3.18 66.37
N GLN C 416 3.81 3.24 66.72
CA GLN C 416 4.32 3.94 67.87
C GLN C 416 5.56 4.73 67.46
N THR C 417 5.81 5.87 68.11
CA THR C 417 7.07 6.60 67.93
C THR C 417 8.06 6.20 69.01
N LEU C 418 9.35 6.29 68.66
CA LEU C 418 10.44 5.80 69.52
C LEU C 418 10.68 6.70 70.73
N ALA D 5 7.54 12.71 -19.59
CA ALA D 5 6.96 11.60 -18.80
C ALA D 5 7.04 10.31 -19.62
N PRO D 6 6.49 10.26 -20.86
CA PRO D 6 6.53 9.05 -21.69
C PRO D 6 7.94 8.82 -22.25
N SER D 7 8.66 7.82 -21.71
CA SER D 7 10.01 7.49 -22.16
C SER D 7 10.03 6.21 -22.97
N ILE D 8 11.15 5.98 -23.63
CA ILE D 8 11.48 4.77 -24.40
C ILE D 8 12.87 4.40 -23.93
N ILE D 9 12.96 3.42 -23.02
CA ILE D 9 14.29 2.96 -22.52
C ILE D 9 14.61 1.68 -23.31
N LEU D 10 15.43 1.76 -24.35
CA LEU D 10 15.66 0.55 -25.16
C LEU D 10 17.06 0.53 -25.72
N ASN D 11 17.83 -0.47 -25.32
CA ASN D 11 19.21 -0.71 -25.84
C ASN D 11 20.15 0.46 -25.63
N HIS D 12 20.38 0.84 -24.36
CA HIS D 12 21.30 1.89 -23.87
C HIS D 12 20.85 3.33 -24.06
N TRP D 13 19.56 3.58 -24.31
CA TRP D 13 19.04 4.96 -24.50
C TRP D 13 17.68 5.10 -23.81
N CYS D 14 17.07 6.28 -23.91
CA CYS D 14 15.75 6.56 -23.28
C CYS D 14 15.16 7.84 -23.87
N VAL D 15 14.34 7.70 -24.92
CA VAL D 15 13.71 8.88 -25.59
C VAL D 15 12.49 9.32 -24.77
N THR D 16 12.61 10.41 -24.02
CA THR D 16 11.50 10.94 -23.19
C THR D 16 10.85 12.13 -23.90
N TRP D 17 9.58 12.40 -23.60
CA TRP D 17 8.84 13.53 -24.24
C TRP D 17 8.59 14.64 -23.21
N GLN D 18 9.30 15.77 -23.34
CA GLN D 18 9.15 16.91 -22.41
C GLN D 18 7.77 17.54 -22.62
N GLY D 19 7.27 17.53 -23.85
CA GLY D 19 5.95 18.10 -24.18
C GLY D 19 5.96 18.78 -25.54
N HIS D 20 7.11 19.32 -25.95
CA HIS D 20 7.24 20.00 -27.26
C HIS D 20 8.39 19.39 -28.06
N HIS D 21 9.23 18.56 -27.43
CA HIS D 21 10.38 17.93 -28.13
C HIS D 21 10.89 16.72 -27.36
N PHE D 22 11.83 15.98 -27.97
CA PHE D 22 12.45 14.79 -27.41
C PHE D 22 13.82 15.13 -26.85
N LEU D 23 14.18 14.47 -25.74
CA LEU D 23 15.51 14.55 -25.15
C LEU D 23 16.06 13.13 -25.05
N CYS D 24 17.29 12.95 -25.50
CA CYS D 24 17.90 11.64 -25.63
C CYS D 24 19.17 11.58 -24.80
N ARG D 25 19.42 10.40 -24.23
CA ARG D 25 20.48 10.26 -23.23
C ARG D 25 21.04 8.85 -23.36
N ASN D 26 22.36 8.72 -23.40
CA ASN D 26 22.96 7.39 -23.37
C ASN D 26 22.87 6.81 -21.97
N LEU D 27 22.67 5.51 -21.88
CA LEU D 27 22.54 4.87 -20.57
C LEU D 27 23.80 4.10 -20.18
N SER D 28 24.82 4.14 -21.02
CA SER D 28 26.06 3.44 -20.73
C SER D 28 27.21 4.15 -21.43
N ASN D 29 28.43 3.88 -20.93
CA ASN D 29 29.67 4.39 -21.50
C ASN D 29 29.76 4.08 -22.99
N ILE D 30 29.99 5.13 -23.80
CA ILE D 30 30.14 5.02 -25.24
C ILE D 30 31.61 5.23 -25.59
N LYS D 31 32.25 4.15 -26.08
CA LYS D 31 33.69 4.20 -26.45
C LYS D 31 33.84 4.74 -27.88
N ILE D 32 34.63 5.81 -28.04
CA ILE D 32 34.86 6.44 -29.38
C ILE D 32 35.76 5.51 -30.21
N LEU D 33 35.28 5.06 -31.37
CA LEU D 33 36.07 4.15 -32.24
C LEU D 33 36.09 4.70 -33.68
N ASN D 34 37.13 4.35 -34.44
CA ASN D 34 37.30 4.76 -35.86
C ASN D 34 36.98 6.25 -36.04
N ARG D 35 37.69 7.13 -35.33
CA ARG D 35 37.44 8.59 -35.43
C ARG D 35 38.00 9.10 -36.77
N ARG D 36 37.17 9.79 -37.55
CA ARG D 36 37.60 10.31 -38.88
C ARG D 36 37.23 11.80 -39.00
N ASN D 37 38.17 12.61 -39.50
CA ASN D 37 37.94 14.05 -39.68
C ASN D 37 37.40 14.69 -38.41
N GLY D 38 37.89 14.21 -37.25
CA GLY D 38 37.44 14.65 -35.93
C GLY D 38 36.11 14.07 -35.44
N TYR D 39 35.37 13.36 -36.29
CA TYR D 39 34.06 12.84 -35.93
C TYR D 39 34.07 11.32 -35.86
N THR D 40 33.19 10.80 -35.02
CA THR D 40 32.84 9.39 -35.04
C THR D 40 31.34 9.32 -35.34
N THR D 41 30.89 8.21 -35.93
CA THR D 41 29.46 8.04 -36.12
C THR D 41 28.94 6.93 -35.21
N LEU D 42 27.64 7.00 -34.94
CA LEU D 42 27.02 6.10 -33.98
C LEU D 42 25.57 5.93 -34.33
N ASP D 43 25.13 4.68 -34.43
CA ASP D 43 23.74 4.36 -34.73
C ASP D 43 22.92 4.19 -33.46
N LEU D 44 21.70 4.65 -33.51
CA LEU D 44 20.78 4.41 -32.42
C LEU D 44 19.80 3.31 -32.82
N PRO D 45 19.27 2.59 -31.87
CA PRO D 45 18.33 1.52 -32.22
C PRO D 45 16.89 2.02 -32.32
N LEU D 46 16.69 3.30 -32.62
CA LEU D 46 15.36 3.87 -32.75
C LEU D 46 15.25 4.68 -34.03
N THR D 47 14.06 4.66 -34.64
CA THR D 47 13.72 5.48 -35.79
C THR D 47 12.76 6.58 -35.36
N LEU D 48 12.62 7.59 -36.24
CA LEU D 48 11.72 8.75 -35.96
C LEU D 48 10.28 8.24 -35.85
N GLY D 49 9.97 7.14 -36.53
CA GLY D 49 8.60 6.56 -36.50
C GLY D 49 8.35 5.82 -35.19
N ASP D 50 9.42 5.41 -34.50
CA ASP D 50 9.29 4.71 -33.19
C ASP D 50 8.88 5.73 -32.13
N LEU D 51 9.44 6.91 -32.20
CA LEU D 51 9.23 8.06 -31.29
C LEU D 51 7.92 8.80 -31.56
N THR D 52 7.46 8.87 -32.80
CA THR D 52 6.26 9.67 -33.13
C THR D 52 5.02 8.79 -33.26
N GLN D 53 5.17 7.47 -33.25
CA GLN D 53 4.01 6.62 -33.49
C GLN D 53 4.12 5.23 -32.85
N TYR D 54 5.19 4.50 -33.05
CA TYR D 54 5.19 3.08 -32.65
C TYR D 54 5.54 2.82 -31.19
N ARG D 55 6.15 3.75 -30.50
CA ARG D 55 6.56 3.46 -29.11
C ARG D 55 6.01 4.56 -28.20
N LEU D 56 5.40 5.58 -28.76
CA LEU D 56 4.73 6.59 -27.91
C LEU D 56 3.38 6.92 -28.52
N ALA D 57 2.41 7.34 -27.72
CA ALA D 57 1.10 7.75 -28.22
C ALA D 57 0.96 9.21 -27.83
N HIS D 58 0.95 10.09 -28.83
CA HIS D 58 0.93 11.55 -28.62
C HIS D 58 -0.49 11.99 -28.72
N GLY D 59 -1.00 12.65 -27.70
CA GLY D 59 -2.41 13.00 -27.57
C GLY D 59 -3.34 11.87 -27.98
N LEU D 60 -4.35 12.21 -28.78
CA LEU D 60 -5.27 11.23 -29.35
C LEU D 60 -5.09 11.10 -30.85
N SER D 61 -3.91 11.47 -31.35
CA SER D 61 -3.58 11.39 -32.76
C SER D 61 -2.84 10.09 -33.07
N GLU D 62 -2.87 9.70 -34.35
CA GLU D 62 -2.20 8.46 -34.72
C GLU D 62 -0.68 8.62 -34.85
N ASN D 63 -0.18 9.86 -34.91
CA ASN D 63 1.22 10.21 -35.07
C ASN D 63 1.39 11.63 -34.55
N LEU D 64 2.51 11.89 -33.86
CA LEU D 64 2.79 13.25 -33.41
C LEU D 64 2.74 14.25 -34.57
N MET D 65 3.16 13.85 -35.77
CA MET D 65 3.15 14.75 -36.92
C MET D 65 1.76 14.95 -37.51
N ALA D 66 0.74 14.35 -36.86
CA ALA D 66 -0.66 14.47 -37.31
C ALA D 66 -1.37 15.54 -36.47
N LEU D 67 -0.67 16.08 -35.46
CA LEU D 67 -1.23 17.13 -34.58
C LEU D 67 -1.34 18.44 -35.36
N SER D 68 -2.30 19.30 -35.00
CA SER D 68 -2.53 20.60 -35.68
C SER D 68 -1.20 21.37 -35.85
N PRO D 69 -0.53 21.77 -34.75
CA PRO D 69 0.73 22.52 -34.84
C PRO D 69 1.95 21.61 -35.13
N TYR D 70 1.89 20.30 -35.07
CA TYR D 70 3.15 19.58 -35.43
C TYR D 70 3.09 19.22 -36.92
N SER D 71 1.92 19.39 -37.57
CA SER D 71 1.80 18.95 -38.98
C SER D 71 2.48 19.97 -39.90
N TRP D 72 3.08 21.01 -39.34
CA TRP D 72 3.75 22.03 -40.15
C TRP D 72 5.22 22.21 -39.80
N THR D 73 5.82 21.31 -39.02
CA THR D 73 7.18 21.51 -38.51
C THR D 73 8.17 20.56 -39.16
N ILE D 74 9.44 20.89 -39.03
CA ILE D 74 10.53 20.06 -39.53
C ILE D 74 11.21 19.39 -38.34
N PRO D 75 11.18 18.07 -38.23
CA PRO D 75 11.91 17.39 -37.14
C PRO D 75 13.41 17.58 -37.31
N PHE D 76 14.08 17.97 -36.22
CA PHE D 76 15.43 18.52 -36.29
C PHE D 76 16.22 17.98 -35.12
N LEU D 77 17.21 17.14 -35.42
CA LEU D 77 18.13 16.59 -34.44
C LEU D 77 19.22 17.63 -34.14
N VAL D 78 19.37 18.00 -32.87
CA VAL D 78 20.25 19.10 -32.48
C VAL D 78 20.88 18.75 -31.14
N SER D 79 22.15 19.14 -30.98
CA SER D 79 22.88 18.86 -29.78
C SER D 79 22.34 19.69 -28.61
N SER D 80 22.65 19.23 -27.39
CA SER D 80 22.25 19.92 -26.17
C SER D 80 23.30 20.94 -25.75
N SER D 81 22.83 22.01 -25.10
CA SER D 81 23.71 23.05 -24.58
C SER D 81 24.48 22.64 -23.32
N GLU D 82 23.98 21.59 -22.64
CA GLU D 82 24.58 21.10 -21.37
C GLU D 82 25.53 19.90 -21.62
N THR D 83 26.17 19.85 -22.78
CA THR D 83 27.13 18.79 -23.09
C THR D 83 28.48 19.45 -23.40
N PRO D 84 29.23 19.82 -22.36
CA PRO D 84 30.55 20.42 -22.59
C PRO D 84 31.54 19.34 -23.01
N GLY D 85 32.31 19.62 -24.06
CA GLY D 85 33.22 18.65 -24.62
C GLY D 85 32.66 17.79 -25.74
N ILE D 86 31.35 17.85 -26.00
CA ILE D 86 30.66 17.06 -27.03
C ILE D 86 29.94 18.01 -27.99
N GLU D 87 30.24 17.90 -29.31
CA GLU D 87 29.47 18.54 -30.37
C GLU D 87 28.81 17.50 -31.29
N LEU D 88 27.66 17.87 -31.87
CA LEU D 88 26.91 16.99 -32.78
C LEU D 88 26.58 17.72 -34.07
N LEU D 89 26.78 17.06 -35.19
CA LEU D 89 26.27 17.65 -36.42
C LEU D 89 24.74 17.59 -36.36
N PRO D 90 24.05 18.72 -36.42
CA PRO D 90 22.60 18.70 -36.46
C PRO D 90 22.12 18.25 -37.84
N LYS D 91 20.88 17.77 -37.88
CA LYS D 91 20.35 17.28 -39.14
C LYS D 91 18.83 17.19 -39.06
N VAL D 92 18.18 17.43 -40.20
CA VAL D 92 16.75 17.20 -40.32
C VAL D 92 16.50 15.69 -40.35
N ILE D 93 15.46 15.24 -39.65
CA ILE D 93 15.03 13.84 -39.75
C ILE D 93 13.83 13.83 -40.69
N ASN D 94 14.11 13.62 -41.97
CA ASN D 94 13.08 13.65 -43.01
C ASN D 94 12.75 12.26 -43.54
N ASP D 95 13.00 11.21 -42.77
CA ASP D 95 12.25 9.97 -42.94
C ASP D 95 12.05 9.32 -41.59
N PHE D 96 11.12 8.38 -41.53
CA PHE D 96 10.81 7.73 -40.25
C PHE D 96 11.30 6.30 -40.18
N GLY D 97 11.85 5.75 -41.25
CA GLY D 97 12.17 4.33 -41.25
C GLY D 97 13.63 4.04 -41.00
N THR D 98 14.48 5.05 -41.14
CA THR D 98 15.91 4.87 -40.96
C THR D 98 16.30 5.13 -39.51
N PRO D 99 16.99 4.20 -38.86
CA PRO D 99 17.45 4.44 -37.49
C PRO D 99 18.19 5.76 -37.38
N LEU D 100 17.95 6.47 -36.30
CA LEU D 100 18.67 7.71 -36.03
C LEU D 100 20.17 7.43 -35.93
N SER D 101 20.95 8.35 -36.49
CA SER D 101 22.40 8.25 -36.46
C SER D 101 23.00 9.61 -36.07
N LEU D 102 24.04 9.57 -35.24
CA LEU D 102 24.72 10.77 -34.75
C LEU D 102 26.10 10.91 -35.38
N ALA D 103 26.57 12.14 -35.43
CA ALA D 103 27.95 12.47 -35.80
C ALA D 103 28.55 13.26 -34.64
N ILE D 104 29.43 12.60 -33.87
CA ILE D 104 29.96 13.15 -32.62
C ILE D 104 31.39 13.61 -32.85
N LYS D 105 31.68 14.87 -32.47
CA LYS D 105 33.02 15.44 -32.50
C LYS D 105 33.45 15.65 -31.07
N THR D 106 34.42 14.87 -30.63
CA THR D 106 34.87 14.95 -29.25
C THR D 106 36.33 14.54 -29.21
N ASN D 107 37.04 15.04 -28.20
CA ASN D 107 38.40 14.61 -27.91
C ASN D 107 38.44 13.50 -26.89
N LEU D 108 37.32 13.21 -26.25
CA LEU D 108 37.28 12.21 -25.20
C LEU D 108 37.47 10.82 -25.78
N PRO D 109 38.23 9.96 -25.12
CA PRO D 109 38.32 8.57 -25.58
C PRO D 109 37.03 7.81 -25.41
N SER D 110 36.12 8.32 -24.57
CA SER D 110 34.86 7.66 -24.25
C SER D 110 33.93 8.71 -23.67
N ILE D 111 32.63 8.45 -23.75
CA ILE D 111 31.65 9.37 -23.20
C ILE D 111 30.96 8.66 -22.04
N PRO D 112 30.99 9.20 -20.83
CA PRO D 112 30.37 8.52 -19.69
C PRO D 112 28.86 8.34 -19.90
N ALA D 113 28.31 7.34 -19.21
CA ALA D 113 26.85 7.20 -19.19
C ALA D 113 26.18 8.50 -18.77
N HIS D 114 25.04 8.80 -19.42
CA HIS D 114 24.15 9.95 -19.20
C HIS D 114 24.73 11.30 -19.62
N GLN D 115 25.89 11.33 -20.26
CA GLN D 115 26.46 12.61 -20.64
C GLN D 115 26.21 12.98 -22.10
N LEU D 116 25.93 12.03 -22.98
CA LEU D 116 25.63 12.35 -24.38
C LEU D 116 24.14 12.64 -24.46
N LEU D 117 23.78 13.92 -24.31
CA LEU D 117 22.43 14.42 -24.48
C LEU D 117 22.25 15.03 -25.87
N PHE D 118 21.05 14.87 -26.43
CA PHE D 118 20.69 15.60 -27.62
C PHE D 118 19.18 15.66 -27.74
N TYR D 119 18.71 16.55 -28.59
CA TYR D 119 17.29 16.83 -28.74
C TYR D 119 16.84 16.48 -30.14
N ILE D 120 15.54 16.23 -30.23
CA ILE D 120 14.84 16.24 -31.53
C ILE D 120 13.75 17.30 -31.34
N ILE D 121 13.96 18.47 -31.89
CA ILE D 121 13.00 19.58 -31.79
C ILE D 121 12.17 19.65 -33.06
N PHE D 122 11.13 20.43 -33.05
CA PHE D 122 10.18 20.54 -34.17
C PHE D 122 10.26 21.96 -34.67
N LEU D 123 10.90 22.13 -35.79
CA LEU D 123 11.17 23.49 -36.27
C LEU D 123 10.07 23.96 -37.19
N ARG D 124 9.48 25.07 -36.83
CA ARG D 124 8.43 25.68 -37.67
C ARG D 124 9.09 26.83 -38.41
N PRO D 125 9.36 26.68 -39.72
CA PRO D 125 10.01 27.71 -40.47
C PRO D 125 9.20 28.97 -40.75
N SER D 126 9.84 29.91 -41.39
CA SER D 126 9.12 31.13 -41.77
C SER D 126 8.03 30.74 -42.75
N PRO D 127 6.83 31.31 -42.67
CA PRO D 127 5.78 30.89 -43.54
C PRO D 127 6.04 31.22 -45.01
N LEU D 128 5.41 30.48 -45.90
CA LEU D 128 5.45 30.59 -47.38
C LEU D 128 5.07 31.99 -47.86
N THR D 129 4.20 32.70 -47.17
CA THR D 129 3.76 34.08 -47.40
C THR D 129 4.87 35.12 -47.31
N SER D 130 6.00 34.77 -46.69
CA SER D 130 7.16 35.69 -46.56
C SER D 130 8.13 35.48 -47.72
N MET D 131 7.84 34.51 -48.60
CA MET D 131 8.75 34.20 -49.73
C MET D 131 7.94 34.12 -51.04
N SER D 132 8.54 34.56 -52.15
CA SER D 132 7.89 34.55 -53.48
C SER D 132 8.95 34.78 -54.57
N CYS D 133 8.71 34.28 -55.78
CA CYS D 133 9.66 34.46 -56.92
C CYS D 133 9.46 35.85 -57.52
N TYR D 134 10.42 36.33 -58.32
CA TYR D 134 10.30 37.68 -58.92
C TYR D 134 10.42 37.62 -60.45
N ALA D 135 9.47 38.28 -61.13
CA ALA D 135 9.45 38.38 -62.60
C ALA D 135 10.19 39.64 -63.07
N ARG D 136 11.30 39.46 -63.75
CA ARG D 136 12.13 40.59 -64.20
C ARG D 136 11.67 41.08 -65.57
N PRO D 137 11.75 42.40 -65.82
CA PRO D 137 11.40 42.92 -67.14
C PRO D 137 12.50 42.70 -68.16
N LEU D 138 12.09 42.39 -69.40
CA LEU D 138 12.99 42.16 -70.52
C LEU D 138 12.42 42.78 -71.78
N SER D 139 13.17 42.66 -72.87
CA SER D 139 12.71 43.06 -74.21
C SER D 139 12.09 41.83 -74.85
N LEU D 140 10.78 41.74 -74.79
CA LEU D 140 10.08 40.58 -75.37
C LEU D 140 9.13 41.04 -76.47
N ALA D 141 9.24 40.46 -77.63
CA ALA D 141 8.27 40.87 -78.65
C ALA D 141 7.20 39.81 -78.70
N SER D 142 5.99 40.22 -79.02
CA SER D 142 4.88 39.27 -79.19
C SER D 142 5.23 38.30 -80.32
N THR D 143 4.89 37.03 -80.11
CA THR D 143 5.07 36.00 -81.15
C THR D 143 3.92 36.18 -82.15
N PRO D 144 4.14 36.04 -83.45
CA PRO D 144 3.08 36.17 -84.44
C PRO D 144 1.83 35.30 -84.21
N SER D 145 2.01 34.09 -83.70
CA SER D 145 0.86 33.26 -83.31
C SER D 145 0.95 33.11 -81.80
N THR D 146 -0.05 33.51 -81.04
CA THR D 146 -0.06 33.32 -79.59
C THR D 146 -0.08 31.84 -79.26
N ASN D 147 0.57 31.49 -78.15
CA ASN D 147 0.89 30.09 -77.88
C ASN D 147 0.03 29.44 -76.81
N GLY D 148 -0.53 30.18 -75.86
CA GLY D 148 -1.28 29.51 -74.82
C GLY D 148 -2.44 30.32 -74.29
N LEU D 149 -3.10 29.76 -73.27
CA LEU D 149 -4.27 30.33 -72.63
C LEU D 149 -3.93 30.77 -71.21
N CYS D 150 -4.35 32.00 -70.87
CA CYS D 150 -4.07 32.62 -69.56
C CYS D 150 -5.38 33.11 -68.96
N GLN D 151 -5.81 32.49 -67.86
CA GLN D 151 -7.07 32.84 -67.23
C GLN D 151 -6.83 33.33 -65.80
N SER D 152 -7.23 34.57 -65.52
CA SER D 152 -7.29 35.03 -64.14
C SER D 152 -8.20 34.10 -63.33
N VAL D 153 -7.93 34.01 -62.02
CA VAL D 153 -8.64 33.06 -61.16
C VAL D 153 -8.34 33.41 -59.70
N SER D 154 -9.21 32.98 -58.79
CA SER D 154 -8.96 33.09 -57.36
C SER D 154 -8.28 31.84 -56.82
N VAL D 155 -7.35 32.04 -55.89
CA VAL D 155 -6.59 30.92 -55.26
C VAL D 155 -6.42 31.21 -53.76
N LEU D 156 -5.86 30.23 -53.02
CA LEU D 156 -5.63 30.36 -51.56
C LEU D 156 -6.91 30.87 -50.88
N ASP D 157 -6.82 31.94 -50.09
CA ASP D 157 -7.99 32.50 -49.38
C ASP D 157 -8.52 33.71 -50.16
N ASN D 158 -9.26 33.45 -51.24
CA ASN D 158 -9.84 34.55 -52.08
C ASN D 158 -8.74 35.54 -52.45
N LYS D 159 -7.61 35.03 -52.98
CA LYS D 159 -6.48 35.89 -53.39
C LYS D 159 -6.38 35.92 -54.93
N PRO D 160 -5.78 36.95 -55.55
CA PRO D 160 -5.66 37.03 -57.01
C PRO D 160 -4.59 36.06 -57.52
N GLY D 161 -5.00 35.11 -58.40
CA GLY D 161 -4.09 34.12 -58.97
C GLY D 161 -3.99 34.24 -60.48
N LEU D 162 -3.47 33.21 -61.15
CA LEU D 162 -3.34 33.21 -62.63
C LEU D 162 -3.09 31.78 -63.12
N LEU D 163 -4.02 31.25 -63.94
CA LEU D 163 -3.90 29.90 -64.47
C LEU D 163 -3.38 30.00 -65.89
N ILE D 164 -2.13 29.61 -66.08
CA ILE D 164 -1.51 29.56 -67.39
C ILE D 164 -1.52 28.13 -67.87
N THR D 165 -1.96 27.92 -69.10
CA THR D 165 -1.95 26.61 -69.75
C THR D 165 -1.39 26.84 -71.15
N THR D 166 -0.36 26.07 -71.52
CA THR D 166 0.45 26.34 -72.70
C THR D 166 1.38 25.18 -73.02
N PRO D 167 1.73 24.96 -74.28
CA PRO D 167 2.81 24.03 -74.57
C PRO D 167 4.16 24.69 -74.38
N LEU D 168 5.14 23.89 -73.96
CA LEU D 168 6.52 24.34 -73.81
C LEU D 168 7.36 23.69 -74.90
N HIS D 169 8.07 24.51 -75.67
CA HIS D 169 8.95 24.03 -76.73
C HIS D 169 10.40 24.05 -76.26
N ARG D 170 11.12 22.97 -76.55
CA ARG D 170 12.51 22.82 -76.13
C ARG D 170 13.41 23.69 -77.00
N ASP D 171 14.18 24.54 -76.35
CA ASP D 171 15.21 25.27 -77.06
C ASP D 171 16.34 24.31 -77.44
N PRO D 172 16.83 24.34 -78.69
CA PRO D 172 17.90 23.41 -79.06
C PRO D 172 19.25 23.79 -78.49
N ALA D 173 19.47 25.07 -78.19
CA ALA D 173 20.76 25.52 -77.66
C ALA D 173 20.86 25.23 -76.16
N SER D 174 19.85 25.64 -75.39
CA SER D 174 19.90 25.57 -73.93
C SER D 174 19.29 24.31 -73.37
N GLY D 175 18.34 23.71 -74.08
CA GLY D 175 17.58 22.62 -73.53
C GLY D 175 16.45 23.05 -72.62
N LYS D 176 16.30 24.35 -72.37
CA LYS D 176 15.22 24.86 -71.53
C LYS D 176 13.90 24.84 -72.29
N TYR D 177 12.81 24.58 -71.57
CA TYR D 177 11.48 24.59 -72.14
C TYR D 177 10.86 25.96 -71.93
N THR D 178 10.56 26.66 -73.04
CA THR D 178 10.05 28.03 -72.99
C THR D 178 8.71 28.15 -73.68
N SER D 179 8.05 29.27 -73.40
CA SER D 179 6.81 29.65 -74.05
C SER D 179 6.52 31.12 -73.72
N ASN D 180 5.88 31.80 -74.67
CA ASN D 180 5.46 33.19 -74.52
C ASN D 180 3.93 33.25 -74.50
N VAL D 181 3.39 33.79 -73.40
CA VAL D 181 1.91 33.93 -73.24
C VAL D 181 1.57 35.37 -72.86
N GLN D 182 0.33 35.79 -73.11
CA GLN D 182 -0.13 37.16 -72.78
C GLN D 182 -0.96 37.14 -71.50
N SER D 183 -0.34 37.50 -70.37
CA SER D 183 -1.05 37.51 -69.05
C SER D 183 -2.12 38.61 -69.05
N PRO D 184 -3.37 38.32 -68.63
CA PRO D 184 -4.43 39.33 -68.60
C PRO D 184 -4.26 40.30 -67.42
N THR D 185 -3.62 39.83 -66.34
CA THR D 185 -3.37 40.67 -65.13
C THR D 185 -1.88 40.94 -64.99
N THR D 186 -1.51 42.17 -64.62
CA THR D 186 -0.08 42.56 -64.44
C THR D 186 0.36 42.23 -63.02
N PHE D 187 1.61 41.76 -62.86
CA PHE D 187 2.16 41.41 -61.56
C PHE D 187 3.67 41.51 -61.55
N ASN D 188 4.21 41.81 -60.36
CA ASN D 188 5.64 41.92 -60.12
C ASN D 188 6.21 40.71 -59.41
N LEU D 189 5.53 40.25 -58.36
CA LEU D 189 5.91 39.08 -57.58
C LEU D 189 4.88 37.98 -57.78
N PHE D 190 5.27 36.75 -57.42
CA PHE D 190 4.37 35.61 -57.55
C PHE D 190 4.89 34.43 -56.74
N ARG D 191 3.99 33.53 -56.39
CA ARG D 191 4.33 32.21 -55.87
C ARG D 191 3.76 31.17 -56.83
N VAL D 192 4.39 30.00 -56.89
CA VAL D 192 3.96 28.94 -57.77
C VAL D 192 3.22 27.88 -56.97
N LEU D 193 1.92 27.71 -57.23
CA LEU D 193 1.09 26.74 -56.52
C LEU D 193 1.19 25.31 -57.08
N TYR D 194 1.30 25.13 -58.40
CA TYR D 194 1.72 23.83 -58.93
C TYR D 194 2.12 23.97 -60.39
N ILE D 195 2.89 22.96 -60.85
CA ILE D 195 3.24 22.78 -62.26
C ILE D 195 2.86 21.34 -62.63
N LYS D 196 1.88 21.20 -63.52
CA LYS D 196 1.51 19.91 -64.10
C LYS D 196 2.07 19.83 -65.52
N LEU D 197 2.94 18.84 -65.76
CA LEU D 197 3.57 18.66 -67.09
C LEU D 197 3.00 17.41 -67.76
N SER D 198 2.78 17.47 -69.08
CA SER D 198 2.22 16.34 -69.84
C SER D 198 3.03 16.12 -71.13
N GLY D 199 3.92 15.12 -71.13
CA GLY D 199 4.75 14.82 -72.31
C GLY D 199 4.18 13.67 -73.13
N GLU D 200 5.05 12.93 -73.82
CA GLU D 200 4.61 11.78 -74.67
C GLU D 200 4.32 10.58 -73.76
N GLU D 201 5.07 10.46 -72.66
CA GLU D 201 4.89 9.34 -71.70
C GLU D 201 3.80 9.69 -70.67
N GLY D 202 3.31 10.93 -70.71
CA GLY D 202 2.26 11.38 -69.78
C GLY D 202 2.83 12.30 -68.70
N MET D 203 2.34 12.15 -67.46
CA MET D 203 2.80 12.97 -66.32
C MET D 203 4.32 13.05 -66.26
N VAL D 204 4.87 14.25 -66.15
CA VAL D 204 6.34 14.37 -66.13
C VAL D 204 6.74 15.16 -64.89
N LYS D 207 10.40 16.20 -61.16
CA LYS D 207 10.99 16.18 -62.50
C LYS D 207 11.49 17.55 -62.96
N VAL D 208 10.90 18.61 -62.42
CA VAL D 208 11.26 19.99 -62.74
C VAL D 208 12.33 20.47 -61.76
N LYS D 209 13.37 21.12 -62.29
CA LYS D 209 14.41 21.68 -61.44
C LYS D 209 14.09 23.11 -61.01
N HIS D 210 13.93 24.01 -61.97
CA HIS D 210 13.59 25.41 -61.68
C HIS D 210 12.65 25.96 -62.76
N LEU D 211 12.07 27.12 -62.46
CA LEU D 211 11.14 27.83 -63.33
C LEU D 211 11.36 29.32 -63.14
N THR D 212 11.49 30.06 -64.23
CA THR D 212 11.58 31.52 -64.20
C THR D 212 10.44 32.09 -65.03
N ILE D 213 10.01 33.29 -64.70
CA ILE D 213 9.05 34.03 -65.50
C ILE D 213 9.59 35.43 -65.72
N ASP D 214 9.67 35.85 -66.98
CA ASP D 214 10.05 37.21 -67.36
C ASP D 214 8.86 37.93 -67.96
N LYS D 215 8.71 39.20 -67.61
CA LYS D 215 7.77 40.11 -68.25
C LYS D 215 8.53 41.02 -69.23
N ASP D 216 7.77 41.70 -70.10
CA ASP D 216 8.42 42.63 -71.00
C ASP D 216 8.44 44.02 -70.38
N SER D 217 9.42 44.81 -70.83
CA SER D 217 9.65 46.16 -70.30
C SER D 217 8.75 47.19 -70.98
N LEU D 218 7.91 46.77 -71.92
CA LEU D 218 6.99 47.75 -72.54
C LEU D 218 5.59 47.61 -71.94
N GLN D 219 5.55 47.06 -70.73
CA GLN D 219 4.29 46.91 -69.96
C GLN D 219 3.20 46.27 -70.81
N GLU D 220 3.56 45.43 -71.79
CA GLU D 220 2.54 44.84 -72.69
C GLU D 220 1.76 43.71 -72.04
N GLY D 221 2.31 43.06 -71.01
CA GLY D 221 1.62 41.93 -70.37
C GLY D 221 2.15 40.60 -70.87
N PHE D 222 3.22 40.65 -71.73
CA PHE D 222 3.83 39.43 -72.29
C PHE D 222 4.69 38.76 -71.21
N LEU D 223 4.53 37.43 -71.01
CA LEU D 223 5.30 36.68 -70.00
C LEU D 223 6.08 35.62 -70.74
N GLN D 224 7.32 35.42 -70.39
CA GLN D 224 8.15 34.36 -70.94
C GLN D 224 8.37 33.32 -69.87
N LEU D 225 7.92 32.11 -70.12
CA LEU D 225 8.08 30.98 -69.22
C LEU D 225 9.34 30.24 -69.60
N CYS D 226 10.19 29.94 -68.61
CA CYS D 226 11.35 29.10 -68.84
C CYS D 226 11.45 28.05 -67.75
N LEU D 227 11.55 26.78 -68.15
CA LEU D 227 11.64 25.66 -67.23
C LEU D 227 12.90 24.86 -67.52
N ASN D 228 13.73 24.68 -66.49
CA ASN D 228 14.85 23.75 -66.56
C ASN D 228 14.39 22.38 -66.02
N MET D 229 14.62 21.32 -66.81
CA MET D 229 14.12 19.98 -66.53
C MET D 229 15.25 19.00 -66.21
N CYS D 230 14.84 17.84 -65.65
CA CYS D 230 15.74 16.74 -65.27
C CYS D 230 15.63 15.61 -66.29
N GLY D 231 16.58 15.56 -67.23
CA GLY D 231 16.69 14.45 -68.15
C GLY D 231 15.57 14.30 -69.15
N VAL D 232 14.56 15.16 -69.12
CA VAL D 232 13.48 15.11 -70.09
C VAL D 232 14.02 15.52 -71.45
N SER D 233 13.96 14.60 -72.42
CA SER D 233 14.52 14.82 -73.75
C SER D 233 13.48 15.23 -74.80
N TYR D 234 12.20 15.21 -74.41
CA TYR D 234 11.03 15.50 -75.30
C TYR D 234 11.09 16.88 -75.96
N GLU D 235 10.46 17.01 -77.14
CA GLU D 235 10.46 18.28 -77.91
C GLU D 235 9.38 19.24 -77.37
N THR D 236 8.20 18.72 -77.01
CA THR D 236 7.12 19.57 -76.53
C THR D 236 6.60 18.96 -75.24
N LEU D 237 6.39 19.81 -74.24
CA LEU D 237 5.71 19.44 -73.00
C LEU D 237 4.45 20.26 -72.90
N GLN D 238 3.36 19.60 -72.52
CA GLN D 238 2.12 20.32 -72.22
C GLN D 238 2.15 20.75 -70.77
N CYS D 239 1.78 21.99 -70.52
CA CYS D 239 2.04 22.63 -69.25
C CYS D 239 0.76 23.21 -68.68
N GLU D 240 0.61 23.10 -67.36
CA GLU D 240 -0.43 23.81 -66.64
C GLU D 240 0.21 24.36 -65.37
N ILE D 241 0.14 25.68 -65.19
CA ILE D 241 0.82 26.34 -64.10
C ILE D 241 -0.18 27.27 -63.43
N LEU D 242 -0.46 27.02 -62.17
CA LEU D 242 -1.22 27.94 -61.33
C LEU D 242 -0.25 28.79 -60.53
N LEU D 243 -0.47 30.11 -60.52
CA LEU D 243 0.36 31.06 -59.79
C LEU D 243 -0.48 31.84 -58.79
N GLU D 244 0.10 32.15 -57.64
CA GLU D 244 -0.46 33.16 -56.78
C GLU D 244 0.22 34.48 -57.06
N LEU D 245 -0.56 35.55 -57.22
CA LEU D 245 -0.02 36.87 -57.49
C LEU D 245 0.19 37.57 -56.16
N VAL D 246 1.38 38.09 -55.95
CA VAL D 246 1.78 38.57 -54.64
C VAL D 246 1.77 40.09 -54.69
N GLN D 247 0.93 40.68 -53.84
CA GLN D 247 0.87 42.14 -53.71
C GLN D 247 1.88 42.59 -52.66
N GLY D 248 2.74 43.53 -53.05
CA GLY D 248 3.70 44.08 -52.12
C GLY D 248 4.82 43.13 -51.77
N PRO D 249 5.91 43.67 -51.23
CA PRO D 249 7.12 42.87 -51.06
C PRO D 249 6.98 41.84 -49.95
N THR D 250 7.81 40.81 -50.04
CA THR D 250 7.93 39.76 -49.04
C THR D 250 9.31 39.87 -48.37
N ASN D 251 9.64 38.90 -47.51
CA ASN D 251 10.94 38.97 -46.83
C ASN D 251 12.06 38.50 -47.74
N PHE D 252 11.84 37.40 -48.45
CA PHE D 252 12.78 36.86 -49.39
C PHE D 252 12.21 37.03 -50.80
N ILE D 253 13.08 37.39 -51.73
CA ILE D 253 12.73 37.51 -53.13
C ILE D 253 13.68 36.60 -53.90
N PHE D 254 13.11 35.67 -54.64
CA PHE D 254 13.92 34.79 -55.45
C PHE D 254 13.89 35.21 -56.92
N PRO D 255 14.90 34.85 -57.71
CA PRO D 255 14.86 35.12 -59.15
C PRO D 255 14.29 33.97 -59.98
N ALA D 256 14.13 32.79 -59.37
CA ALA D 256 13.64 31.57 -60.00
C ALA D 256 12.92 30.75 -58.94
N ALA D 257 11.89 30.01 -59.38
CA ALA D 257 11.13 29.15 -58.49
C ALA D 257 11.75 27.76 -58.42
N PHE D 258 11.63 27.13 -57.26
CA PHE D 258 12.13 25.80 -56.99
C PHE D 258 10.94 24.92 -56.61
N PRO D 259 11.06 23.60 -56.76
CA PRO D 259 9.92 22.72 -56.46
C PRO D 259 9.66 22.65 -54.97
N PRO D 260 8.47 22.24 -54.55
CA PRO D 260 8.25 22.01 -53.11
C PRO D 260 9.07 20.83 -52.64
N PRO D 261 9.32 20.71 -51.34
CA PRO D 261 10.13 19.58 -50.85
C PRO D 261 9.38 18.25 -50.91
N VAL D 262 10.01 17.25 -51.53
CA VAL D 262 9.38 15.94 -51.69
C VAL D 262 9.33 15.17 -50.36
N SER D 263 10.41 15.21 -49.56
CA SER D 263 10.50 14.44 -48.31
C SER D 263 9.85 15.15 -47.12
N LEU D 264 9.47 16.41 -47.24
CA LEU D 264 8.79 17.14 -46.17
C LEU D 264 7.60 17.88 -46.76
N PRO D 265 6.61 17.15 -47.30
CA PRO D 265 5.49 17.84 -47.97
C PRO D 265 4.75 18.76 -47.00
N HIS D 266 4.44 19.97 -47.50
CA HIS D 266 3.68 21.03 -46.82
C HIS D 266 4.47 21.70 -45.71
N ARG D 267 5.79 21.47 -45.65
CA ARG D 267 6.71 22.27 -44.86
C ARG D 267 7.39 23.25 -45.81
N ASN D 268 7.67 24.47 -45.33
CA ASN D 268 8.31 25.50 -46.16
C ASN D 268 9.82 25.41 -46.04
N CYS D 269 10.45 24.69 -46.97
CA CYS D 269 11.89 24.57 -47.00
C CYS D 269 12.30 24.09 -48.39
N ILE D 270 13.57 24.30 -48.72
CA ILE D 270 14.12 23.99 -50.04
C ILE D 270 15.02 22.78 -49.94
N GLU D 271 14.70 21.72 -50.67
CA GLU D 271 15.62 20.59 -50.79
C GLU D 271 16.72 20.96 -51.78
N LEU D 272 17.97 20.85 -51.35
CA LEU D 272 19.12 21.20 -52.17
C LEU D 272 19.70 19.90 -52.73
N THR D 273 19.67 19.78 -54.06
CA THR D 273 20.19 18.57 -54.77
C THR D 273 21.55 18.90 -55.38
N CYS D 274 22.31 17.87 -55.77
CA CYS D 274 23.66 18.05 -56.38
C CYS D 274 23.50 18.41 -57.87
N ASP D 275 23.89 19.64 -58.24
CA ASP D 275 23.78 20.09 -59.65
C ASP D 275 24.75 19.29 -60.51
N THR D 276 26.05 19.40 -60.23
CA THR D 276 27.09 18.66 -61.00
C THR D 276 27.54 17.44 -60.19
N GLU D 277 27.64 16.27 -60.85
CA GLU D 277 28.06 15.02 -60.19
C GLU D 277 29.53 15.15 -59.75
N ARG D 278 29.81 14.93 -58.47
CA ARG D 278 31.19 15.02 -57.93
C ARG D 278 31.45 13.83 -57.00
N CYS D 279 32.73 13.55 -56.71
CA CYS D 279 33.12 12.42 -55.82
C CYS D 279 33.88 12.96 -54.60
N LEU D 280 33.78 12.25 -53.49
CA LEU D 280 34.44 12.63 -52.24
C LEU D 280 35.19 11.44 -51.62
N LYS D 281 36.50 11.62 -51.36
CA LYS D 281 37.33 10.63 -50.68
C LYS D 281 37.02 10.63 -49.19
N PRO D 282 37.22 9.50 -48.50
CA PRO D 282 36.89 9.44 -47.07
C PRO D 282 37.63 10.52 -46.28
N GLY D 283 36.93 11.09 -45.30
CA GLY D 283 37.52 12.14 -44.48
C GLY D 283 37.75 13.46 -45.18
N ASP D 284 37.21 13.61 -46.39
CA ASP D 284 37.42 14.86 -47.17
C ASP D 284 36.17 15.75 -47.15
N VAL D 285 36.38 17.08 -47.11
CA VAL D 285 35.32 18.05 -47.13
C VAL D 285 35.16 18.61 -48.55
N MET D 286 34.12 19.42 -48.75
CA MET D 286 33.82 20.03 -50.03
C MET D 286 32.87 21.18 -49.80
N LYS D 287 33.31 22.39 -50.12
CA LYS D 287 32.44 23.56 -50.07
C LYS D 287 31.77 23.69 -51.43
N LEU D 288 30.74 22.86 -51.63
CA LEU D 288 29.96 22.82 -52.87
C LEU D 288 29.13 24.08 -53.00
N LYS D 289 29.11 24.65 -54.20
CA LYS D 289 28.41 25.91 -54.44
C LYS D 289 27.15 25.64 -55.22
N HIS D 290 26.02 26.09 -54.68
CA HIS D 290 24.73 25.87 -55.28
C HIS D 290 24.33 27.08 -56.09
N ARG D 291 23.48 26.85 -57.09
CA ARG D 291 23.14 27.93 -57.98
C ARG D 291 22.13 28.90 -57.38
N LEU D 292 21.51 28.56 -56.25
CA LEU D 292 20.40 29.35 -55.74
C LEU D 292 20.89 30.67 -55.13
N LEU D 293 20.06 31.71 -55.28
CA LEU D 293 20.35 33.04 -54.77
C LEU D 293 19.05 33.68 -54.37
N TYR D 294 19.12 34.62 -53.42
CA TYR D 294 17.95 35.36 -52.96
C TYR D 294 18.35 36.71 -52.40
N GLU D 295 17.35 37.60 -52.27
CA GLU D 295 17.54 38.93 -51.71
C GLU D 295 16.41 39.20 -50.72
N LEU D 296 16.50 40.32 -50.02
CA LEU D 296 15.48 40.71 -49.06
C LEU D 296 14.54 41.73 -49.70
N GLY D 297 13.26 41.62 -49.36
CA GLY D 297 12.30 42.58 -49.86
C GLY D 297 11.89 43.63 -48.84
N GLN D 298 12.34 43.49 -47.59
CA GLN D 298 12.03 44.44 -46.52
C GLN D 298 13.15 44.50 -45.49
N THR D 302 12.99 45.47 -36.73
CA THR D 302 12.93 44.34 -37.66
C THR D 302 13.99 43.29 -37.31
N PRO D 303 13.52 42.10 -36.87
CA PRO D 303 14.43 40.95 -36.77
C PRO D 303 14.96 40.55 -38.13
N GLN D 304 16.08 39.83 -38.12
CA GLN D 304 16.76 39.49 -39.36
C GLN D 304 16.27 38.15 -39.91
N ASN D 305 16.47 37.94 -41.21
CA ASN D 305 15.98 36.75 -41.89
C ASN D 305 17.10 36.12 -42.72
N ALA D 306 17.12 34.79 -42.73
CA ALA D 306 18.06 34.04 -43.55
C ALA D 306 17.62 32.57 -43.54
N PHE D 307 18.48 31.71 -44.06
CA PHE D 307 18.24 30.29 -44.16
C PHE D 307 19.26 29.51 -43.36
N LEU D 308 18.81 28.52 -42.60
CA LEU D 308 19.72 27.52 -42.07
C LEU D 308 20.00 26.48 -43.15
N ILE D 309 21.27 26.17 -43.35
CA ILE D 309 21.67 25.11 -44.27
C ILE D 309 22.15 23.94 -43.41
N VAL D 310 21.36 22.85 -43.36
CA VAL D 310 21.65 21.69 -42.53
C VAL D 310 21.47 20.42 -43.35
N GLY D 311 22.00 19.32 -42.81
CA GLY D 311 21.87 18.04 -43.49
C GLY D 311 20.51 17.41 -43.31
N ALA D 312 20.31 16.34 -44.03
CA ALA D 312 19.11 15.52 -43.96
C ALA D 312 19.49 14.15 -43.42
N HIS D 313 18.48 13.30 -43.27
CA HIS D 313 18.65 11.95 -42.77
C HIS D 313 18.37 10.99 -43.92
N SER D 314 19.18 9.96 -44.04
CA SER D 314 19.02 8.93 -45.06
C SER D 314 19.87 7.74 -44.65
N PRO D 315 19.64 6.56 -45.25
CA PRO D 315 20.41 5.37 -44.81
C PRO D 315 21.92 5.60 -44.84
N GLU D 316 22.44 6.19 -45.91
CA GLU D 316 23.83 6.63 -45.98
C GLU D 316 23.80 8.15 -45.88
N THR D 317 23.84 8.65 -44.64
CA THR D 317 23.77 10.07 -44.37
C THR D 317 24.87 10.83 -45.14
N VAL D 318 24.49 11.97 -45.70
CA VAL D 318 25.44 12.97 -46.14
C VAL D 318 25.55 14.00 -45.03
N TRP D 319 26.69 14.03 -44.35
CA TRP D 319 26.87 14.90 -43.21
C TRP D 319 27.22 16.32 -43.67
N ILE D 320 26.56 17.31 -43.09
CA ILE D 320 26.62 18.70 -43.53
C ILE D 320 27.02 19.55 -42.34
N SER D 321 28.12 20.27 -42.46
CA SER D 321 28.50 21.19 -41.41
C SER D 321 27.62 22.43 -41.54
N PRO D 322 26.89 22.80 -40.51
CA PRO D 322 25.81 23.78 -40.71
C PRO D 322 26.33 25.17 -40.98
N SER D 323 25.52 25.94 -41.71
CA SER D 323 25.86 27.30 -42.06
C SER D 323 24.58 28.11 -42.21
N LEU D 324 24.76 29.44 -42.11
CA LEU D 324 23.70 30.41 -42.30
C LEU D 324 23.82 31.04 -43.69
N TRP D 325 22.73 30.99 -44.49
CA TRP D 325 22.72 31.42 -45.89
C TRP D 325 22.16 32.84 -45.96
N LEU D 326 22.99 33.79 -46.31
CA LEU D 326 22.65 35.20 -46.14
C LEU D 326 22.11 35.81 -47.44
N PRO D 327 21.25 36.83 -47.35
CA PRO D 327 20.79 37.50 -48.57
C PRO D 327 21.95 38.00 -49.41
N GLY D 328 21.90 37.70 -50.71
CA GLY D 328 22.89 38.19 -51.65
C GLY D 328 24.18 37.41 -51.71
N GLN D 329 24.33 36.36 -50.91
CA GLN D 329 25.54 35.58 -50.82
C GLN D 329 25.35 34.23 -51.51
N PRO D 330 26.40 33.66 -52.07
CA PRO D 330 26.25 32.35 -52.71
C PRO D 330 25.88 31.29 -51.67
N LEU D 331 25.15 30.28 -52.12
CA LEU D 331 24.77 29.16 -51.27
C LEU D 331 25.86 28.11 -51.35
N TYR D 332 26.72 28.07 -50.33
CA TYR D 332 27.65 26.96 -50.13
C TYR D 332 27.04 25.90 -49.22
N ILE D 333 27.17 24.63 -49.65
CA ILE D 333 26.77 23.45 -48.88
C ILE D 333 28.05 22.73 -48.45
N ASN D 334 28.37 22.77 -47.16
CA ASN D 334 29.64 22.21 -46.66
C ASN D 334 29.49 20.74 -46.29
N ILE D 335 29.96 19.86 -47.19
CA ILE D 335 29.89 18.39 -46.99
C ILE D 335 31.12 17.93 -46.21
N ILE D 336 30.96 16.91 -45.35
CA ILE D 336 32.09 16.37 -44.54
C ILE D 336 32.05 14.85 -44.59
N ASN D 337 32.89 14.23 -45.43
CA ASN D 337 32.93 12.76 -45.57
C ASN D 337 33.40 12.14 -44.25
N LEU D 338 32.55 11.30 -43.63
CA LEU D 338 32.88 10.64 -42.34
C LEU D 338 32.79 9.12 -42.52
N SER D 339 32.46 8.67 -43.74
CA SER D 339 32.34 7.22 -44.04
C SER D 339 33.72 6.65 -44.42
N HIS D 340 33.81 5.33 -44.44
CA HIS D 340 35.05 4.57 -44.74
C HIS D 340 35.16 4.31 -46.23
N LYS D 341 34.11 4.58 -46.99
CA LYS D 341 34.11 4.47 -48.44
C LYS D 341 34.04 5.86 -49.06
N PRO D 342 34.39 5.98 -50.34
CA PRO D 342 34.16 7.25 -51.06
C PRO D 342 32.67 7.49 -51.29
N LEU D 343 32.36 8.76 -51.54
CA LEU D 343 30.99 9.23 -51.68
C LEU D 343 30.88 10.02 -52.98
N LEU D 344 30.15 9.48 -53.94
CA LEU D 344 29.79 10.22 -55.15
C LEU D 344 28.38 10.76 -54.99
N LEU D 345 28.17 11.98 -55.49
CA LEU D 345 26.96 12.74 -55.15
C LEU D 345 25.89 12.47 -56.21
N SER D 346 25.20 11.35 -56.04
CA SER D 346 24.16 10.92 -56.98
C SER D 346 23.18 12.07 -57.26
N ARG D 347 23.02 12.40 -58.55
CA ARG D 347 22.17 13.54 -59.00
C ARG D 347 20.71 13.36 -58.57
N HIS D 348 20.03 14.51 -58.33
CA HIS D 348 18.59 14.60 -57.95
C HIS D 348 18.34 14.06 -56.54
N SER D 349 19.39 13.85 -55.74
CA SER D 349 19.20 13.33 -54.38
C SER D 349 19.51 14.45 -53.38
N ILE D 350 18.95 14.33 -52.18
CA ILE D 350 18.99 15.45 -51.21
C ILE D 350 20.38 15.57 -50.58
N LEU D 351 20.99 16.75 -50.73
CA LEU D 351 22.24 17.07 -50.06
C LEU D 351 22.04 17.86 -48.76
N ALA D 352 21.18 18.86 -48.77
CA ALA D 352 20.97 19.68 -47.59
C ALA D 352 19.58 20.28 -47.66
N LEU D 353 19.14 20.90 -46.58
CA LEU D 353 17.90 21.66 -46.57
C LEU D 353 18.20 23.11 -46.30
N ALA D 354 17.43 23.96 -46.94
CA ALA D 354 17.50 25.39 -46.66
C ALA D 354 16.21 25.66 -45.91
N ILE D 355 16.30 26.05 -44.65
CA ILE D 355 15.12 26.30 -43.80
C ILE D 355 15.10 27.77 -43.48
N PRO D 356 14.05 28.52 -43.84
CA PRO D 356 13.99 29.93 -43.56
C PRO D 356 13.60 30.23 -42.10
N ILE D 357 14.40 31.01 -41.40
CA ILE D 357 14.07 31.36 -40.00
C ILE D 357 14.33 32.84 -39.80
N SER D 358 13.93 33.33 -38.64
CA SER D 358 14.22 34.71 -38.21
C SER D 358 15.13 34.62 -36.98
N TYR D 359 16.00 35.59 -36.79
CA TYR D 359 16.95 35.50 -35.66
C TYR D 359 17.42 36.88 -35.27
N THR D 360 18.09 36.95 -34.12
CA THR D 360 18.72 38.16 -33.57
C THR D 360 20.17 37.80 -33.32
N ARG D 361 21.12 38.68 -33.58
CA ARG D 361 22.54 38.34 -33.38
C ARG D 361 22.90 38.48 -31.90
N THR D 372 27.06 27.58 -37.48
CA THR D 372 28.12 26.68 -36.94
C THR D 372 27.85 26.41 -35.46
N THR D 373 28.16 25.18 -35.00
CA THR D 373 27.96 24.79 -33.59
C THR D 373 26.51 25.10 -33.17
N ILE D 374 25.54 24.42 -33.80
CA ILE D 374 24.09 24.63 -33.49
C ILE D 374 23.74 23.81 -32.24
N CYS D 375 23.44 24.49 -31.13
CA CYS D 375 23.05 23.81 -29.86
C CYS D 375 21.68 24.30 -29.41
N TYR D 376 21.01 23.56 -28.53
CA TYR D 376 19.66 23.95 -28.04
C TYR D 376 19.55 23.67 -26.54
N SER D 377 18.94 24.62 -25.80
CA SER D 377 18.74 24.50 -24.34
C SER D 377 17.28 24.13 -24.06
N GLY D 378 17.05 23.05 -23.31
CA GLY D 378 15.70 22.60 -22.98
C GLY D 378 15.02 23.51 -21.97
N ASN D 379 15.74 23.90 -20.91
CA ASN D 379 15.13 24.75 -19.90
C ASN D 379 14.90 26.16 -20.43
N SER D 380 15.89 26.71 -21.14
CA SER D 380 15.83 28.10 -21.58
C SER D 380 14.90 28.33 -22.77
N ARG D 381 14.47 27.28 -23.47
CA ARG D 381 13.74 27.43 -24.73
C ARG D 381 14.54 28.34 -25.68
N VAL D 382 15.80 28.02 -25.87
CA VAL D 382 16.74 28.84 -26.62
C VAL D 382 17.51 27.98 -27.61
N LEU D 383 17.56 28.40 -28.86
CA LEU D 383 18.23 27.67 -29.92
C LEU D 383 19.19 28.61 -30.62
N THR D 384 20.46 28.26 -30.56
CA THR D 384 21.44 29.17 -31.13
C THR D 384 22.19 28.59 -32.29
N CYS D 385 22.25 29.35 -33.37
CA CYS D 385 23.11 29.00 -34.50
C CYS D 385 24.21 30.02 -34.38
N GLY D 386 25.42 29.56 -34.14
CA GLY D 386 26.57 30.43 -33.95
C GLY D 386 26.29 31.52 -32.95
N ALA D 387 26.31 32.77 -33.41
CA ALA D 387 26.05 33.94 -32.53
C ALA D 387 24.60 34.40 -32.70
N ALA D 388 23.95 33.96 -33.79
CA ALA D 388 22.54 34.33 -34.07
C ALA D 388 21.61 33.55 -33.12
N HIS D 389 20.53 34.20 -32.67
CA HIS D 389 19.56 33.54 -31.75
C HIS D 389 18.25 33.28 -32.49
N VAL D 390 17.96 32.01 -32.78
CA VAL D 390 16.71 31.63 -33.50
C VAL D 390 15.50 32.09 -32.66
N LEU D 391 14.50 32.66 -33.32
CA LEU D 391 13.27 33.16 -32.61
C LEU D 391 12.52 32.04 -31.92
N GLU D 392 12.33 32.17 -30.62
CA GLU D 392 11.78 31.12 -29.73
C GLU D 392 10.42 30.67 -30.26
N ALA D 393 9.70 31.56 -30.94
CA ALA D 393 8.36 31.23 -31.49
C ALA D 393 8.47 30.05 -32.47
N HIS D 394 9.50 30.06 -33.31
CA HIS D 394 9.73 28.99 -34.31
C HIS D 394 9.64 27.62 -33.63
N PHE D 395 10.35 27.33 -32.55
CA PHE D 395 10.24 25.97 -31.93
C PHE D 395 9.32 25.96 -30.71
N LYS D 396 8.28 26.76 -30.72
CA LYS D 396 7.32 26.95 -29.59
C LYS D 396 5.98 26.31 -29.95
N HIS D 397 5.71 25.11 -29.43
CA HIS D 397 4.44 24.39 -29.69
C HIS D 397 3.71 24.11 -28.37
N PRO D 398 2.39 23.81 -28.39
CA PRO D 398 1.65 23.53 -27.15
C PRO D 398 2.04 22.17 -26.56
N PRO D 399 1.99 21.99 -25.23
CA PRO D 399 2.35 20.72 -24.60
C PRO D 399 1.28 19.65 -24.83
N ILE D 400 1.68 18.51 -25.41
CA ILE D 400 0.74 17.39 -25.69
C ILE D 400 1.09 16.21 -24.78
N THR D 401 0.13 15.76 -23.96
CA THR D 401 0.34 14.63 -23.03
C THR D 401 0.34 13.31 -23.83
N SER D 402 1.51 12.69 -23.99
CA SER D 402 1.63 11.41 -24.74
C SER D 402 1.99 10.28 -23.77
N ARG D 403 1.62 9.05 -24.12
CA ARG D 403 1.91 7.86 -23.27
C ARG D 403 2.87 6.93 -24.01
N ALA D 404 3.54 6.03 -23.27
CA ALA D 404 4.50 5.07 -23.86
C ALA D 404 3.79 3.74 -24.15
N ILE D 405 3.86 3.26 -25.39
CA ILE D 405 3.24 2.00 -25.87
C ILE D 405 4.15 0.82 -25.59
N THR D 406 3.61 -0.24 -25.03
CA THR D 406 4.43 -1.40 -24.62
C THR D 406 4.26 -2.64 -25.50
N ASP D 407 3.03 -3.05 -25.74
CA ASP D 407 2.80 -4.31 -26.54
C ASP D 407 3.56 -5.48 -25.88
N GLY D 408 3.24 -5.78 -24.64
CA GLY D 408 3.95 -6.91 -24.03
C GLY D 408 3.48 -8.25 -24.58
N GLY D 409 2.27 -8.69 -24.24
CA GLY D 409 1.88 -10.06 -24.63
C GLY D 409 0.61 -10.19 -25.42
N GLU D 410 0.62 -11.14 -26.36
CA GLU D 410 -0.51 -11.50 -27.24
C GLU D 410 -0.73 -13.00 -27.10
N SER D 411 -1.42 -13.42 -26.05
CA SER D 411 -1.78 -14.79 -25.73
C SER D 411 -3.03 -15.20 -26.50
N PRO D 412 -3.25 -16.50 -26.71
CA PRO D 412 -4.41 -16.92 -27.48
C PRO D 412 -5.70 -16.80 -26.67
N MET D 413 -6.80 -16.58 -27.39
CA MET D 413 -8.11 -16.81 -26.79
C MET D 413 -8.21 -18.24 -26.27
N GLU D 414 -8.93 -18.43 -25.18
CA GLU D 414 -9.35 -19.78 -24.85
C GLU D 414 -10.80 -19.92 -25.31
N TRP D 415 -10.97 -20.59 -26.44
CA TRP D 415 -12.21 -20.55 -27.19
C TRP D 415 -12.80 -21.94 -27.36
N GLN D 416 -14.10 -21.97 -27.60
CA GLN D 416 -14.89 -23.18 -27.71
C GLN D 416 -15.78 -23.07 -28.95
N THR D 417 -16.34 -24.20 -29.39
CA THR D 417 -17.37 -24.21 -30.43
C THR D 417 -18.52 -25.08 -29.94
N LEU D 418 -19.63 -25.00 -30.69
CA LEU D 418 -20.87 -25.71 -30.35
C LEU D 418 -20.73 -27.21 -30.59
N GLU E 2 -10.18 -29.52 59.30
CA GLU E 2 -10.12 -28.62 58.11
C GLU E 2 -8.65 -28.45 57.70
N ASP E 3 -8.31 -28.88 56.48
CA ASP E 3 -6.91 -28.77 55.97
C ASP E 3 -6.55 -27.28 55.83
N ASN E 4 -5.52 -26.85 56.55
CA ASN E 4 -5.07 -25.46 56.50
C ASN E 4 -3.62 -25.34 56.10
N HIS E 5 -3.05 -26.34 55.43
CA HIS E 5 -1.66 -26.23 55.00
C HIS E 5 -1.49 -25.16 53.92
N ASN E 6 -2.54 -24.84 53.16
CA ASN E 6 -2.46 -23.87 52.07
C ASN E 6 -3.78 -23.13 51.97
N PRO E 7 -4.13 -22.34 52.97
CA PRO E 7 -5.42 -21.64 52.93
C PRO E 7 -5.56 -20.62 51.82
N MET E 8 -4.47 -20.08 51.30
CA MET E 8 -4.58 -19.11 50.21
C MET E 8 -4.69 -19.75 48.84
N LYS E 9 -4.54 -21.08 48.76
CA LYS E 9 -4.56 -21.83 47.50
C LYS E 9 -3.54 -21.24 46.53
N ASP E 10 -2.31 -21.10 47.01
CA ASP E 10 -1.24 -20.58 46.19
C ASP E 10 -0.51 -21.71 45.50
N ILE E 11 0.29 -21.34 44.49
CA ILE E 11 1.12 -22.31 43.79
C ILE E 11 2.11 -22.95 44.73
N GLU E 12 2.30 -24.26 44.57
CA GLU E 12 3.12 -25.05 45.46
C GLU E 12 4.31 -25.59 44.66
N VAL E 13 5.53 -25.21 45.09
CA VAL E 13 6.74 -25.63 44.39
C VAL E 13 6.85 -27.15 44.45
N THR E 14 7.11 -27.76 43.30
CA THR E 14 7.24 -29.22 43.24
C THR E 14 8.60 -29.64 43.83
N SER E 15 8.59 -30.77 44.56
CA SER E 15 9.76 -31.39 45.20
C SER E 15 10.37 -30.48 46.27
N SER E 16 9.61 -30.30 47.33
CA SER E 16 10.07 -29.47 48.44
C SER E 16 11.13 -30.20 49.26
N PRO E 17 11.96 -29.44 49.99
CA PRO E 17 12.95 -30.06 50.88
C PRO E 17 12.32 -31.01 51.88
N ASP E 18 13.15 -31.93 52.38
CA ASP E 18 12.73 -32.95 53.33
C ASP E 18 12.59 -32.42 54.75
N ASP E 19 13.18 -31.27 55.07
CA ASP E 19 13.14 -30.72 56.41
C ASP E 19 12.92 -29.22 56.27
N SER E 20 12.80 -28.53 57.41
CA SER E 20 12.33 -27.14 57.44
C SER E 20 13.19 -26.20 56.61
N ILE E 21 12.53 -25.32 55.87
CA ILE E 21 13.24 -24.35 55.05
C ILE E 21 13.69 -23.21 55.96
N GLY E 22 14.99 -22.91 55.92
CA GLY E 22 15.54 -21.74 56.56
C GLY E 22 15.69 -20.48 55.71
N CYS E 23 15.79 -20.59 54.38
CA CYS E 23 16.12 -19.40 53.61
C CYS E 23 15.71 -19.56 52.15
N LEU E 24 15.32 -18.44 51.54
CA LEU E 24 14.90 -18.38 50.15
C LEU E 24 15.64 -17.25 49.45
N SER E 25 16.07 -17.48 48.21
CA SER E 25 16.71 -16.41 47.45
C SER E 25 16.41 -16.54 45.97
N PHE E 26 15.83 -15.50 45.37
CA PHE E 26 15.54 -15.47 43.93
C PHE E 26 16.73 -14.94 43.13
N SER E 27 16.82 -15.37 41.87
CA SER E 27 17.91 -15.04 40.97
C SER E 27 17.90 -13.56 40.57
N PRO E 28 19.06 -13.01 40.21
CA PRO E 28 19.15 -11.56 39.85
C PRO E 28 18.56 -11.26 38.47
N PRO E 29 18.30 -9.99 38.15
CA PRO E 29 17.74 -9.68 36.83
C PRO E 29 18.65 -10.06 35.67
N THR E 30 19.96 -10.22 35.89
CA THR E 30 20.82 -10.62 34.77
C THR E 30 20.56 -12.03 34.26
N LEU E 31 19.71 -12.84 34.95
CA LEU E 31 19.28 -14.13 34.42
C LEU E 31 17.91 -13.97 33.79
N PRO E 32 17.72 -14.42 32.55
CA PRO E 32 16.44 -14.18 31.87
C PRO E 32 15.24 -14.80 32.58
N GLY E 33 15.32 -16.03 33.02
CA GLY E 33 14.19 -16.65 33.69
C GLY E 33 13.99 -16.16 35.11
N ASN E 34 13.46 -17.05 35.94
CA ASN E 34 13.45 -16.91 37.39
C ASN E 34 13.84 -18.25 37.99
N PHE E 35 14.80 -18.22 38.90
CA PHE E 35 15.24 -19.39 39.62
C PHE E 35 15.13 -19.12 41.11
N LEU E 36 14.69 -20.13 41.86
CA LEU E 36 14.50 -20.04 43.30
C LEU E 36 15.47 -20.99 43.99
N ILE E 37 16.19 -20.48 45.00
CA ILE E 37 17.11 -21.26 45.83
C ILE E 37 16.52 -21.36 47.23
N ALA E 38 16.58 -22.55 47.83
CA ALA E 38 16.20 -22.76 49.22
C ALA E 38 17.25 -23.61 49.95
N GLY E 39 17.47 -23.30 51.22
CA GLY E 39 18.27 -24.15 52.09
C GLY E 39 17.44 -24.75 53.21
N SER E 40 17.75 -25.98 53.60
CA SER E 40 16.95 -26.67 54.59
C SER E 40 17.82 -27.20 55.71
N TRP E 41 17.16 -27.56 56.80
CA TRP E 41 17.80 -28.17 57.95
C TRP E 41 18.12 -29.65 57.73
N ALA E 42 17.93 -30.15 56.51
CA ALA E 42 18.45 -31.43 56.06
C ALA E 42 19.83 -31.28 55.41
N ASN E 43 20.38 -30.06 55.39
CA ASN E 43 21.71 -29.65 54.89
C ASN E 43 21.76 -29.39 53.39
N ASP E 44 20.63 -29.48 52.67
CA ASP E 44 20.62 -29.38 51.23
C ASP E 44 20.39 -27.94 50.78
N VAL E 45 20.82 -27.66 49.56
CA VAL E 45 20.50 -26.45 48.84
C VAL E 45 19.90 -26.90 47.53
N ARG E 46 18.74 -26.37 47.20
CA ARG E 46 18.02 -26.79 46.01
C ARG E 46 17.76 -25.60 45.10
N CYS E 47 17.77 -25.85 43.79
CA CYS E 47 17.40 -24.86 42.78
C CYS E 47 16.17 -25.32 42.01
N TRP E 48 15.18 -24.43 41.88
CA TRP E 48 14.06 -24.63 40.98
C TRP E 48 14.02 -23.54 39.93
N GLU E 49 13.75 -23.92 38.69
CA GLU E 49 13.27 -22.96 37.72
C GLU E 49 11.82 -22.63 38.01
N VAL E 50 11.47 -21.34 37.97
CA VAL E 50 10.12 -20.85 38.23
C VAL E 50 9.65 -20.19 36.94
N GLN E 51 8.82 -20.91 36.18
CA GLN E 51 8.29 -20.39 34.92
C GLN E 51 7.13 -19.43 35.16
N ASP E 52 6.94 -18.50 34.21
CA ASP E 52 5.88 -17.50 34.34
C ASP E 52 4.51 -18.15 34.45
N SER E 53 4.35 -19.36 33.93
CA SER E 53 3.07 -20.04 34.02
C SER E 53 2.72 -20.44 35.44
N GLY E 54 3.71 -20.42 36.34
CA GLY E 54 3.58 -20.94 37.69
C GLY E 54 4.21 -22.30 37.89
N GLN E 55 4.53 -22.99 36.79
CA GLN E 55 5.20 -24.28 36.89
C GLN E 55 6.62 -24.12 37.45
N THR E 56 7.06 -25.13 38.18
CA THR E 56 8.39 -25.17 38.77
C THR E 56 9.03 -26.50 38.45
N ILE E 57 10.31 -26.47 38.11
CA ILE E 57 11.06 -27.67 37.74
C ILE E 57 12.27 -27.74 38.67
N PRO E 58 12.51 -28.86 39.36
CA PRO E 58 13.76 -29.01 40.11
C PRO E 58 14.92 -29.11 39.12
N LYS E 59 15.99 -28.39 39.39
CA LYS E 59 17.15 -28.36 38.48
C LYS E 59 18.43 -28.84 39.17
N ALA E 60 18.69 -28.47 40.40
CA ALA E 60 20.00 -28.83 40.93
C ALA E 60 19.93 -28.89 42.47
N GLN E 61 20.87 -29.63 43.05
CA GLN E 61 20.91 -29.75 44.49
C GLN E 61 22.37 -29.91 44.92
N GLN E 62 22.71 -29.27 46.04
CA GLN E 62 24.03 -29.36 46.64
C GLN E 62 23.89 -29.68 48.11
N MET E 63 24.87 -30.37 48.68
CA MET E 63 24.83 -30.74 50.10
C MET E 63 25.91 -30.01 50.89
N HIS E 64 25.50 -29.37 51.97
CA HIS E 64 26.40 -29.02 53.07
C HIS E 64 26.48 -30.21 54.03
N THR E 65 27.29 -30.07 55.09
CA THR E 65 27.24 -31.08 56.15
C THR E 65 26.51 -30.59 57.38
N GLY E 66 25.77 -29.49 57.29
CA GLY E 66 24.90 -29.07 58.35
C GLY E 66 23.78 -28.22 57.80
N PRO E 67 22.84 -27.84 58.66
CA PRO E 67 21.73 -26.99 58.21
C PRO E 67 22.22 -25.77 57.45
N VAL E 68 21.51 -25.42 56.36
CA VAL E 68 21.81 -24.25 55.55
C VAL E 68 20.96 -23.07 56.04
N LEU E 69 21.60 -22.02 56.55
CA LEU E 69 20.91 -20.89 57.17
C LEU E 69 20.68 -19.70 56.23
N ASP E 70 21.46 -19.56 55.17
CA ASP E 70 21.30 -18.40 54.29
C ASP E 70 21.85 -18.76 52.91
N VAL E 71 21.31 -18.09 51.88
CA VAL E 71 21.76 -18.25 50.49
C VAL E 71 21.65 -16.91 49.80
N CYS E 72 22.44 -16.74 48.74
CA CYS E 72 22.30 -15.59 47.87
C CYS E 72 23.00 -15.86 46.54
N TRP E 73 22.82 -14.92 45.60
CA TRP E 73 23.38 -15.02 44.25
C TRP E 73 24.50 -14.00 44.02
N SER E 74 25.43 -14.35 43.14
CA SER E 74 26.24 -13.30 42.55
C SER E 74 25.37 -12.44 41.63
N ASP E 75 25.85 -11.23 41.36
CA ASP E 75 25.06 -10.28 40.56
C ASP E 75 24.88 -10.76 39.11
N ASP E 76 25.78 -11.59 38.60
CA ASP E 76 25.65 -12.06 37.23
C ASP E 76 24.87 -13.37 37.13
N GLY E 77 24.32 -13.85 38.24
CA GLY E 77 23.45 -15.03 38.24
C GLY E 77 24.12 -16.34 37.93
N SER E 78 25.45 -16.43 37.99
CA SER E 78 26.16 -17.66 37.66
C SER E 78 26.59 -18.45 38.89
N LYS E 79 26.73 -17.78 40.04
CA LYS E 79 27.09 -18.43 41.28
C LYS E 79 25.95 -18.27 42.29
N VAL E 80 25.73 -19.31 43.10
CA VAL E 80 24.93 -19.22 44.33
C VAL E 80 25.87 -19.44 45.50
N PHE E 81 25.79 -18.57 46.49
CA PHE E 81 26.57 -18.71 47.72
C PHE E 81 25.68 -19.23 48.83
N THR E 82 26.23 -20.12 49.66
CA THR E 82 25.45 -20.84 50.65
C THR E 82 26.17 -20.81 51.99
N ALA E 83 25.43 -20.59 53.08
CA ALA E 83 26.01 -20.40 54.42
C ALA E 83 25.44 -21.42 55.38
N SER E 84 26.32 -22.21 56.00
CA SER E 84 25.89 -23.44 56.66
C SER E 84 26.29 -23.50 58.14
N CYS E 85 25.54 -24.31 58.88
CA CYS E 85 25.90 -24.61 60.25
C CYS E 85 27.21 -25.36 60.34
N ASP E 86 27.68 -25.89 59.22
CA ASP E 86 28.96 -26.60 59.30
C ASP E 86 30.12 -25.68 59.39
N LYS E 87 29.88 -24.38 59.59
CA LYS E 87 30.90 -23.35 59.81
C LYS E 87 31.58 -22.93 58.52
N THR E 88 30.95 -23.23 57.40
CA THR E 88 31.55 -23.12 56.09
C THR E 88 30.57 -22.36 55.21
N ALA E 89 31.08 -21.62 54.23
CA ALA E 89 30.25 -21.12 53.15
C ALA E 89 30.81 -21.63 51.83
N LYS E 90 29.93 -21.87 50.88
CA LYS E 90 30.33 -22.44 49.60
C LYS E 90 29.90 -21.56 48.44
N MET E 91 30.67 -21.64 47.34
CA MET E 91 30.32 -21.01 46.07
C MET E 91 29.88 -22.10 45.09
N TRP E 92 28.62 -22.06 44.70
CA TRP E 92 28.02 -23.07 43.81
C TRP E 92 27.95 -22.51 42.40
N ASP E 93 28.61 -23.18 41.46
CA ASP E 93 28.57 -22.78 40.06
C ASP E 93 27.48 -23.58 39.37
N LEU E 94 26.41 -22.89 38.93
CA LEU E 94 25.26 -23.61 38.39
C LEU E 94 25.60 -24.29 37.08
N ASN E 95 26.31 -23.60 36.19
CA ASN E 95 26.68 -24.17 34.91
C ASN E 95 27.43 -25.48 35.07
N SER E 96 28.52 -25.49 35.84
CA SER E 96 29.32 -26.69 36.03
C SER E 96 28.79 -27.60 37.14
N ASN E 97 27.82 -27.14 37.93
CA ASN E 97 27.21 -27.92 39.00
C ASN E 97 28.25 -28.44 39.99
N GLN E 98 29.10 -27.52 40.47
CA GLN E 98 30.13 -27.83 41.44
C GLN E 98 30.16 -26.73 42.50
N ALA E 99 30.40 -27.12 43.75
CA ALA E 99 30.47 -26.20 44.87
C ALA E 99 31.79 -26.37 45.61
N ILE E 100 32.42 -25.24 45.95
CA ILE E 100 33.71 -25.25 46.62
C ILE E 100 33.61 -24.34 47.83
N GLN E 101 34.39 -24.64 48.86
CA GLN E 101 34.43 -23.78 50.02
C GLN E 101 35.06 -22.44 49.66
N ILE E 102 34.46 -21.35 50.17
CA ILE E 102 35.04 -20.02 50.00
C ILE E 102 35.21 -19.32 51.35
N ALA E 103 34.66 -19.89 52.42
CA ALA E 103 34.71 -19.21 53.71
C ALA E 103 34.85 -20.22 54.82
N GLN E 104 35.42 -19.76 55.94
CA GLN E 104 35.58 -20.59 57.11
C GLN E 104 35.37 -19.73 58.34
N HIS E 105 34.51 -20.20 59.24
CA HIS E 105 34.21 -19.53 60.49
C HIS E 105 34.46 -20.51 61.63
N ASP E 106 34.43 -20.00 62.86
CA ASP E 106 34.63 -20.83 64.05
C ASP E 106 33.31 -21.25 64.69
N ALA E 107 32.19 -20.93 64.03
CA ALA E 107 30.84 -21.21 64.49
C ALA E 107 29.92 -21.11 63.28
N PRO E 108 28.65 -21.52 63.41
CA PRO E 108 27.75 -21.48 62.26
C PRO E 108 27.69 -20.12 61.58
N VAL E 109 27.49 -20.17 60.25
CA VAL E 109 27.42 -18.98 59.40
C VAL E 109 25.96 -18.64 59.20
N LYS E 110 25.50 -17.55 59.82
CA LYS E 110 24.09 -17.19 59.80
C LYS E 110 23.67 -16.38 58.56
N THR E 111 24.51 -15.49 58.03
CA THR E 111 24.16 -14.66 56.89
C THR E 111 25.20 -14.75 55.77
N ILE E 112 24.82 -14.44 54.55
CA ILE E 112 25.70 -14.46 53.36
C ILE E 112 25.17 -13.46 52.35
N HIS E 113 26.01 -12.55 51.85
CA HIS E 113 25.58 -11.56 50.84
C HIS E 113 26.67 -11.33 49.82
N TRP E 114 26.31 -10.89 48.63
CA TRP E 114 27.32 -10.63 47.60
C TRP E 114 27.53 -9.14 47.46
N ILE E 115 28.74 -8.64 47.51
CA ILE E 115 28.87 -7.17 47.37
C ILE E 115 29.50 -6.83 46.04
N LYS E 116 28.86 -5.96 45.25
CA LYS E 116 29.36 -5.58 43.91
C LYS E 116 29.67 -4.08 43.91
N ALA E 117 30.90 -3.71 44.29
CA ALA E 117 31.31 -2.29 44.34
C ALA E 117 31.93 -1.89 42.99
N PRO E 118 32.40 -0.64 42.83
CA PRO E 118 33.00 -0.19 41.57
C PRO E 118 34.52 -0.41 41.55
N ASN E 119 35.05 -1.12 42.55
CA ASN E 119 36.50 -1.41 42.64
C ASN E 119 36.73 -2.79 43.25
N TYR E 120 35.68 -3.40 43.81
CA TYR E 120 35.80 -4.75 44.43
C TYR E 120 34.45 -5.46 44.40
N SER E 121 34.48 -6.79 44.60
CA SER E 121 33.25 -7.62 44.61
C SER E 121 33.55 -8.98 45.24
N CYS E 122 33.05 -9.08 46.48
CA CYS E 122 33.33 -10.15 47.46
C CYS E 122 32.09 -10.73 48.15
N VAL E 123 32.18 -11.93 48.76
CA VAL E 123 31.02 -12.42 49.56
C VAL E 123 31.20 -12.01 51.01
N MET E 124 30.13 -11.53 51.66
CA MET E 124 30.18 -11.10 53.08
C MET E 124 29.40 -12.09 53.94
N THR E 125 30.09 -12.78 54.85
CA THR E 125 29.47 -13.76 55.74
C THR E 125 29.43 -13.22 57.16
N GLY E 126 28.34 -13.50 57.87
CA GLY E 126 28.22 -13.16 59.29
C GLY E 126 27.90 -14.41 60.07
N SER E 127 28.52 -14.53 61.26
CA SER E 127 28.58 -15.81 61.93
C SER E 127 28.22 -15.65 63.41
N TRP E 128 27.99 -16.78 64.06
CA TRP E 128 27.86 -16.75 65.51
C TRP E 128 29.21 -16.71 66.21
N ASP E 129 30.32 -16.76 65.47
CA ASP E 129 31.61 -16.48 66.09
C ASP E 129 31.87 -14.99 66.23
N LYS E 130 30.83 -14.16 66.10
CA LYS E 130 30.91 -12.72 66.33
C LYS E 130 31.79 -11.99 65.33
N THR E 131 31.97 -12.52 64.11
CA THR E 131 32.72 -11.81 63.08
C THR E 131 31.88 -11.61 61.81
N LEU E 132 32.34 -10.65 61.02
CA LEU E 132 31.87 -10.39 59.68
C LEU E 132 33.09 -10.51 58.78
N LYS E 133 33.09 -11.47 57.87
CA LYS E 133 34.24 -11.69 57.01
C LYS E 133 33.88 -11.49 55.54
N PHE E 134 34.89 -11.12 54.76
CA PHE E 134 34.74 -10.82 53.34
C PHE E 134 35.73 -11.68 52.56
N TRP E 135 35.27 -12.31 51.48
CA TRP E 135 36.04 -13.29 50.71
C TRP E 135 36.00 -12.95 49.22
N ASP E 136 37.14 -13.09 48.55
CA ASP E 136 37.19 -12.82 47.11
C ASP E 136 36.78 -14.02 46.28
N THR E 137 36.59 -15.18 46.91
CA THR E 137 36.22 -16.49 46.34
C THR E 137 37.42 -17.18 45.69
N ARG E 138 38.64 -16.70 45.95
CA ARG E 138 39.86 -17.34 45.47
C ARG E 138 40.76 -17.75 46.62
N SER E 139 41.18 -16.81 47.47
CA SER E 139 42.05 -17.12 48.59
C SER E 139 41.23 -17.62 49.76
N SER E 140 41.78 -18.60 50.48
CA SER E 140 41.16 -19.03 51.74
C SER E 140 41.46 -18.06 52.89
N ASN E 141 42.04 -16.88 52.61
CA ASN E 141 42.22 -15.81 53.61
C ASN E 141 41.11 -14.78 53.47
N PRO E 142 40.48 -14.36 54.55
CA PRO E 142 39.55 -13.25 54.44
C PRO E 142 40.26 -12.01 53.90
N MET E 143 39.60 -11.28 52.98
CA MET E 143 40.17 -9.99 52.59
C MET E 143 39.88 -8.93 53.64
N MET E 144 38.91 -9.17 54.51
CA MET E 144 38.64 -8.27 55.61
C MET E 144 37.91 -9.07 56.68
N VAL E 145 38.12 -8.69 57.94
CA VAL E 145 37.44 -9.27 59.09
C VAL E 145 37.01 -8.12 59.96
N LEU E 146 35.74 -8.08 60.35
CA LEU E 146 35.21 -7.05 61.23
C LEU E 146 34.61 -7.73 62.45
N GLN E 147 34.97 -7.23 63.64
CA GLN E 147 34.47 -7.80 64.92
C GLN E 147 33.05 -7.28 65.19
N LEU E 148 32.19 -8.12 65.76
CA LEU E 148 30.79 -7.74 66.06
C LEU E 148 30.60 -7.68 67.58
N PRO E 149 29.58 -6.98 68.10
CA PRO E 149 29.34 -6.89 69.55
C PRO E 149 28.82 -8.21 70.11
N GLU E 150 28.11 -8.99 69.29
CA GLU E 150 27.55 -10.30 69.71
C GLU E 150 27.46 -11.23 68.49
N ARG E 151 26.73 -12.35 68.64
CA ARG E 151 26.58 -13.33 67.53
C ARG E 151 25.69 -12.72 66.44
N CYS E 152 26.09 -12.91 65.17
CA CYS E 152 25.31 -12.37 64.02
C CYS E 152 23.97 -13.09 63.91
N TYR E 153 22.86 -12.33 64.00
CA TYR E 153 21.52 -12.90 63.92
C TYR E 153 20.87 -12.69 62.55
N CYS E 154 21.08 -11.55 61.91
CA CYS E 154 20.58 -11.31 60.56
C CYS E 154 21.31 -10.13 59.93
N ALA E 155 21.20 -10.02 58.61
CA ALA E 155 21.86 -8.95 57.87
C ALA E 155 21.23 -8.79 56.50
N ASP E 156 21.38 -7.59 55.93
CA ASP E 156 20.99 -7.32 54.55
C ASP E 156 21.98 -6.34 53.96
N VAL E 157 22.21 -6.42 52.65
CA VAL E 157 22.99 -5.40 51.96
C VAL E 157 22.33 -5.02 50.64
N ILE E 158 22.40 -3.73 50.33
CA ILE E 158 22.11 -3.14 49.03
C ILE E 158 23.17 -2.07 48.87
N TYR E 159 24.13 -2.30 47.96
CA TYR E 159 25.31 -1.44 47.91
C TYR E 159 24.89 0.02 47.71
N PRO E 160 25.52 0.99 48.41
CA PRO E 160 26.68 0.90 49.31
C PRO E 160 26.40 0.61 50.79
N MET E 161 25.26 0.03 51.13
CA MET E 161 24.86 -0.11 52.54
C MET E 161 24.68 -1.57 52.93
N ALA E 162 25.12 -1.89 54.14
CA ALA E 162 24.82 -3.15 54.81
C ALA E 162 24.34 -2.85 56.22
N VAL E 163 23.46 -3.70 56.73
CA VAL E 163 22.95 -3.55 58.08
C VAL E 163 22.99 -4.91 58.77
N VAL E 164 23.50 -4.94 60.00
CA VAL E 164 23.68 -6.18 60.73
C VAL E 164 23.04 -6.07 62.11
N ALA E 165 22.24 -7.08 62.46
CA ALA E 165 21.67 -7.21 63.79
C ALA E 165 22.32 -8.40 64.49
N THR E 166 22.53 -8.29 65.80
CA THR E 166 23.22 -9.32 66.57
C THR E 166 22.40 -9.73 67.77
N ALA E 167 22.87 -10.75 68.47
CA ALA E 167 22.36 -11.05 69.81
C ALA E 167 22.46 -9.80 70.70
N GLU E 168 21.59 -9.74 71.71
CA GLU E 168 21.52 -8.60 72.64
C GLU E 168 21.23 -7.30 71.90
N ARG E 169 20.43 -7.39 70.84
CA ARG E 169 19.82 -6.22 70.23
C ARG E 169 20.87 -5.28 69.61
N GLY E 170 22.00 -5.83 69.17
CA GLY E 170 23.01 -5.04 68.48
C GLY E 170 22.57 -4.70 67.06
N LEU E 171 22.91 -3.49 66.63
CA LEU E 171 22.43 -2.96 65.37
C LEU E 171 23.53 -2.06 64.82
N ILE E 172 24.07 -2.42 63.65
CA ILE E 172 25.22 -1.74 63.07
C ILE E 172 24.95 -1.52 61.59
N VAL E 173 25.02 -0.28 61.16
CA VAL E 173 24.93 0.05 59.74
C VAL E 173 26.34 0.18 59.18
N TYR E 174 26.56 -0.37 58.00
CA TYR E 174 27.87 -0.33 57.39
C TYR E 174 27.84 0.44 56.08
N GLN E 175 29.02 0.98 55.75
CA GLN E 175 29.27 1.73 54.53
C GLN E 175 30.21 0.92 53.67
N LEU E 176 29.87 0.79 52.39
CA LEU E 176 30.59 -0.14 51.54
C LEU E 176 31.38 0.55 50.45
N GLU E 177 31.24 1.86 50.28
CA GLU E 177 32.03 2.55 49.28
C GLU E 177 33.51 2.50 49.67
N ASN E 178 34.36 2.27 48.65
CA ASN E 178 35.82 2.09 48.74
C ASN E 178 36.24 0.78 49.41
N GLN E 179 35.74 0.54 50.63
CA GLN E 179 35.96 -0.70 51.36
C GLN E 179 34.90 -0.80 52.43
N PRO E 180 34.54 -2.01 52.86
CA PRO E 180 33.52 -2.14 53.91
C PRO E 180 34.04 -1.54 55.22
N SER E 181 33.19 -0.76 55.89
CA SER E 181 33.60 -0.20 57.17
C SER E 181 32.37 0.17 58.01
N GLU E 182 32.59 0.37 59.30
CA GLU E 182 31.48 0.62 60.22
C GLU E 182 31.05 2.06 60.08
N PHE E 183 29.74 2.30 60.07
CA PHE E 183 29.22 3.63 59.81
C PHE E 183 28.46 4.22 60.98
N ARG E 184 27.57 3.46 61.60
CA ARG E 184 26.92 3.93 62.81
C ARG E 184 26.44 2.71 63.59
N ARG E 185 26.54 2.76 64.92
CA ARG E 185 25.84 1.81 65.77
C ARG E 185 24.56 2.46 66.27
N ILE E 186 23.45 1.80 66.03
CA ILE E 186 22.13 2.35 66.30
C ILE E 186 21.63 1.76 67.62
N GLU E 187 21.08 2.62 68.46
CA GLU E 187 20.34 2.16 69.62
C GLU E 187 19.05 1.54 69.12
N SER E 188 18.80 0.28 69.47
CA SER E 188 17.80 -0.48 68.77
C SER E 188 16.42 0.11 69.05
N PRO E 189 15.61 0.37 68.00
CA PRO E 189 14.23 0.82 68.23
C PRO E 189 13.33 -0.26 68.79
N LEU E 190 13.79 -1.52 68.82
CA LEU E 190 13.01 -2.63 69.32
C LEU E 190 13.59 -3.16 70.62
N LYS E 191 12.72 -3.61 71.53
CA LYS E 191 13.12 -4.03 72.88
C LYS E 191 13.32 -5.53 73.02
N HIS E 192 13.15 -6.31 71.96
CA HIS E 192 13.28 -7.75 72.04
C HIS E 192 14.20 -8.29 70.97
N GLN E 193 14.59 -9.54 71.14
CA GLN E 193 15.51 -10.32 70.27
C GLN E 193 15.25 -10.02 68.79
N HIS E 194 16.25 -9.43 68.12
CA HIS E 194 16.22 -9.12 66.69
C HIS E 194 16.21 -10.43 65.92
N ARG E 195 15.52 -10.45 64.76
CA ARG E 195 15.43 -11.71 63.98
C ARG E 195 15.66 -11.48 62.48
N CYS E 196 15.06 -10.43 61.89
CA CYS E 196 15.23 -10.25 60.43
C CYS E 196 15.45 -8.79 60.07
N VAL E 197 15.87 -8.48 58.85
CA VAL E 197 16.20 -7.04 58.57
C VAL E 197 16.27 -6.86 57.05
N ALA E 198 15.66 -5.78 56.53
CA ALA E 198 15.67 -5.52 55.08
C ALA E 198 15.83 -4.04 54.83
N ILE E 199 16.81 -3.74 54.00
CA ILE E 199 17.07 -2.36 53.58
C ILE E 199 16.02 -1.93 52.57
N PHE E 200 15.53 -0.71 52.71
CA PHE E 200 14.67 -0.15 51.68
C PHE E 200 15.33 1.10 51.13
N LYS E 201 15.01 1.42 49.88
CA LYS E 201 15.65 2.63 49.33
C LYS E 201 14.61 3.72 49.19
N ASP E 202 15.07 4.90 48.80
CA ASP E 202 14.25 6.05 48.46
C ASP E 202 13.76 5.94 47.03
N LYS E 203 12.97 6.93 46.62
CA LYS E 203 12.36 6.98 45.25
C LYS E 203 13.45 7.05 44.18
N GLN E 204 14.71 7.27 44.59
CA GLN E 204 15.83 7.35 43.63
C GLN E 204 16.64 6.05 43.66
N ASN E 205 16.01 4.97 44.14
CA ASN E 205 16.63 3.64 44.23
C ASN E 205 17.90 3.63 45.09
N LYS E 206 18.04 4.57 45.97
CA LYS E 206 19.22 4.66 46.81
C LYS E 206 18.89 4.18 48.22
N PRO E 207 19.66 3.24 48.78
CA PRO E 207 19.38 2.72 50.13
C PRO E 207 19.35 3.85 51.16
N THR E 208 18.21 3.99 51.85
CA THR E 208 18.05 5.04 52.85
C THR E 208 17.66 4.57 54.24
N GLY E 209 17.36 3.29 54.44
CA GLY E 209 16.96 2.84 55.75
C GLY E 209 16.67 1.35 55.76
N PHE E 210 16.05 0.89 56.85
CA PHE E 210 15.76 -0.53 56.94
C PHE E 210 14.53 -0.78 57.80
N ALA E 211 13.93 -1.95 57.59
CA ALA E 211 12.94 -2.48 58.50
C ALA E 211 13.57 -3.61 59.32
N LEU E 212 13.10 -3.73 60.57
CA LEU E 212 13.67 -4.68 61.52
C LEU E 212 12.56 -5.41 62.27
N GLY E 213 12.66 -6.73 62.34
CA GLY E 213 11.68 -7.56 63.02
C GLY E 213 12.28 -8.23 64.23
N SER E 214 11.48 -8.38 65.28
CA SER E 214 11.86 -9.01 66.53
C SER E 214 10.99 -10.24 66.78
N ILE E 215 11.31 -10.97 67.84
CA ILE E 215 10.47 -12.09 68.25
C ILE E 215 9.16 -11.64 68.87
N GLU E 216 8.98 -10.33 69.08
CA GLU E 216 7.82 -9.80 69.81
C GLU E 216 6.75 -9.21 68.89
N GLY E 217 6.42 -9.85 67.77
CA GLY E 217 5.39 -9.35 66.86
C GLY E 217 5.40 -7.85 66.62
N ARG E 218 6.55 -7.33 66.23
CA ARG E 218 6.72 -5.90 66.05
C ARG E 218 7.83 -5.66 65.05
N VAL E 219 7.66 -4.66 64.22
CA VAL E 219 8.65 -4.27 63.23
C VAL E 219 9.01 -2.82 63.47
N ALA E 220 10.25 -2.47 63.17
CA ALA E 220 10.73 -1.10 63.26
C ALA E 220 11.03 -0.59 61.86
N ILE E 221 10.64 0.66 61.59
CA ILE E 221 10.97 1.35 60.35
C ILE E 221 11.94 2.47 60.71
N HIS E 222 13.17 2.38 60.20
CA HIS E 222 14.24 3.25 60.66
C HIS E 222 14.96 3.85 59.45
N TYR E 223 14.93 5.17 59.34
CA TYR E 223 15.63 5.87 58.27
C TYR E 223 17.01 6.32 58.73
N ILE E 224 17.99 6.24 57.81
CA ILE E 224 19.37 6.58 58.17
C ILE E 224 19.49 8.06 58.51
N ASN E 225 19.06 8.92 57.59
CA ASN E 225 19.21 10.38 57.73
C ASN E 225 17.90 11.08 57.38
N PRO E 226 16.83 10.80 58.13
CA PRO E 226 15.51 11.39 57.82
C PRO E 226 15.43 12.84 58.29
N PRO E 227 14.47 13.61 57.73
CA PRO E 227 14.33 15.00 58.18
C PRO E 227 14.01 15.12 59.66
N ASN E 228 13.02 14.39 60.17
CA ASN E 228 12.58 14.50 61.55
C ASN E 228 12.58 13.12 62.21
N PRO E 229 13.75 12.65 62.66
CA PRO E 229 13.83 11.30 63.24
C PRO E 229 12.76 10.99 64.28
N ALA E 230 12.39 11.95 65.12
CA ALA E 230 11.45 11.70 66.20
C ALA E 230 10.08 11.31 65.68
N LYS E 231 9.69 11.80 64.49
CA LYS E 231 8.41 11.45 63.89
C LYS E 231 8.53 10.41 62.79
N ASP E 232 9.68 10.39 62.08
CA ASP E 232 9.80 9.62 60.85
C ASP E 232 10.17 8.17 61.10
N ASN E 233 10.80 7.88 62.24
CA ASN E 233 11.19 6.54 62.62
C ASN E 233 10.14 5.99 63.58
N PHE E 234 9.48 4.91 63.19
CA PHE E 234 8.41 4.35 64.00
C PHE E 234 8.49 2.84 64.04
N THR E 235 7.69 2.24 64.92
CA THR E 235 7.50 0.80 64.96
C THR E 235 6.02 0.50 64.78
N PHE E 236 5.71 -0.70 64.32
CA PHE E 236 4.30 -1.09 64.27
C PHE E 236 4.15 -2.52 64.72
N LYS E 237 2.93 -2.86 65.13
CA LYS E 237 2.65 -4.21 65.62
C LYS E 237 2.22 -5.08 64.46
N CYS E 238 2.56 -6.36 64.55
CA CYS E 238 2.19 -7.31 63.53
C CYS E 238 2.30 -8.72 64.09
N HIS E 239 1.78 -9.67 63.34
CA HIS E 239 1.78 -11.09 63.69
C HIS E 239 1.32 -11.33 65.12
N ARG E 240 0.08 -10.91 65.38
CA ARG E 240 -0.64 -11.07 66.63
C ARG E 240 -2.07 -11.52 66.34
N SER E 241 -2.68 -12.24 67.29
CA SER E 241 -4.02 -12.84 67.10
C SER E 241 -5.16 -11.83 66.98
N THR E 246 -13.24 -11.69 71.33
CA THR E 246 -12.26 -10.61 71.24
C THR E 246 -11.88 -10.17 72.67
N SER E 247 -12.19 -11.04 73.64
CA SER E 247 -11.91 -10.82 75.06
C SER E 247 -10.86 -11.79 75.63
N ALA E 248 -10.17 -12.55 74.76
CA ALA E 248 -9.07 -13.48 75.03
C ALA E 248 -7.74 -12.74 74.97
N PRO E 249 -6.68 -13.28 75.59
CA PRO E 249 -5.37 -12.62 75.51
C PRO E 249 -4.86 -12.61 74.08
N GLN E 250 -4.07 -11.58 73.77
CA GLN E 250 -3.43 -11.47 72.47
C GLN E 250 -2.14 -12.29 72.46
N ASP E 251 -2.09 -13.29 71.58
CA ASP E 251 -0.85 -14.01 71.33
C ASP E 251 0.07 -13.17 70.46
N ILE E 252 1.36 -13.21 70.77
CA ILE E 252 2.40 -12.44 70.10
C ILE E 252 3.36 -13.43 69.47
N TYR E 253 3.63 -13.28 68.17
CA TYR E 253 4.50 -14.23 67.48
C TYR E 253 5.76 -13.56 66.95
N ALA E 254 6.78 -14.37 66.68
CA ALA E 254 7.99 -13.85 66.06
C ALA E 254 7.74 -13.47 64.60
N VAL E 255 8.36 -12.39 64.18
CA VAL E 255 8.50 -12.05 62.77
C VAL E 255 9.72 -12.80 62.25
N ASN E 256 9.54 -13.65 61.25
CA ASN E 256 10.63 -14.47 60.72
C ASN E 256 11.32 -13.90 59.48
N GLY E 257 10.68 -12.95 58.78
CA GLY E 257 11.18 -12.48 57.50
C GLY E 257 10.52 -11.18 57.07
N ILE E 258 11.32 -10.24 56.56
CA ILE E 258 10.83 -9.04 55.93
C ILE E 258 11.41 -8.99 54.52
N ALA E 259 10.65 -8.47 53.56
CA ALA E 259 11.19 -8.32 52.23
C ALA E 259 10.46 -7.17 51.57
N PHE E 260 11.20 -6.23 51.00
CA PHE E 260 10.59 -5.12 50.27
C PHE E 260 10.35 -5.51 48.82
N HIS E 261 9.22 -5.03 48.27
CA HIS E 261 8.91 -5.21 46.84
C HIS E 261 9.89 -4.36 46.03
N PRO E 262 10.66 -4.95 45.13
CA PRO E 262 11.76 -4.19 44.47
C PRO E 262 11.31 -2.93 43.76
N VAL E 263 10.07 -2.87 43.29
CA VAL E 263 9.56 -1.72 42.53
C VAL E 263 8.61 -0.87 43.37
N HIS E 264 7.62 -1.49 44.01
CA HIS E 264 6.57 -0.73 44.66
C HIS E 264 7.00 -0.12 45.99
N GLY E 265 8.11 -0.58 46.56
CA GLY E 265 8.55 -0.11 47.86
C GLY E 265 7.75 -0.60 49.04
N THR E 266 6.59 -1.23 48.83
CA THR E 266 5.85 -1.83 49.93
C THR E 266 6.62 -3.04 50.47
N LEU E 267 6.09 -3.72 51.49
CA LEU E 267 6.88 -4.79 52.09
C LEU E 267 6.00 -5.91 52.62
N ALA E 268 6.58 -7.12 52.64
CA ALA E 268 5.95 -8.29 53.24
C ALA E 268 6.65 -8.65 54.55
N THR E 269 5.88 -9.22 55.47
CA THR E 269 6.41 -9.86 56.67
C THR E 269 5.81 -11.25 56.77
N VAL E 270 6.55 -12.17 57.39
CA VAL E 270 6.06 -13.52 57.64
C VAL E 270 6.37 -13.85 59.09
N GLY E 271 5.45 -14.58 59.74
CA GLY E 271 5.67 -14.92 61.16
C GLY E 271 5.47 -16.40 61.44
N SER E 272 5.72 -16.81 62.70
CA SER E 272 5.54 -18.21 63.13
C SER E 272 4.04 -18.53 63.20
N ASP E 273 3.22 -17.52 63.51
CA ASP E 273 1.75 -17.68 63.58
C ASP E 273 1.27 -18.35 62.30
N GLY E 274 1.97 -18.12 61.18
CA GLY E 274 1.58 -18.74 59.93
C GLY E 274 0.84 -17.83 58.99
N ARG E 275 1.03 -16.52 59.11
CA ARG E 275 0.42 -15.55 58.24
C ARG E 275 1.52 -14.73 57.59
N PHE E 276 1.28 -14.32 56.35
CA PHE E 276 2.05 -13.25 55.75
C PHE E 276 1.20 -11.99 55.69
N SER E 277 1.85 -10.84 55.72
CA SER E 277 1.20 -9.55 55.65
C SER E 277 1.97 -8.63 54.72
N PHE E 278 1.22 -7.74 54.06
CA PHE E 278 1.74 -6.75 53.14
C PHE E 278 1.46 -5.37 53.73
N TRP E 279 2.42 -4.44 53.59
CA TRP E 279 2.38 -3.17 54.31
C TRP E 279 2.89 -2.04 53.44
N ASP E 280 2.52 -0.82 53.82
CA ASP E 280 2.99 0.39 53.16
C ASP E 280 3.59 1.27 54.25
N LYS E 281 4.91 1.32 54.35
CA LYS E 281 5.59 2.07 55.44
C LYS E 281 5.50 3.56 55.24
N ASP E 282 5.01 3.98 54.09
CA ASP E 282 4.81 5.39 53.80
C ASP E 282 3.39 5.83 54.20
N ALA E 283 2.36 5.13 53.71
CA ALA E 283 1.02 5.44 54.19
C ALA E 283 0.80 4.90 55.61
N ARG E 284 1.70 4.07 56.13
CA ARG E 284 1.56 3.40 57.42
C ARG E 284 0.25 2.63 57.50
N THR E 285 0.06 1.74 56.53
CA THR E 285 -1.16 0.96 56.41
C THR E 285 -0.83 -0.50 56.22
N LYS E 286 -1.76 -1.35 56.63
CA LYS E 286 -1.71 -2.76 56.32
C LYS E 286 -2.51 -3.01 55.04
N LEU E 287 -1.88 -3.65 54.07
CA LEU E 287 -2.48 -3.90 52.77
C LEU E 287 -3.23 -5.22 52.74
N LYS E 288 -2.77 -6.21 53.50
CA LYS E 288 -3.35 -7.53 53.42
C LYS E 288 -2.74 -8.37 54.52
N THR E 289 -3.55 -9.28 55.06
CA THR E 289 -3.07 -10.29 55.97
C THR E 289 -3.68 -11.60 55.53
N SER E 290 -2.84 -12.60 55.29
CA SER E 290 -3.33 -13.84 54.73
C SER E 290 -4.15 -14.62 55.76
N GLU E 291 -4.79 -15.67 55.26
CA GLU E 291 -5.34 -16.71 56.11
C GLU E 291 -4.20 -17.40 56.86
N GLN E 292 -4.53 -18.06 57.94
CA GLN E 292 -3.53 -18.64 58.81
C GLN E 292 -3.15 -20.06 58.37
N LEU E 293 -1.90 -20.25 57.95
CA LEU E 293 -1.39 -21.59 57.71
C LEU E 293 -1.31 -22.40 59.01
N ASP E 294 -1.28 -23.72 58.87
CA ASP E 294 -1.26 -24.58 60.05
C ASP E 294 0.14 -24.79 60.62
N GLN E 295 1.15 -24.08 60.13
CA GLN E 295 2.45 -24.09 60.78
C GLN E 295 3.16 -22.79 60.43
N PRO E 296 4.26 -22.46 61.13
CA PRO E 296 4.90 -21.16 60.93
C PRO E 296 5.35 -20.96 59.49
N ILE E 297 5.51 -19.69 59.12
CA ILE E 297 6.08 -19.32 57.83
C ILE E 297 7.49 -18.81 58.11
N ALA E 298 8.49 -19.63 57.76
CA ALA E 298 9.87 -19.36 58.15
C ALA E 298 10.60 -18.35 57.26
N ALA E 299 10.18 -18.13 56.02
CA ALA E 299 11.02 -17.31 55.13
C ALA E 299 10.24 -16.84 53.91
N CYS E 300 10.62 -15.68 53.40
CA CYS E 300 9.96 -15.13 52.24
C CYS E 300 10.96 -14.43 51.34
N CYS E 301 10.50 -14.04 50.15
CA CYS E 301 11.37 -13.46 49.14
C CYS E 301 10.58 -13.02 47.92
N PHE E 302 10.79 -11.80 47.43
CA PHE E 302 10.29 -11.40 46.12
C PHE E 302 11.35 -11.69 45.07
N ASN E 303 10.91 -11.93 43.83
CA ASN E 303 11.84 -12.08 42.72
C ASN E 303 12.28 -10.70 42.25
N HIS E 304 13.09 -10.66 41.17
CA HIS E 304 13.80 -9.43 40.81
C HIS E 304 12.86 -8.28 40.53
N ASN E 305 11.74 -8.53 39.83
CA ASN E 305 10.74 -7.50 39.60
C ASN E 305 9.54 -7.58 40.54
N GLY E 306 9.55 -8.51 41.50
CA GLY E 306 8.47 -8.53 42.48
C GLY E 306 7.17 -9.10 41.97
N ASN E 307 7.17 -9.70 40.78
CA ASN E 307 5.99 -10.39 40.30
C ASN E 307 5.67 -11.58 41.17
N ILE E 308 6.68 -12.12 41.87
CA ILE E 308 6.57 -13.37 42.62
C ILE E 308 6.92 -13.13 44.07
N PHE E 309 6.06 -13.59 44.96
CA PHE E 309 6.31 -13.65 46.39
C PHE E 309 6.41 -15.11 46.76
N ALA E 310 7.60 -15.55 47.14
CA ALA E 310 7.78 -16.90 47.63
C ALA E 310 7.78 -16.88 49.17
N TYR E 311 7.06 -17.82 49.78
CA TYR E 311 7.05 -17.91 51.23
C TYR E 311 7.04 -19.37 51.64
N ALA E 312 7.82 -19.68 52.68
CA ALA E 312 8.15 -21.05 53.06
C ALA E 312 7.40 -21.42 54.31
N SER E 313 6.70 -22.55 54.26
CA SER E 313 5.93 -23.06 55.37
C SER E 313 6.75 -24.16 56.01
N SER E 314 7.24 -23.92 57.23
CA SER E 314 8.11 -24.86 57.93
C SER E 314 8.06 -24.56 59.42
N TYR E 315 8.22 -25.59 60.23
CA TYR E 315 8.44 -25.32 61.65
C TYR E 315 9.73 -24.52 61.81
N ASP E 316 9.68 -23.53 62.72
CA ASP E 316 10.79 -22.61 62.99
C ASP E 316 11.37 -22.75 64.40
N TRP E 317 10.98 -23.76 65.17
CA TRP E 317 11.45 -23.98 66.55
C TRP E 317 10.93 -22.95 67.54
N SER E 318 9.94 -22.15 67.16
CA SER E 318 9.45 -21.10 68.05
C SER E 318 8.82 -21.63 69.34
N LYS E 319 8.50 -22.93 69.43
CA LYS E 319 8.02 -23.49 70.68
C LYS E 319 8.92 -24.60 71.22
N GLY E 320 10.12 -24.78 70.66
CA GLY E 320 11.02 -25.81 71.14
C GLY E 320 10.74 -27.12 70.46
N HIS E 321 11.48 -28.14 70.88
CA HIS E 321 11.51 -29.40 70.14
C HIS E 321 10.22 -30.21 70.24
N GLU E 322 9.39 -30.01 71.27
CA GLU E 322 8.24 -30.91 71.43
C GLU E 322 7.18 -30.68 70.36
N PHE E 323 7.16 -29.50 69.73
CA PHE E 323 6.18 -29.16 68.72
C PHE E 323 6.73 -29.39 67.31
N TYR E 324 7.81 -30.13 67.19
CA TYR E 324 8.39 -30.44 65.89
C TYR E 324 7.90 -31.82 65.50
N ASN E 325 7.21 -31.89 64.38
CA ASN E 325 6.75 -33.13 63.80
C ASN E 325 7.55 -33.35 62.52
N PRO E 326 8.61 -34.15 62.54
CA PRO E 326 9.43 -34.33 61.33
C PRO E 326 8.65 -34.83 60.12
N GLN E 327 7.52 -35.53 60.34
CA GLN E 327 6.70 -36.00 59.24
C GLN E 327 5.72 -34.96 58.73
N LYS E 328 5.63 -33.78 59.34
CA LYS E 328 4.80 -32.71 58.78
C LYS E 328 5.46 -32.16 57.51
N LYS E 329 4.70 -32.08 56.42
CA LYS E 329 5.29 -31.67 55.15
C LYS E 329 5.73 -30.20 55.18
N ASN E 330 6.83 -29.89 54.50
CA ASN E 330 7.24 -28.51 54.28
C ASN E 330 6.85 -28.07 52.87
N TYR E 331 6.52 -26.79 52.73
CA TYR E 331 6.08 -26.26 51.46
C TYR E 331 6.74 -24.92 51.19
N ILE E 332 7.00 -24.65 49.92
CA ILE E 332 7.28 -23.31 49.41
C ILE E 332 6.11 -22.91 48.51
N PHE E 333 5.51 -21.76 48.79
CA PHE E 333 4.37 -21.27 48.02
C PHE E 333 4.76 -20.05 47.23
N LEU E 334 4.28 -19.97 45.99
CA LEU E 334 4.47 -18.78 45.18
C LEU E 334 3.14 -18.06 45.00
N ARG E 335 3.20 -16.74 45.01
CA ARG E 335 2.04 -15.88 44.92
C ARG E 335 2.34 -14.74 43.95
N ASN E 336 1.47 -14.59 42.96
CA ASN E 336 1.54 -13.41 42.08
C ASN E 336 1.33 -12.15 42.91
N ALA E 337 2.32 -11.29 42.90
CA ALA E 337 2.35 -10.13 43.78
C ALA E 337 2.27 -8.82 43.04
N ALA E 338 2.27 -8.85 41.71
CA ALA E 338 2.41 -7.62 40.93
C ALA E 338 1.33 -6.59 41.30
N GLU E 339 0.07 -7.03 41.43
CA GLU E 339 -0.98 -6.08 41.76
C GLU E 339 -1.13 -5.84 43.26
N GLU E 340 -1.14 -6.92 44.06
CA GLU E 340 -1.39 -6.85 45.54
C GLU E 340 -0.46 -5.90 46.28
N LEU E 341 0.80 -5.77 45.85
CA LEU E 341 1.80 -4.96 46.53
C LEU E 341 1.88 -3.53 46.00
N LYS E 342 0.95 -3.13 45.14
CA LYS E 342 0.85 -1.74 44.75
C LYS E 342 0.26 -0.91 45.90
N PRO E 343 0.79 0.27 46.14
CA PRO E 343 0.12 1.20 47.07
C PRO E 343 -1.05 1.88 46.35
N ARG E 344 -1.77 2.72 47.10
CA ARG E 344 -2.94 3.47 46.56
C ARG E 344 -2.78 4.95 46.86
N PRO F 1 22.42 -26.50 80.62
CA PRO F 1 21.91 -27.52 79.68
C PRO F 1 21.70 -26.93 78.29
N THR F 2 21.78 -27.76 77.26
CA THR F 2 21.60 -27.31 75.89
C THR F 2 20.22 -27.71 75.37
N GLY F 3 19.84 -27.06 74.28
CA GLY F 3 18.60 -27.40 73.60
C GLY F 3 17.40 -26.88 74.36
N THR F 4 16.27 -27.57 74.21
CA THR F 4 15.03 -27.13 74.82
C THR F 4 14.48 -28.25 75.69
N THR F 5 15.19 -28.54 76.79
CA THR F 5 14.76 -29.56 77.76
C THR F 5 13.70 -29.04 78.71
N ILE F 6 13.72 -27.74 78.97
CA ILE F 6 12.70 -27.10 79.79
C ILE F 6 11.46 -26.87 78.96
N LYS F 7 10.30 -27.22 79.54
CA LYS F 7 9.04 -27.18 78.81
C LYS F 7 8.68 -25.75 78.39
N PHE F 8 8.14 -25.63 77.19
CA PHE F 8 7.74 -24.32 76.68
C PHE F 8 6.51 -23.80 77.43
N ASN F 9 6.58 -22.54 77.84
CA ASN F 9 5.48 -21.89 78.55
C ASN F 9 5.46 -20.41 78.17
N PRO F 10 4.41 -19.97 77.48
CA PRO F 10 4.41 -18.61 76.92
C PRO F 10 4.30 -17.56 78.01
N PRO F 11 5.29 -16.68 78.09
CA PRO F 11 5.26 -15.60 79.08
C PRO F 11 3.98 -14.78 79.01
N THR F 12 3.46 -14.42 80.18
CA THR F 12 2.33 -13.52 80.25
C THR F 12 2.80 -12.07 80.34
N GLY F 13 2.04 -11.17 79.73
CA GLY F 13 2.35 -9.76 79.81
C GLY F 13 1.11 -8.91 79.61
N THR F 14 1.33 -7.61 79.43
CA THR F 14 0.26 -6.70 79.03
C THR F 14 0.73 -5.85 77.85
N ASP F 15 -0.12 -4.90 77.47
CA ASP F 15 0.10 -3.96 76.38
C ASP F 15 -1.21 -3.19 76.27
N THR F 16 -1.15 -2.15 75.45
CA THR F 16 -2.34 -1.32 75.21
C THR F 16 -2.68 -1.39 73.72
N MET F 17 -3.95 -1.64 73.42
CA MET F 17 -4.44 -1.71 72.03
C MET F 17 -5.05 -0.36 71.70
N VAL F 18 -4.75 0.15 70.51
CA VAL F 18 -5.26 1.46 70.03
C VAL F 18 -5.79 1.19 68.62
N LYS F 19 -7.11 1.10 68.47
CA LYS F 19 -7.67 0.73 67.15
C LYS F 19 -8.23 1.96 66.43
N ALA F 20 -9.20 2.65 67.03
CA ALA F 20 -9.74 3.87 66.42
C ALA F 20 -9.39 5.02 67.35
N GLY F 21 -8.29 4.90 68.07
CA GLY F 21 -7.93 5.92 69.07
C GLY F 21 -8.33 5.44 70.45
N VAL F 22 -9.11 4.36 70.50
CA VAL F 22 -9.61 3.65 71.71
C VAL F 22 -8.43 2.93 72.34
N SER F 23 -7.83 3.51 73.38
CA SER F 23 -6.67 2.91 74.10
C SER F 23 -7.18 1.91 75.14
N THR F 24 -7.24 0.64 74.77
CA THR F 24 -7.69 -0.48 75.66
C THR F 24 -6.52 -1.26 76.24
N ASN F 25 -6.59 -1.69 77.50
CA ASN F 25 -5.52 -2.51 78.13
C ASN F 25 -5.86 -3.98 77.97
N ILE F 26 -4.90 -4.80 77.56
CA ILE F 26 -5.14 -6.18 77.18
C ILE F 26 -4.05 -7.08 77.75
N SER F 27 -4.40 -8.35 77.89
CA SER F 27 -3.50 -9.38 78.39
C SER F 27 -2.80 -10.06 77.21
N THR F 28 -1.59 -10.55 77.47
CA THR F 28 -0.68 -10.94 76.40
C THR F 28 -0.03 -12.29 76.72
N LYS F 29 0.12 -13.11 75.68
CA LYS F 29 0.86 -14.37 75.76
C LYS F 29 1.88 -14.35 74.63
N HIS F 30 3.15 -14.55 74.97
CA HIS F 30 4.24 -14.45 74.00
C HIS F 30 4.58 -15.86 73.52
N GLN F 31 4.13 -16.19 72.30
CA GLN F 31 4.31 -17.53 71.76
C GLN F 31 5.69 -17.74 71.14
N CYS F 32 6.75 -17.35 71.84
CA CYS F 32 8.09 -17.62 71.37
C CYS F 32 8.93 -18.13 72.53
N ILE F 33 9.57 -19.28 72.34
CA ILE F 33 10.31 -19.91 73.44
C ILE F 33 11.43 -19.00 73.94
N THR F 34 11.98 -18.16 73.04
CA THR F 34 13.07 -17.23 73.40
C THR F 34 12.51 -16.07 74.23
N ALA F 35 11.21 -16.12 74.52
CA ALA F 35 10.54 -15.06 75.33
C ALA F 35 10.66 -15.40 76.82
N MET F 36 11.13 -16.61 77.13
CA MET F 36 11.29 -17.06 78.54
C MET F 36 12.63 -16.54 79.09
N LYS F 37 12.83 -16.63 80.40
CA LYS F 37 14.08 -16.16 81.05
C LYS F 37 15.10 -17.31 81.07
N GLU F 38 14.66 -18.51 80.69
CA GLU F 38 15.55 -19.71 80.67
C GLU F 38 16.03 -19.96 79.24
N TYR F 39 15.67 -19.07 78.31
CA TYR F 39 16.07 -19.20 76.93
C TYR F 39 16.40 -17.88 76.25
N GLU F 40 16.30 -16.74 76.95
CA GLU F 40 16.36 -15.44 76.30
C GLU F 40 17.73 -15.09 75.73
N SER F 41 18.76 -15.90 75.97
CA SER F 41 20.12 -15.57 75.54
C SER F 41 20.56 -16.33 74.29
N LYS F 42 19.64 -17.04 73.65
CA LYS F 42 19.91 -17.78 72.44
C LYS F 42 18.78 -17.53 71.44
N SER F 43 19.11 -17.68 70.18
CA SER F 43 18.12 -17.57 69.10
C SER F 43 17.44 -18.91 68.88
N LEU F 44 16.29 -18.86 68.17
CA LEU F 44 15.65 -20.10 67.77
C LEU F 44 16.63 -21.04 67.06
N GLU F 45 17.41 -20.50 66.11
CA GLU F 45 18.28 -21.37 65.35
C GLU F 45 19.37 -21.98 66.21
N GLU F 46 19.94 -21.20 67.16
CA GLU F 46 20.90 -21.77 68.10
C GLU F 46 20.29 -22.92 68.86
N LEU F 47 19.06 -22.72 69.37
CA LEU F 47 18.38 -23.74 70.13
C LEU F 47 18.15 -24.97 69.29
N ARG F 48 17.74 -24.78 68.03
CA ARG F 48 17.41 -25.93 67.21
C ARG F 48 18.67 -26.73 66.88
N LEU F 49 19.76 -26.03 66.50
CA LEU F 49 21.02 -26.72 66.26
C LEU F 49 21.47 -27.52 67.50
N GLU F 50 21.33 -26.94 68.70
CA GLU F 50 21.63 -27.70 69.92
C GLU F 50 20.72 -28.92 70.03
N ASP F 51 19.41 -28.74 69.81
CA ASP F 51 18.52 -29.90 69.83
C ASP F 51 18.90 -30.92 68.75
N TYR F 52 19.27 -30.45 67.54
CA TYR F 52 19.66 -31.39 66.49
C TYR F 52 20.90 -32.20 66.88
N GLN F 53 21.91 -31.52 67.46
CA GLN F 53 23.13 -32.22 67.86
C GLN F 53 22.90 -33.16 69.05
N ALA F 54 21.87 -32.91 69.87
CA ALA F 54 21.53 -33.85 70.92
C ALA F 54 20.59 -34.96 70.45
N ASN F 55 20.23 -34.99 69.16
CA ASN F 55 19.32 -35.98 68.56
C ASN F 55 17.92 -35.85 69.13
N ARG F 56 17.62 -34.65 69.63
CA ARG F 56 16.35 -34.28 70.26
C ARG F 56 15.35 -33.76 69.23
N LYS F 57 15.14 -34.54 68.17
CA LYS F 57 14.31 -34.10 67.06
C LYS F 57 13.35 -35.19 66.57
HG HG G . -19.75 3.52 -30.42
HG HG H . -25.80 4.50 -33.54
HG HG I . -22.10 19.10 -28.91
HG HG J . -37.72 2.97 -41.23
NA NA K . -22.09 8.98 18.50
NA NA L . -11.72 4.94 3.85
HG HG M . 3.21 4.78 -3.19
HG HG N . -14.15 6.99 7.25
HG HG O . 3.93 -7.23 2.67
HG HG P . -21.32 -20.54 14.77
HG HG Q . -19.16 -22.61 16.81
HG HG R . -16.77 -17.16 7.24
HG HG S . 22.03 1.81 -3.45
HG HG T . -18.96 -17.43 34.80
NA NA U . 24.18 25.51 -74.33
HG HG V . 22.23 26.87 -27.15
HG HG W . 25.39 26.52 -29.21
HG HG X . 9.32 31.98 -55.04
HG HG Y . -2.58 33.55 -72.49
HG HG Z . 14.67 28.52 -66.72
HG HG AA . 24.90 15.59 -58.96
HG HG BA . 24.78 30.47 -37.57
HG HG CA . 15.75 10.14 -21.23
NA NA DA . -8.20 -33.58 53.21
HG HG EA . 15.07 -12.34 48.72
HG HG FA . 21.93 -11.57 48.65
HG HG GA . 19.60 -23.98 38.78
HG HG HA . 35.25 -6.98 50.33
#